data_5YJ1
#
_entry.id   5YJ1
#
_cell.length_a   201.615
_cell.length_b   201.615
_cell.length_c   123.572
_cell.angle_alpha   90.00
_cell.angle_beta   90.00
_cell.angle_gamma   120.00
#
_symmetry.space_group_name_H-M   'H 3'
#
loop_
_entity.id
_entity.type
_entity.pdbx_description
1 polymer 'Protein cereblon'
2 non-polymer 2-[(3~{R})-2,6-bis(oxidanylidene)piperidin-3-yl]isoindole-1,3-dione
3 non-polymer 'ZINC ION'
4 non-polymer 'SULFATE ION'
5 water water
#
_entity_poly.entity_id   1
_entity_poly.type   'polypeptide(L)'
_entity_poly.pdbx_seq_one_letter_code
;GPTSLCCKQCQETEITTKNEIFSLSLCGPMAAYVNPHGYVHETLTVYKASNLNLIGRPSTVHSWFPGYAWTIAQCKICAS
HIGWKFTATKKDMSPQKFWGLTRSALLPTIP
;
_entity_poly.pdbx_strand_id   A,D,G,J,M,P,S,V,Y,b,e,h,k,n,q,t
#
# COMPACT_ATOMS: atom_id res chain seq x y z
N PRO A 2 -17.62 51.76 13.07
CA PRO A 2 -17.91 52.12 14.45
C PRO A 2 -16.67 52.62 15.19
N THR A 3 -15.51 52.04 14.87
CA THR A 3 -14.24 52.71 15.08
C THR A 3 -13.68 53.25 13.77
N SER A 4 -14.55 53.34 12.77
CA SER A 4 -14.14 53.52 11.39
C SER A 4 -14.16 55.00 11.02
N LEU A 5 -13.09 55.47 10.38
CA LEU A 5 -13.04 56.86 9.91
C LEU A 5 -12.96 56.93 8.39
N CYS A 6 -13.99 57.51 7.77
CA CYS A 6 -14.15 57.46 6.33
C CYS A 6 -14.00 58.84 5.71
N CYS A 7 -13.56 58.86 4.45
CA CYS A 7 -13.52 60.08 3.67
C CYS A 7 -14.87 60.78 3.64
N LYS A 8 -14.90 62.03 4.11
CA LYS A 8 -16.15 62.75 4.30
C LYS A 8 -16.81 63.06 2.96
N GLN A 9 -15.99 63.33 1.97
CA GLN A 9 -16.46 63.70 0.68
C GLN A 9 -17.29 62.59 0.04
N CYS A 10 -16.78 61.36 0.03
CA CYS A 10 -17.47 60.30 -0.69
C CYS A 10 -18.12 59.23 0.16
N GLN A 11 -17.60 59.04 1.35
CA GLN A 11 -18.18 58.16 2.35
C GLN A 11 -18.05 56.69 1.93
N GLU A 12 -17.42 56.46 0.79
CA GLU A 12 -17.14 55.10 0.33
C GLU A 12 -16.04 54.42 1.13
N THR A 13 -14.95 55.14 1.31
CA THR A 13 -13.70 54.50 1.75
C THR A 13 -13.51 54.70 3.26
N GLU A 14 -13.18 53.62 3.96
CA GLU A 14 -12.50 53.74 5.24
C GLU A 14 -11.04 54.17 5.06
N ILE A 15 -10.66 55.26 5.73
CA ILE A 15 -9.29 55.77 5.62
C ILE A 15 -8.43 55.26 6.79
N THR A 16 -9.01 55.22 7.98
CA THR A 16 -8.31 54.68 9.13
C THR A 16 -9.32 54.26 10.20
N THR A 17 -8.82 53.83 11.35
CA THR A 17 -9.67 53.50 12.48
C THR A 17 -9.18 54.15 13.77
N LYS A 18 -10.07 54.31 14.74
CA LYS A 18 -9.73 54.94 16.00
C LYS A 18 -8.62 54.15 16.70
N ASN A 19 -8.45 52.89 16.31
CA ASN A 19 -7.45 52.03 16.91
C ASN A 19 -6.04 52.44 16.53
N GLU A 20 -5.91 53.09 15.38
CA GLU A 20 -4.59 53.43 14.84
C GLU A 20 -4.06 54.76 15.38
N ILE A 21 -4.92 55.49 16.11
CA ILE A 21 -4.59 56.83 16.59
C ILE A 21 -3.46 56.77 17.62
N PHE A 22 -2.45 57.62 17.44
CA PHE A 22 -1.44 57.85 18.47
C PHE A 22 -1.03 59.31 18.50
N SER A 23 -0.22 59.70 19.49
CA SER A 23 0.19 61.09 19.64
C SER A 23 1.70 61.28 19.58
N LEU A 24 2.13 62.13 18.65
CA LEU A 24 3.52 62.62 18.60
C LEU A 24 3.72 63.88 19.45
N SER A 25 2.62 64.53 19.83
CA SER A 25 2.69 65.80 20.54
C SER A 25 3.05 65.57 22.02
N LEU A 26 3.84 66.48 22.58
CA LEU A 26 4.43 66.27 23.90
C LEU A 26 3.46 66.72 25.00
N CYS A 27 3.42 65.94 26.07
CA CYS A 27 2.33 66.04 27.06
C CYS A 27 2.73 66.92 28.25
N GLY A 28 3.95 67.46 28.21
CA GLY A 28 4.47 68.27 29.30
C GLY A 28 4.93 69.64 28.86
N PRO A 29 5.69 70.34 29.72
CA PRO A 29 6.17 71.68 29.42
C PRO A 29 7.29 71.65 28.38
N HIS A 41 -6.45 68.32 18.94
CA HIS A 41 -5.91 69.25 17.95
C HIS A 41 -6.50 68.98 16.58
N GLU A 42 -6.00 69.69 15.58
CA GLU A 42 -6.64 69.71 14.26
C GLU A 42 -6.13 68.58 13.36
N THR A 43 -4.98 68.01 13.73
CA THR A 43 -4.35 66.98 12.90
C THR A 43 -4.28 65.66 13.64
N LEU A 44 -4.79 64.63 12.98
CA LEU A 44 -4.90 63.31 13.58
C LEU A 44 -3.75 62.45 13.07
N THR A 45 -2.96 61.91 13.98
CA THR A 45 -1.85 61.06 13.58
C THR A 45 -2.16 59.59 13.85
N VAL A 46 -2.06 58.78 12.81
CA VAL A 46 -2.33 57.36 12.93
C VAL A 46 -1.17 56.53 12.37
N TYR A 47 -0.99 55.35 12.94
CA TYR A 47 0.07 54.45 12.51
C TYR A 47 -0.18 53.91 11.11
N LYS A 48 -1.45 53.71 10.80
CA LYS A 48 -1.86 52.95 9.62
C LYS A 48 -3.11 53.56 8.99
N ALA A 49 -3.16 53.55 7.67
CA ALA A 49 -4.29 54.11 6.94
C ALA A 49 -4.51 53.28 5.68
N SER A 50 -5.68 53.46 5.06
CA SER A 50 -6.07 52.67 3.91
C SER A 50 -6.65 53.57 2.83
N ASN A 51 -6.57 53.14 1.58
CA ASN A 51 -7.42 53.68 0.54
C ASN A 51 -6.99 55.10 0.15
N LEU A 52 -5.74 55.42 0.44
CA LEU A 52 -5.16 56.69 0.05
C LEU A 52 -4.14 56.47 -1.06
N ASN A 53 -4.23 57.28 -2.11
CA ASN A 53 -3.17 57.33 -3.12
C ASN A 53 -2.19 58.46 -2.85
N LEU A 54 -0.91 58.14 -2.95
CA LEU A 54 0.15 59.14 -2.75
C LEU A 54 0.41 59.89 -4.05
N ILE A 55 0.63 61.20 -3.93
CA ILE A 55 1.00 62.02 -5.07
C ILE A 55 2.42 62.55 -4.93
N GLY A 56 3.24 62.34 -5.95
CA GLY A 56 4.54 62.99 -6.04
C GLY A 56 5.56 62.35 -5.12
N ARG A 57 6.65 63.07 -4.86
CA ARG A 57 7.73 62.56 -4.03
C ARG A 57 7.69 63.21 -2.65
N PRO A 58 8.41 62.62 -1.68
CA PRO A 58 8.42 63.23 -0.36
C PRO A 58 9.17 64.55 -0.35
N SER A 59 8.72 65.48 0.48
CA SER A 59 9.42 66.75 0.68
C SER A 59 9.53 67.04 2.17
N THR A 60 10.59 67.72 2.58
CA THR A 60 10.73 68.17 3.96
C THR A 60 10.37 69.64 4.16
N VAL A 61 10.06 70.34 3.06
CA VAL A 61 9.74 71.77 3.13
C VAL A 61 8.55 72.02 4.07
N HIS A 62 8.76 72.87 5.07
CA HIS A 62 7.69 73.29 5.98
C HIS A 62 7.07 72.14 6.76
N SER A 63 7.81 71.04 6.90
CA SER A 63 7.29 69.86 7.60
C SER A 63 6.81 70.21 9.00
N TRP A 64 5.60 69.75 9.33
CA TRP A 64 5.02 69.97 10.66
C TRP A 64 5.60 69.03 11.72
N PHE A 65 6.31 68.01 11.27
CA PHE A 65 6.94 67.06 12.20
C PHE A 65 8.42 66.91 11.89
N PRO A 66 9.25 67.76 12.54
CA PRO A 66 10.65 67.87 12.17
C PRO A 66 11.33 66.51 12.18
N GLY A 67 11.99 66.17 11.07
CA GLY A 67 12.63 64.88 10.93
C GLY A 67 11.89 63.98 9.97
N TYR A 68 10.64 64.35 9.66
CA TYR A 68 9.85 63.64 8.66
C TYR A 68 9.67 64.47 7.39
N ALA A 69 9.60 63.77 6.26
CA ALA A 69 9.12 64.36 5.01
C ALA A 69 7.66 64.00 4.81
N TRP A 70 6.99 64.73 3.93
CA TRP A 70 5.57 64.50 3.67
C TRP A 70 5.30 64.20 2.20
N THR A 71 4.33 63.32 1.97
CA THR A 71 3.80 63.08 0.65
C THR A 71 2.28 63.23 0.68
N ILE A 72 1.75 64.04 -0.23
CA ILE A 72 0.31 64.25 -0.29
C ILE A 72 -0.45 62.93 -0.45
N ALA A 73 -1.50 62.77 0.34
CA ALA A 73 -2.34 61.57 0.28
C ALA A 73 -3.80 61.95 0.04
N GLN A 74 -4.37 61.42 -1.03
CA GLN A 74 -5.78 61.63 -1.31
C GLN A 74 -6.55 60.32 -1.41
N CYS A 75 -7.82 60.37 -1.04
CA CYS A 75 -8.73 59.26 -1.25
C CYS A 75 -8.66 58.72 -2.69
N LYS A 76 -8.59 57.40 -2.81
CA LYS A 76 -8.34 56.78 -4.11
C LYS A 76 -9.58 56.87 -4.99
N ILE A 77 -10.72 57.11 -4.36
CA ILE A 77 -12.01 57.10 -5.06
C ILE A 77 -12.37 58.49 -5.61
N CYS A 78 -12.39 59.49 -4.73
CA CYS A 78 -12.87 60.82 -5.10
C CYS A 78 -11.76 61.87 -5.19
N ALA A 79 -10.54 61.49 -4.78
CA ALA A 79 -9.39 62.38 -4.91
C ALA A 79 -9.34 63.51 -3.88
N SER A 80 -10.23 63.46 -2.89
CA SER A 80 -10.19 64.42 -1.79
C SER A 80 -8.86 64.37 -1.05
N HIS A 81 -8.29 65.55 -0.78
CA HIS A 81 -7.05 65.67 -0.04
C HIS A 81 -7.27 65.45 1.45
N ILE A 82 -6.97 64.26 1.93
CA ILE A 82 -7.31 63.90 3.30
C ILE A 82 -6.17 64.16 4.27
N GLY A 83 -4.93 64.10 3.77
CA GLY A 83 -3.76 64.39 4.61
C GLY A 83 -2.44 64.11 3.91
N TRP A 84 -1.50 63.51 4.66
CA TRP A 84 -0.15 63.25 4.17
C TRP A 84 0.40 61.96 4.76
N LYS A 85 1.27 61.30 3.99
CA LYS A 85 2.15 60.30 4.57
C LYS A 85 3.44 60.96 5.03
N PHE A 86 3.77 60.78 6.30
CA PHE A 86 5.04 61.27 6.85
C PHE A 86 6.08 60.15 6.95
N THR A 87 7.24 60.37 6.35
CA THR A 87 8.31 59.36 6.32
C THR A 87 9.60 59.90 6.96
N ALA A 88 10.23 59.07 7.78
CA ALA A 88 11.39 59.50 8.57
C ALA A 88 12.61 59.74 7.68
N THR A 89 13.38 60.78 8.01
CA THR A 89 14.58 61.09 7.25
C THR A 89 15.78 60.30 7.76
N LYS A 90 15.66 59.78 8.99
CA LYS A 90 16.74 59.05 9.63
C LYS A 90 16.29 57.68 10.12
N LYS A 91 17.23 56.74 10.20
CA LYS A 91 16.90 55.35 10.48
C LYS A 91 16.56 55.12 11.95
N ASP A 92 17.01 56.03 12.81
CA ASP A 92 16.94 55.79 14.25
C ASP A 92 15.64 56.31 14.85
N MET A 93 14.78 56.86 14.01
CA MET A 93 13.49 57.40 14.46
C MET A 93 12.42 56.32 14.53
N SER A 94 11.47 56.49 15.45
CA SER A 94 10.21 55.73 15.42
C SER A 94 9.01 56.66 15.55
N PRO A 95 7.91 56.35 14.84
CA PRO A 95 7.89 55.34 13.80
C PRO A 95 8.61 55.84 12.55
N GLN A 96 8.99 54.91 11.68
CA GLN A 96 9.64 55.28 10.43
C GLN A 96 8.67 55.93 9.45
N LYS A 97 7.37 55.75 9.72
CA LYS A 97 6.33 56.37 8.91
C LYS A 97 5.02 56.43 9.69
N PHE A 98 4.20 57.42 9.35
CA PHE A 98 2.83 57.49 9.87
C PHE A 98 1.99 58.40 8.97
N TRP A 99 0.71 58.56 9.31
CA TRP A 99 -0.18 59.41 8.54
C TRP A 99 -0.66 60.58 9.37
N GLY A 100 -0.56 61.79 8.80
CA GLY A 100 -1.19 62.96 9.40
C GLY A 100 -2.42 63.37 8.61
N LEU A 101 -3.58 63.24 9.24
CA LEU A 101 -4.84 63.37 8.52
C LEU A 101 -5.63 64.59 9.00
N THR A 102 -6.15 65.36 8.06
CA THR A 102 -7.03 66.48 8.38
C THR A 102 -8.35 65.96 8.94
N ARG A 103 -8.63 66.28 10.20
CA ARG A 103 -9.80 65.72 10.87
C ARG A 103 -11.11 66.06 10.16
N SER A 104 -11.17 67.25 9.59
CA SER A 104 -12.41 67.78 9.02
C SER A 104 -12.67 67.09 7.68
N ALA A 105 -11.65 66.42 7.16
CA ALA A 105 -11.78 65.66 5.92
C ALA A 105 -12.24 64.23 6.18
N LEU A 106 -12.62 63.95 7.42
CA LEU A 106 -12.99 62.59 7.81
C LEU A 106 -14.35 62.58 8.50
N LEU A 107 -15.02 61.43 8.42
CA LEU A 107 -16.28 61.23 9.13
C LEU A 107 -16.16 59.99 10.03
N PRO A 108 -16.60 60.12 11.30
CA PRO A 108 -17.09 61.36 11.90
C PRO A 108 -15.97 62.36 12.14
N PRO B 2 -5.31 57.86 27.62
CA PRO B 2 -6.34 56.92 28.05
C PRO B 2 -6.13 55.51 27.52
N THR B 3 -5.77 55.39 26.25
CA THR B 3 -5.12 54.19 25.75
C THR B 3 -3.60 54.37 25.73
N SER B 4 -3.16 55.49 26.27
CA SER B 4 -1.82 56.00 25.99
C SER B 4 -0.83 55.50 27.03
N LEU B 5 0.33 55.03 26.55
CA LEU B 5 1.41 54.60 27.45
C LEU B 5 2.64 55.47 27.27
N CYS B 6 3.05 56.14 28.33
CA CYS B 6 4.13 57.13 28.24
C CYS B 6 5.31 56.73 29.12
N CYS B 7 6.51 57.09 28.69
CA CYS B 7 7.71 56.74 29.43
C CYS B 7 7.62 57.30 30.83
N LYS B 8 7.89 56.50 31.82
CA LYS B 8 7.69 56.89 33.19
C LYS B 8 8.61 58.04 33.62
N GLN B 9 9.84 58.02 33.15
CA GLN B 9 10.79 59.00 33.55
C GLN B 9 10.40 60.41 33.12
N CYS B 10 10.32 60.65 31.82
CA CYS B 10 9.92 61.97 31.32
C CYS B 10 8.46 62.25 31.56
N GLN B 11 7.58 61.30 31.28
CA GLN B 11 6.12 61.48 31.40
C GLN B 11 5.49 62.31 30.29
N GLU B 12 6.28 62.65 29.32
CA GLU B 12 5.86 63.64 28.33
C GLU B 12 5.56 63.00 26.99
N THR B 13 6.30 61.93 26.67
CA THR B 13 6.13 61.24 25.42
C THR B 13 5.20 60.05 25.53
N GLU B 14 4.23 59.96 24.62
CA GLU B 14 3.61 58.68 24.32
C GLU B 14 4.59 57.75 23.61
N ILE B 15 4.75 56.54 24.13
CA ILE B 15 5.63 55.54 23.53
C ILE B 15 4.82 54.53 22.70
N THR B 16 3.69 54.10 23.26
CA THR B 16 2.77 53.27 22.51
C THR B 16 1.34 53.44 23.03
N THR B 17 0.40 52.66 22.50
CA THR B 17 -0.97 52.64 23.00
C THR B 17 -1.43 51.22 23.26
N LYS B 18 -2.42 51.07 24.13
CA LYS B 18 -2.96 49.76 24.47
C LYS B 18 -3.45 49.04 23.21
N ASN B 19 -3.67 49.81 22.15
CA ASN B 19 -4.24 49.26 20.92
C ASN B 19 -3.22 48.45 20.15
N GLU B 20 -1.95 48.73 20.40
CA GLU B 20 -0.86 48.11 19.64
C GLU B 20 -0.38 46.81 20.28
N ILE B 21 -0.87 46.53 21.48
CA ILE B 21 -0.46 45.34 22.23
C ILE B 21 -0.86 44.06 21.49
N PHE B 22 0.08 43.11 21.40
CA PHE B 22 -0.26 41.76 20.99
C PHE B 22 0.65 40.76 21.71
N SER B 23 0.41 39.47 21.52
CA SER B 23 1.16 38.44 22.24
C SER B 23 1.90 37.48 21.31
N LEU B 24 3.21 37.37 21.52
CA LEU B 24 4.03 36.35 20.86
C LEU B 24 4.14 35.07 21.68
N SER B 25 3.67 35.11 22.93
CA SER B 25 3.80 33.96 23.82
C SER B 25 2.68 32.94 23.60
N LEU B 26 3.03 31.67 23.70
CA LEU B 26 2.12 30.60 23.32
C LEU B 26 1.12 30.31 24.45
N CYS B 27 -0.14 30.07 24.07
CA CYS B 27 -1.23 30.05 25.03
C CYS B 27 -1.62 28.62 25.44
N GLY B 28 -0.70 27.68 25.20
CA GLY B 28 -0.93 26.29 25.57
C GLY B 28 0.33 25.60 26.06
N PRO B 29 0.31 24.25 26.09
CA PRO B 29 1.47 23.49 26.55
C PRO B 29 2.62 23.58 25.56
N HIS B 41 3.25 38.03 32.29
CA HIS B 41 4.59 38.46 31.94
C HIS B 41 4.81 39.94 32.26
N GLU B 42 6.05 40.39 32.10
CA GLU B 42 6.40 41.78 32.41
C GLU B 42 7.16 42.46 31.28
N THR B 43 7.20 41.81 30.11
CA THR B 43 7.56 42.49 28.88
C THR B 43 6.39 42.60 27.93
N LEU B 44 6.15 43.83 27.48
CA LEU B 44 4.97 44.14 26.68
C LEU B 44 5.40 44.23 25.22
N THR B 45 4.75 43.45 24.37
CA THR B 45 5.08 43.47 22.95
C THR B 45 4.00 44.21 22.16
N VAL B 46 4.42 45.19 21.38
CA VAL B 46 3.49 46.00 20.60
C VAL B 46 3.93 46.06 19.16
N TYR B 47 2.95 46.18 18.26
CA TYR B 47 3.23 46.27 16.83
C TYR B 47 3.93 47.57 16.47
N LYS B 48 3.58 48.64 17.18
CA LYS B 48 3.97 49.99 16.79
C LYS B 48 4.31 50.79 18.05
N ALA B 49 5.28 51.67 17.92
CA ALA B 49 5.68 52.54 19.03
C ALA B 49 6.11 53.88 18.45
N SER B 50 6.24 54.87 19.32
CA SER B 50 6.61 56.22 18.88
C SER B 50 7.67 56.79 19.81
N ASN B 51 8.46 57.74 19.29
CA ASN B 51 9.21 58.64 20.15
C ASN B 51 10.39 57.95 20.78
N LEU B 52 10.78 56.82 20.20
CA LEU B 52 11.94 56.08 20.66
C LEU B 52 13.11 56.29 19.70
N ASN B 53 14.30 56.46 20.27
CA ASN B 53 15.53 56.51 19.49
C ASN B 53 16.28 55.17 19.55
N LEU B 54 16.73 54.71 18.40
CA LEU B 54 17.45 53.45 18.32
C LEU B 54 18.95 53.67 18.50
N ILE B 55 19.57 52.83 19.32
CA ILE B 55 21.01 52.89 19.57
C ILE B 55 21.73 51.73 18.89
N GLY B 56 22.73 52.05 18.08
CA GLY B 56 23.60 51.03 17.49
C GLY B 56 22.88 50.14 16.51
N ARG B 57 23.40 48.92 16.34
CA ARG B 57 22.92 48.02 15.30
C ARG B 57 22.29 46.77 15.91
N PRO B 58 21.45 46.07 15.11
CA PRO B 58 20.77 44.91 15.65
C PRO B 58 21.75 43.83 16.08
N SER B 59 21.40 43.10 17.15
CA SER B 59 22.18 41.94 17.58
C SER B 59 21.21 40.81 17.91
N THR B 60 21.64 39.57 17.66
CA THR B 60 20.86 38.40 18.05
C THR B 60 21.35 37.76 19.36
N VAL B 61 22.42 38.32 19.93
CA VAL B 61 22.98 37.76 21.17
C VAL B 61 21.94 37.75 22.29
N HIS B 62 21.69 36.57 22.84
CA HIS B 62 20.76 36.40 23.96
C HIS B 62 19.34 36.87 23.66
N SER B 63 18.97 36.89 22.40
CA SER B 63 17.64 37.34 21.99
C SER B 63 16.54 36.58 22.75
N TRP B 64 15.63 37.33 23.36
CA TRP B 64 14.49 36.75 24.06
C TRP B 64 13.43 36.18 23.11
N PHE B 65 13.49 36.58 21.85
CA PHE B 65 12.56 36.07 20.85
C PHE B 65 13.30 35.43 19.68
N PRO B 66 13.55 34.12 19.76
CA PRO B 66 14.45 33.48 18.80
C PRO B 66 13.97 33.70 17.37
N GLY B 67 14.88 34.15 16.52
CA GLY B 67 14.53 34.51 15.15
C GLY B 67 14.61 36.02 14.93
N TYR B 68 14.59 36.77 16.02
CA TYR B 68 14.67 38.23 15.96
C TYR B 68 15.99 38.73 16.53
N ALA B 69 16.49 39.82 15.95
CA ALA B 69 17.54 40.61 16.58
C ALA B 69 16.94 41.80 17.32
N TRP B 70 17.71 42.37 18.25
CA TRP B 70 17.25 43.50 19.05
C TRP B 70 18.11 44.73 18.83
N THR B 71 17.48 45.89 18.89
CA THR B 71 18.18 47.17 18.93
C THR B 71 17.66 47.99 20.11
N ILE B 72 18.57 48.46 20.96
CA ILE B 72 18.20 49.27 22.10
C ILE B 72 17.33 50.47 21.70
N ALA B 73 16.23 50.66 22.40
CA ALA B 73 15.34 51.79 22.15
C ALA B 73 15.20 52.66 23.39
N GLN B 74 15.54 53.94 23.26
CA GLN B 74 15.39 54.87 24.38
C GLN B 74 14.48 56.04 24.03
N CYS B 75 13.78 56.56 25.04
CA CYS B 75 12.96 57.74 24.85
C CYS B 75 13.77 58.92 24.30
N LYS B 76 13.23 59.59 23.28
CA LYS B 76 14.01 60.56 22.53
C LYS B 76 14.25 61.82 23.35
N ILE B 77 13.49 61.98 24.42
CA ILE B 77 13.50 63.21 25.22
C ILE B 77 14.47 63.12 26.39
N CYS B 78 14.36 62.03 27.16
CA CYS B 78 15.10 61.91 28.40
C CYS B 78 16.11 60.75 28.37
N ALA B 79 16.10 59.99 27.28
CA ALA B 79 17.11 58.95 27.04
C ALA B 79 16.91 57.71 27.92
N SER B 80 15.79 57.65 28.62
CA SER B 80 15.43 56.45 29.39
C SER B 80 15.34 55.21 28.50
N HIS B 81 15.84 54.08 29.03
CA HIS B 81 15.82 52.83 28.28
C HIS B 81 14.48 52.12 28.43
N ILE B 82 13.61 52.29 27.45
CA ILE B 82 12.25 51.79 27.55
C ILE B 82 12.16 50.31 27.16
N GLY B 83 12.94 49.92 26.15
CA GLY B 83 12.86 48.56 25.62
C GLY B 83 13.75 48.34 24.41
N TRP B 84 13.24 47.56 23.44
CA TRP B 84 14.00 47.18 22.25
C TRP B 84 13.09 47.15 21.02
N LYS B 85 13.65 47.50 19.87
CA LYS B 85 13.08 47.10 18.60
C LYS B 85 13.57 45.71 18.21
N PHE B 86 12.64 44.82 17.92
CA PHE B 86 12.98 43.47 17.47
C PHE B 86 12.72 43.33 15.98
N THR B 87 13.73 42.86 15.25
CA THR B 87 13.64 42.74 13.79
C THR B 87 13.95 41.33 13.31
N ALA B 88 13.13 40.83 12.38
CA ALA B 88 13.20 39.42 11.97
C ALA B 88 14.50 39.13 11.22
N THR B 89 15.06 37.96 11.46
CA THR B 89 16.25 37.52 10.74
C THR B 89 15.88 36.85 9.42
N LYS B 90 14.62 36.45 9.29
CA LYS B 90 14.15 35.73 8.10
C LYS B 90 12.90 36.40 7.52
N LYS B 91 12.75 36.30 6.21
CA LYS B 91 11.71 37.06 5.51
C LYS B 91 10.33 36.39 5.61
N ASP B 92 10.30 35.14 6.07
CA ASP B 92 9.05 34.40 6.14
C ASP B 92 8.34 34.56 7.49
N MET B 93 8.96 35.26 8.42
CA MET B 93 8.38 35.48 9.75
C MET B 93 7.36 36.63 9.70
N SER B 94 6.37 36.57 10.58
CA SER B 94 5.57 37.73 10.95
C SER B 94 5.48 37.87 12.46
N PRO B 95 5.43 39.12 12.95
CA PRO B 95 5.72 40.32 12.16
C PRO B 95 7.20 40.41 11.86
N GLN B 96 7.54 41.21 10.84
CA GLN B 96 8.93 41.42 10.48
C GLN B 96 9.63 42.30 11.50
N LYS B 97 8.82 42.99 12.31
CA LYS B 97 9.30 43.93 13.32
C LYS B 97 8.26 44.03 14.43
N PHE B 98 8.72 44.24 15.66
CA PHE B 98 7.85 44.70 16.75
C PHE B 98 8.68 45.34 17.86
N TRP B 99 8.00 45.81 18.90
CA TRP B 99 8.68 46.41 20.04
C TRP B 99 8.44 45.60 21.30
N GLY B 100 9.52 45.28 22.00
CA GLY B 100 9.44 44.72 23.34
C GLY B 100 9.81 45.75 24.38
N LEU B 101 8.82 46.14 25.19
CA LEU B 101 8.96 47.28 26.08
C LEU B 101 8.91 46.85 27.54
N THR B 102 9.82 47.38 28.35
CA THR B 102 9.81 47.12 29.78
C THR B 102 8.64 47.81 30.46
N ARG B 103 7.70 47.01 30.96
CA ARG B 103 6.46 47.55 31.52
C ARG B 103 6.71 48.66 32.54
N SER B 104 7.70 48.43 33.40
CA SER B 104 7.91 49.27 34.58
C SER B 104 8.44 50.62 34.14
N ALA B 105 8.92 50.66 32.89
CA ALA B 105 9.43 51.89 32.31
C ALA B 105 8.33 52.72 31.63
N LEU B 106 7.08 52.31 31.83
CA LEU B 106 5.95 53.02 31.22
C LEU B 106 4.91 53.40 32.27
N LEU B 107 4.15 54.47 32.00
CA LEU B 107 2.92 54.76 32.74
C LEU B 107 1.71 54.74 31.82
N PRO B 108 0.59 54.16 32.30
CA PRO B 108 0.52 53.44 33.57
C PRO B 108 1.16 52.05 33.46
N GLY C 1 -5.88 38.33 25.41
CA GLY C 1 -7.04 38.99 26.08
C GLY C 1 -8.35 38.74 25.34
N PRO C 2 -9.40 39.48 25.73
CA PRO C 2 -10.71 39.36 25.08
C PRO C 2 -10.72 39.98 23.68
N THR C 3 -9.57 40.43 23.21
CA THR C 3 -9.46 41.05 21.88
C THR C 3 -8.57 40.22 20.95
N SER C 4 -8.23 39.01 21.40
CA SER C 4 -7.18 38.23 20.77
C SER C 4 -7.78 37.18 19.85
N LEU C 5 -7.20 37.02 18.66
CA LEU C 5 -7.71 36.06 17.69
C LEU C 5 -6.66 34.99 17.38
N CYS C 6 -6.95 33.76 17.77
CA CYS C 6 -5.95 32.70 17.74
C CYS C 6 -6.28 31.64 16.69
N CYS C 7 -5.25 30.95 16.23
CA CYS C 7 -5.40 29.84 15.30
C CYS C 7 -6.32 28.78 15.89
N LYS C 8 -7.40 28.49 15.18
CA LYS C 8 -8.43 27.60 15.70
C LYS C 8 -7.92 26.16 15.82
N GLN C 9 -7.11 25.74 14.86
CA GLN C 9 -6.54 24.40 14.89
C GLN C 9 -5.86 24.09 16.21
N CYS C 10 -4.83 24.86 16.56
CA CYS C 10 -3.97 24.52 17.69
C CYS C 10 -4.20 25.39 18.92
N GLN C 11 -4.79 26.56 18.71
CA GLN C 11 -5.20 27.43 19.82
C GLN C 11 -4.03 27.96 20.64
N GLU C 12 -2.81 27.73 20.17
CA GLU C 12 -1.62 28.13 20.90
C GLU C 12 -1.17 29.55 20.52
N THR C 13 -1.33 29.89 19.25
CA THR C 13 -0.81 31.16 18.73
C THR C 13 -1.90 32.22 18.62
N GLU C 14 -1.61 33.43 19.11
CA GLU C 14 -2.30 34.62 18.64
C GLU C 14 -1.87 35.00 17.22
N ILE C 15 -2.84 35.14 16.33
CA ILE C 15 -2.56 35.52 14.95
C ILE C 15 -2.76 37.03 14.74
N THR C 16 -3.82 37.58 15.31
CA THR C 16 -4.02 39.02 15.28
C THR C 16 -4.91 39.47 16.44
N THR C 17 -5.29 40.73 16.44
CA THR C 17 -6.22 41.25 17.44
C THR C 17 -7.32 42.07 16.79
N LYS C 18 -8.43 42.22 17.51
CA LYS C 18 -9.55 43.01 17.01
C LYS C 18 -9.14 44.45 16.71
N ASN C 19 -8.02 44.87 17.29
CA ASN C 19 -7.56 46.24 17.13
C ASN C 19 -7.00 46.50 15.74
N GLU C 20 -6.54 45.43 15.09
CA GLU C 20 -5.84 45.55 13.82
C GLU C 20 -6.81 45.52 12.65
N ILE C 21 -8.06 45.17 12.93
CA ILE C 21 -9.08 45.02 11.90
C ILE C 21 -9.30 46.35 11.17
N PHE C 22 -9.26 46.31 9.84
CA PHE C 22 -9.77 47.41 9.03
C PHE C 22 -10.51 46.87 7.81
N SER C 23 -11.14 47.77 7.05
CA SER C 23 -11.94 47.36 5.91
C SER C 23 -11.51 48.05 4.62
N LEU C 24 -11.21 47.24 3.60
CA LEU C 24 -10.96 47.75 2.25
C LEU C 24 -12.24 47.77 1.40
N SER C 25 -13.30 47.15 1.90
CA SER C 25 -14.54 47.04 1.14
C SER C 25 -15.31 48.36 1.16
N LEU C 26 -16.02 48.64 0.07
CA LEU C 26 -16.55 49.98 -0.16
C LEU C 26 -17.96 50.10 0.40
N CYS C 27 -18.24 51.23 1.06
CA CYS C 27 -19.40 51.34 1.93
C CYS C 27 -20.57 52.03 1.24
N GLY C 28 -20.43 52.27 -0.06
CA GLY C 28 -21.54 52.75 -0.89
C GLY C 28 -21.79 51.86 -2.09
N PRO C 29 -22.49 52.41 -3.10
CA PRO C 29 -23.02 51.62 -4.22
C PRO C 29 -21.92 50.80 -4.91
N MET C 30 -22.06 49.47 -4.87
CA MET C 30 -20.93 48.56 -4.95
C MET C 30 -19.63 49.23 -4.50
N HIS C 41 -18.31 39.92 6.61
CA HIS C 41 -18.02 39.03 5.49
C HIS C 41 -17.07 37.91 5.92
N GLU C 42 -16.64 37.09 4.96
CA GLU C 42 -15.94 35.85 5.28
C GLU C 42 -14.43 36.04 5.40
N THR C 43 -13.94 37.21 4.98
CA THR C 43 -12.52 37.49 5.00
C THR C 43 -12.20 38.73 5.84
N LEU C 44 -11.37 38.51 6.85
CA LEU C 44 -11.01 39.57 7.78
C LEU C 44 -9.71 40.19 7.30
N THR C 45 -9.71 41.51 7.17
CA THR C 45 -8.49 42.21 6.78
C THR C 45 -7.91 42.97 7.96
N VAL C 46 -6.65 42.69 8.28
CA VAL C 46 -5.98 43.35 9.39
C VAL C 46 -4.64 43.95 8.95
N TYR C 47 -4.26 45.03 9.62
CA TYR C 47 -3.01 45.72 9.31
C TYR C 47 -1.81 44.87 9.72
N LYS C 48 -1.96 44.14 10.81
CA LYS C 48 -0.83 43.49 11.47
C LYS C 48 -1.24 42.09 11.93
N ALA C 49 -0.34 41.12 11.75
CA ALA C 49 -0.58 39.77 12.23
C ALA C 49 0.70 39.23 12.83
N SER C 50 0.61 38.08 13.50
CA SER C 50 1.76 37.48 14.17
C SER C 50 1.73 35.96 13.96
N ASN C 51 2.89 35.33 14.10
CA ASN C 51 2.95 33.88 14.27
C ASN C 51 2.53 33.17 13.00
N LEU C 52 2.62 33.87 11.88
CA LEU C 52 2.33 33.29 10.58
C LEU C 52 3.63 33.07 9.82
N ASN C 53 3.74 31.92 9.18
CA ASN C 53 4.82 31.64 8.26
C ASN C 53 4.40 31.81 6.81
N LEU C 54 5.21 32.55 6.05
CA LEU C 54 4.95 32.76 4.65
C LEU C 54 5.55 31.62 3.83
N ILE C 55 4.78 31.16 2.84
CA ILE C 55 5.24 30.09 1.95
C ILE C 55 5.23 30.55 0.49
N GLY C 56 6.39 30.48 -0.14
CA GLY C 56 6.49 30.73 -1.57
C GLY C 56 6.65 32.20 -1.92
N ARG C 57 6.43 32.53 -3.19
CA ARG C 57 6.56 33.90 -3.67
C ARG C 57 5.19 34.55 -3.78
N PRO C 58 5.14 35.88 -3.78
CA PRO C 58 3.88 36.57 -4.05
C PRO C 58 3.38 36.29 -5.46
N SER C 59 2.06 36.23 -5.62
CA SER C 59 1.45 36.05 -6.93
C SER C 59 0.24 36.97 -7.04
N THR C 60 -0.03 37.48 -8.25
CA THR C 60 -1.22 38.31 -8.47
C THR C 60 -2.38 37.52 -9.08
N VAL C 61 -2.16 36.24 -9.35
CA VAL C 61 -3.18 35.42 -10.00
C VAL C 61 -4.46 35.35 -9.16
N HIS C 62 -5.58 35.76 -9.75
CA HIS C 62 -6.89 35.69 -9.09
C HIS C 62 -6.94 36.48 -7.79
N SER C 63 -6.12 37.51 -7.69
CA SER C 63 -6.10 38.34 -6.48
C SER C 63 -7.48 38.89 -6.14
N TRP C 64 -7.89 38.70 -4.89
CA TRP C 64 -9.16 39.22 -4.40
C TRP C 64 -9.13 40.72 -4.16
N PHE C 65 -7.93 41.29 -4.11
CA PHE C 65 -7.78 42.72 -3.92
C PHE C 65 -6.91 43.31 -5.04
N PRO C 66 -7.54 43.78 -6.12
CA PRO C 66 -6.79 44.21 -7.29
C PRO C 66 -5.75 45.25 -6.91
N GLY C 67 -4.52 45.04 -7.37
CA GLY C 67 -3.41 45.90 -6.97
C GLY C 67 -2.46 45.22 -6.01
N TYR C 68 -2.94 44.17 -5.35
CA TYR C 68 -2.12 43.41 -4.41
C TYR C 68 -1.80 42.00 -4.93
N ALA C 69 -0.61 41.52 -4.59
CA ALA C 69 -0.28 40.11 -4.72
C ALA C 69 -0.47 39.40 -3.38
N TRP C 70 -0.56 38.08 -3.41
CA TRP C 70 -0.78 37.30 -2.21
C TRP C 70 0.33 36.28 -1.96
N THR C 71 0.64 36.08 -0.69
CA THR C 71 1.52 35.01 -0.27
C THR C 71 0.83 34.19 0.82
N ILE C 72 0.80 32.87 0.64
CA ILE C 72 0.12 31.99 1.60
C ILE C 72 0.74 32.13 2.99
N ALA C 73 -0.12 32.25 4.00
CA ALA C 73 0.31 32.40 5.38
C ALA C 73 -0.19 31.25 6.25
N GLN C 74 0.75 30.52 6.83
CA GLN C 74 0.45 29.39 7.73
C GLN C 74 0.73 29.78 9.18
N CYS C 75 0.00 29.14 10.10
CA CYS C 75 0.39 29.14 11.50
C CYS C 75 1.72 28.43 11.72
N LYS C 76 2.63 29.09 12.42
CA LYS C 76 4.02 28.62 12.50
C LYS C 76 4.10 27.32 13.30
N ILE C 77 3.04 27.02 14.05
CA ILE C 77 3.05 25.91 14.99
C ILE C 77 2.48 24.64 14.35
N CYS C 78 1.29 24.76 13.77
CA CYS C 78 0.54 23.59 13.32
C CYS C 78 0.34 23.59 11.79
N ALA C 79 0.78 24.67 11.14
CA ALA C 79 0.81 24.73 9.67
C ALA C 79 -0.57 24.90 9.06
N SER C 80 -1.58 25.18 9.88
CA SER C 80 -2.91 25.53 9.38
C SER C 80 -2.86 26.73 8.43
N HIS C 81 -3.59 26.62 7.32
CA HIS C 81 -3.70 27.72 6.37
C HIS C 81 -4.70 28.76 6.85
N ILE C 82 -4.21 29.81 7.48
CA ILE C 82 -5.07 30.79 8.11
C ILE C 82 -5.45 31.92 7.16
N GLY C 83 -4.59 32.21 6.18
CA GLY C 83 -4.90 33.23 5.18
C GLY C 83 -3.73 33.60 4.28
N TRP C 84 -3.61 34.89 3.97
CA TRP C 84 -2.59 35.40 3.03
C TRP C 84 -2.02 36.73 3.52
N LYS C 85 -0.74 36.95 3.21
CA LYS C 85 -0.20 38.31 3.18
C LYS C 85 -0.44 38.95 1.82
N PHE C 86 -1.05 40.13 1.81
CA PHE C 86 -1.25 40.88 0.58
C PHE C 86 -0.26 42.04 0.49
N THR C 87 0.47 42.11 -0.63
CA THR C 87 1.51 43.12 -0.81
C THR C 87 1.28 43.93 -2.09
N ALA C 88 1.41 45.25 -1.97
CA ALA C 88 1.02 46.17 -3.04
C ALA C 88 1.95 46.08 -4.24
N THR C 89 1.39 46.22 -5.44
CA THR C 89 2.18 46.12 -6.66
C THR C 89 2.75 47.48 -7.04
N LYS C 90 2.17 48.53 -6.47
CA LYS C 90 2.58 49.90 -6.77
C LYS C 90 2.89 50.67 -5.48
N LYS C 91 3.78 51.67 -5.59
CA LYS C 91 4.28 52.37 -4.42
C LYS C 91 3.30 53.41 -3.89
N ASP C 92 2.33 53.78 -4.70
CA ASP C 92 1.41 54.86 -4.32
C ASP C 92 0.19 54.35 -3.56
N MET C 93 0.11 53.04 -3.34
CA MET C 93 -1.03 52.44 -2.65
C MET C 93 -0.84 52.48 -1.13
N SER C 94 -1.96 52.52 -0.41
CA SER C 94 -1.96 52.24 1.03
C SER C 94 -3.09 51.29 1.38
N PRO C 95 -2.85 50.38 2.34
CA PRO C 95 -1.52 50.11 2.87
C PRO C 95 -0.67 49.37 1.85
N GLN C 96 0.65 49.42 2.04
CA GLN C 96 1.58 48.70 1.18
C GLN C 96 1.47 47.20 1.41
N LYS C 97 0.90 46.82 2.54
CA LYS C 97 0.79 45.43 2.96
C LYS C 97 -0.35 45.30 3.97
N PHE C 98 -1.04 44.16 3.92
CA PHE C 98 -1.97 43.79 4.97
C PHE C 98 -2.19 42.28 4.98
N TRP C 99 -3.03 41.81 5.90
CA TRP C 99 -3.35 40.40 5.98
C TRP C 99 -4.82 40.14 5.70
N GLY C 100 -5.07 39.17 4.84
CA GLY C 100 -6.44 38.68 4.63
C GLY C 100 -6.60 37.31 5.22
N LEU C 101 -7.39 37.22 6.28
CA LEU C 101 -7.44 36.01 7.10
C LEU C 101 -8.82 35.36 7.02
N THR C 102 -8.84 34.05 6.82
CA THR C 102 -10.09 33.30 6.80
C THR C 102 -10.69 33.22 8.20
N ARG C 103 -11.86 33.81 8.37
CA ARG C 103 -12.44 33.97 9.71
C ARG C 103 -12.61 32.64 10.43
N SER C 104 -12.99 31.62 9.66
CA SER C 104 -13.38 30.34 10.24
C SER C 104 -12.14 29.60 10.70
N ALA C 105 -10.97 30.12 10.32
CA ALA C 105 -9.70 29.55 10.73
C ALA C 105 -9.17 30.22 12.00
N LEU C 106 -10.01 31.01 12.66
CA LEU C 106 -9.60 31.77 13.83
C LEU C 106 -10.56 31.55 14.99
N LEU C 107 -10.04 31.69 16.20
CA LEU C 107 -10.88 31.77 17.39
C LEU C 107 -10.62 33.07 18.16
N PRO C 108 -11.69 33.70 18.66
CA PRO C 108 -13.07 33.39 18.34
C PRO C 108 -13.39 33.62 16.87
N THR D 3 5.52 -3.86 -18.13
CA THR D 3 6.94 -4.19 -18.43
C THR D 3 7.36 -3.72 -19.81
N SER D 4 6.48 -3.90 -20.80
CA SER D 4 6.77 -3.58 -22.19
C SER D 4 6.91 -2.07 -22.38
N LEU D 5 7.95 -1.66 -23.08
CA LEU D 5 8.07 -0.27 -23.49
C LEU D 5 8.06 -0.13 -24.99
N CYS D 6 6.98 0.44 -25.51
CA CYS D 6 6.70 0.40 -26.94
C CYS D 6 6.95 1.77 -27.57
N CYS D 7 7.20 1.77 -28.86
CA CYS D 7 7.32 3.02 -29.60
C CYS D 7 5.99 3.76 -29.55
N LYS D 8 6.05 4.99 -29.04
CA LYS D 8 4.84 5.75 -28.76
C LYS D 8 4.07 6.01 -30.05
N GLN D 9 4.80 6.17 -31.15
CA GLN D 9 4.20 6.53 -32.44
C GLN D 9 3.34 5.40 -33.02
N CYS D 10 3.96 4.28 -33.39
CA CYS D 10 3.22 3.17 -34.01
C CYS D 10 2.54 2.25 -33.00
N GLN D 11 2.95 2.37 -31.73
CA GLN D 11 2.20 1.78 -30.61
C GLN D 11 2.48 0.30 -30.39
N GLU D 12 2.62 -0.47 -31.47
CA GLU D 12 2.61 -1.93 -31.37
C GLU D 12 4.03 -2.48 -31.16
N THR D 13 5.03 -1.69 -31.57
CA THR D 13 6.39 -2.17 -31.70
C THR D 13 7.14 -2.04 -30.39
N GLU D 14 7.44 -3.17 -29.75
CA GLU D 14 8.20 -3.16 -28.51
C GLU D 14 9.67 -2.80 -28.78
N ILE D 15 10.19 -1.85 -28.02
CA ILE D 15 11.58 -1.44 -28.18
C ILE D 15 12.47 -2.00 -27.06
N THR D 16 11.95 -2.02 -25.84
CA THR D 16 12.68 -2.62 -24.73
C THR D 16 11.70 -3.02 -23.65
N THR D 17 12.22 -3.50 -22.53
CA THR D 17 11.39 -3.79 -21.36
C THR D 17 11.96 -3.16 -20.10
N LYS D 18 11.11 -3.02 -19.09
CA LYS D 18 11.54 -2.52 -17.79
C LYS D 18 12.65 -3.38 -17.19
N ASN D 19 12.68 -4.65 -17.57
CA ASN D 19 13.66 -5.58 -17.02
C ASN D 19 15.08 -5.24 -17.45
N GLU D 20 15.21 -4.52 -18.57
CA GLU D 20 16.51 -4.30 -19.17
C GLU D 20 17.13 -2.99 -18.70
N ILE D 21 16.38 -2.25 -17.87
CA ILE D 21 16.84 -0.95 -17.40
C ILE D 21 18.03 -1.10 -16.44
N PHE D 22 19.03 -0.25 -16.59
CA PHE D 22 20.13 -0.16 -15.62
C PHE D 22 20.63 1.27 -15.50
N SER D 23 21.46 1.53 -14.48
CA SER D 23 22.03 2.86 -14.28
C SER D 23 23.52 2.88 -14.54
N LEU D 24 23.94 3.62 -15.57
CA LEU D 24 25.35 3.72 -15.92
C LEU D 24 26.05 4.77 -15.08
N SER D 25 27.32 4.55 -14.79
CA SER D 25 28.12 5.48 -14.00
C SER D 25 27.70 5.46 -12.53
N HIS D 41 14.26 10.97 -15.33
CA HIS D 41 15.31 11.53 -16.17
C HIS D 41 15.11 11.15 -17.63
N GLU D 42 15.59 11.99 -18.54
CA GLU D 42 15.05 12.07 -19.89
C GLU D 42 15.46 10.87 -20.75
N THR D 43 16.59 10.26 -20.40
CA THR D 43 17.16 9.17 -21.21
C THR D 43 17.26 7.88 -20.41
N LEU D 44 16.51 6.87 -20.84
CA LEU D 44 16.54 5.54 -20.22
C LEU D 44 17.71 4.75 -20.81
N THR D 45 18.50 4.11 -19.95
CA THR D 45 19.57 3.23 -20.43
C THR D 45 19.24 1.76 -20.18
N VAL D 46 19.22 0.97 -21.25
CA VAL D 46 18.90 -0.46 -21.15
C VAL D 46 19.99 -1.32 -21.78
N TYR D 47 20.12 -2.54 -21.25
CA TYR D 47 21.13 -3.47 -21.76
C TYR D 47 20.75 -3.98 -23.14
N LYS D 48 19.44 -4.12 -23.37
CA LYS D 48 18.94 -4.79 -24.56
C LYS D 48 17.75 -4.03 -25.12
N ALA D 49 17.62 -4.06 -26.44
CA ALA D 49 16.48 -3.46 -27.13
C ALA D 49 16.18 -4.21 -28.43
N SER D 50 15.00 -3.97 -28.98
CA SER D 50 14.55 -4.73 -30.15
C SER D 50 13.94 -3.80 -31.20
N ASN D 51 13.89 -4.26 -32.43
CA ASN D 51 13.06 -3.64 -33.45
C ASN D 51 13.50 -2.20 -33.76
N LEU D 52 14.77 -1.91 -33.47
CA LEU D 52 15.38 -0.67 -33.92
C LEU D 52 16.27 -0.92 -35.14
N ASN D 53 16.31 0.05 -36.05
CA ASN D 53 17.33 0.07 -37.10
C ASN D 53 18.40 1.11 -36.81
N LEU D 54 19.65 0.73 -37.02
CA LEU D 54 20.77 1.65 -36.84
C LEU D 54 21.00 2.47 -38.10
N ILE D 55 21.17 3.78 -37.93
CA ILE D 55 21.49 4.68 -39.03
C ILE D 55 22.92 5.20 -38.91
N GLY D 56 23.74 4.94 -39.93
CA GLY D 56 25.06 5.54 -40.02
C GLY D 56 26.11 4.78 -39.25
N ARG D 57 27.23 5.45 -38.95
CA ARG D 57 28.35 4.83 -38.25
C ARG D 57 28.48 5.43 -36.86
N PRO D 58 29.22 4.74 -35.96
CA PRO D 58 29.38 5.24 -34.60
C PRO D 58 30.12 6.58 -34.59
N SER D 59 29.83 7.42 -33.60
CA SER D 59 30.57 8.66 -33.41
C SER D 59 30.69 9.01 -31.93
N THR D 60 31.83 9.62 -31.57
CA THR D 60 32.05 10.02 -30.19
C THR D 60 31.71 11.49 -29.96
N VAL D 61 31.37 12.20 -31.04
CA VAL D 61 31.11 13.63 -30.91
C VAL D 61 29.99 13.88 -29.94
N HIS D 62 30.25 14.73 -28.97
CA HIS D 62 29.25 15.12 -28.01
C HIS D 62 28.65 13.97 -27.21
N SER D 63 29.35 12.85 -27.12
CA SER D 63 28.76 11.70 -26.44
C SER D 63 28.38 12.05 -25.04
N TRP D 64 27.16 11.72 -24.66
CA TRP D 64 26.68 11.96 -23.31
C TRP D 64 27.32 11.00 -22.32
N PHE D 65 27.94 9.95 -22.85
CA PHE D 65 28.50 8.89 -22.00
C PHE D 65 29.96 8.64 -22.34
N PRO D 66 30.87 9.42 -21.75
CA PRO D 66 32.25 9.39 -22.21
C PRO D 66 32.83 7.97 -22.16
N GLY D 67 33.53 7.59 -23.23
CA GLY D 67 33.99 6.22 -23.37
C GLY D 67 33.16 5.45 -24.37
N TYR D 68 31.95 5.96 -24.65
CA TYR D 68 31.06 5.32 -25.61
C TYR D 68 30.83 6.21 -26.82
N ALA D 69 30.78 5.59 -28.00
CA ALA D 69 30.30 6.26 -29.20
C ALA D 69 28.82 5.96 -29.39
N TRP D 70 28.14 6.79 -30.18
CA TRP D 70 26.71 6.63 -30.39
C TRP D 70 26.36 6.37 -31.85
N THR D 71 25.29 5.60 -32.05
CA THR D 71 24.71 5.40 -33.36
C THR D 71 23.20 5.62 -33.25
N ILE D 72 22.68 6.46 -34.13
CA ILE D 72 21.24 6.74 -34.16
C ILE D 72 20.42 5.46 -34.35
N ALA D 73 19.36 5.34 -33.56
CA ALA D 73 18.49 4.17 -33.61
C ALA D 73 17.04 4.61 -33.78
N GLN D 74 16.40 4.11 -34.83
CA GLN D 74 15.00 4.44 -35.09
C GLN D 74 14.14 3.19 -35.19
N CYS D 75 12.86 3.35 -34.88
CA CYS D 75 11.89 2.27 -34.95
C CYS D 75 11.82 1.69 -36.37
N LYS D 76 11.87 0.37 -36.48
CA LYS D 76 11.94 -0.26 -37.81
C LYS D 76 10.59 -0.18 -38.53
N ILE D 77 9.53 0.10 -37.77
CA ILE D 77 8.19 0.19 -38.33
C ILE D 77 7.88 1.62 -38.82
N CYS D 78 8.08 2.61 -37.96
CA CYS D 78 7.64 3.97 -38.28
C CYS D 78 8.78 4.97 -38.45
N ALA D 79 10.01 4.50 -38.27
CA ALA D 79 11.20 5.33 -38.45
C ALA D 79 11.31 6.49 -37.45
N SER D 80 10.50 6.45 -36.40
CA SER D 80 10.66 7.40 -35.29
C SER D 80 12.01 7.18 -34.63
N HIS D 81 12.71 8.28 -34.35
CA HIS D 81 14.01 8.21 -33.70
C HIS D 81 13.85 8.01 -32.21
N ILE D 82 14.10 6.78 -31.76
CA ILE D 82 13.83 6.43 -30.37
C ILE D 82 15.03 6.78 -29.49
N GLY D 83 16.23 6.65 -30.03
CA GLY D 83 17.44 6.95 -29.29
C GLY D 83 18.71 6.55 -30.00
N TRP D 84 19.64 5.97 -29.26
CA TRP D 84 20.98 5.67 -29.77
C TRP D 84 21.47 4.36 -29.21
N LYS D 85 22.23 3.63 -30.01
CA LYS D 85 23.08 2.57 -29.48
C LYS D 85 24.44 3.13 -29.08
N PHE D 86 24.80 2.92 -27.82
CA PHE D 86 26.11 3.33 -27.33
C PHE D 86 27.07 2.14 -27.29
N THR D 87 28.22 2.30 -27.92
CA THR D 87 29.22 1.24 -28.03
C THR D 87 30.56 1.68 -27.44
N ALA D 88 31.15 0.82 -26.60
CA ALA D 88 32.37 1.19 -25.86
C ALA D 88 33.56 1.37 -26.80
N THR D 89 34.41 2.34 -26.49
CA THR D 89 35.59 2.60 -27.30
C THR D 89 36.79 1.79 -26.79
N LYS D 90 36.63 1.16 -25.63
CA LYS D 90 37.68 0.34 -25.06
C LYS D 90 37.14 -1.02 -24.61
N LYS D 91 37.99 -2.04 -24.68
CA LYS D 91 37.56 -3.42 -24.45
C LYS D 91 37.38 -3.74 -22.96
N ASP D 92 37.90 -2.87 -22.09
CA ASP D 92 37.91 -3.17 -20.67
C ASP D 92 36.68 -2.61 -19.94
N MET D 93 35.75 -2.07 -20.72
CA MET D 93 34.56 -1.44 -20.16
C MET D 93 33.41 -2.44 -20.05
N SER D 94 32.47 -2.17 -19.14
CA SER D 94 31.18 -2.85 -19.15
C SER D 94 30.02 -1.88 -18.90
N PRO D 95 28.90 -2.09 -19.61
CA PRO D 95 28.81 -3.05 -20.72
C PRO D 95 29.55 -2.53 -21.96
N GLN D 96 29.81 -3.43 -22.90
CA GLN D 96 30.43 -3.06 -24.16
C GLN D 96 29.46 -2.31 -25.08
N LYS D 97 28.17 -2.50 -24.85
CA LYS D 97 27.15 -1.72 -25.53
C LYS D 97 25.91 -1.61 -24.65
N PHE D 98 25.13 -0.56 -24.89
CA PHE D 98 23.80 -0.45 -24.35
C PHE D 98 22.99 0.48 -25.23
N TRP D 99 21.75 0.75 -24.82
CA TRP D 99 20.90 1.67 -25.55
C TRP D 99 20.50 2.83 -24.66
N GLY D 100 20.61 4.03 -25.20
CA GLY D 100 20.04 5.21 -24.57
C GLY D 100 18.79 5.66 -25.30
N LEU D 101 17.65 5.59 -24.62
CA LEU D 101 16.36 5.78 -25.26
C LEU D 101 15.62 6.99 -24.69
N THR D 102 15.14 7.85 -25.57
CA THR D 102 14.38 9.03 -25.17
C THR D 102 13.04 8.62 -24.57
N ARG D 103 12.88 8.87 -23.27
CA ARG D 103 11.76 8.33 -22.51
C ARG D 103 10.41 8.71 -23.12
N SER D 104 10.34 9.93 -23.66
CA SER D 104 9.08 10.44 -24.19
C SER D 104 8.74 9.82 -25.54
N ALA D 105 9.69 9.11 -26.13
CA ALA D 105 9.45 8.38 -27.37
C ALA D 105 8.82 7.00 -27.10
N LEU D 106 8.60 6.70 -25.83
CA LEU D 106 8.14 5.38 -25.43
C LEU D 106 6.81 5.42 -24.67
N LEU D 107 6.15 4.27 -24.63
CA LEU D 107 4.85 4.12 -23.98
C LEU D 107 4.87 2.76 -23.27
N PRO D 108 4.48 2.73 -21.97
CA PRO D 108 3.87 3.79 -21.19
C PRO D 108 4.59 5.12 -21.33
N GLY E 1 13.95 -19.92 -8.77
CA GLY E 1 13.04 -18.78 -8.43
C GLY E 1 11.78 -18.80 -9.27
N PRO E 2 10.75 -18.06 -8.83
CA PRO E 2 9.46 -18.04 -9.52
C PRO E 2 9.61 -17.50 -10.94
N THR E 3 10.74 -16.88 -11.23
CA THR E 3 11.00 -16.29 -12.54
C THR E 3 11.75 -17.25 -13.46
N SER E 4 12.09 -18.42 -12.95
CA SER E 4 12.85 -19.40 -13.73
C SER E 4 11.97 -20.13 -14.74
N LEU E 5 12.49 -20.30 -15.94
CA LEU E 5 11.87 -21.19 -16.92
C LEU E 5 12.79 -22.37 -17.21
N CYS E 6 12.36 -23.56 -16.82
CA CYS E 6 13.23 -24.73 -16.78
C CYS E 6 12.89 -25.71 -17.90
N CYS E 7 13.88 -26.48 -18.33
CA CYS E 7 13.66 -27.55 -19.27
C CYS E 7 12.65 -28.57 -18.72
N LYS E 8 11.62 -28.85 -19.52
CA LYS E 8 10.53 -29.72 -19.09
C LYS E 8 11.01 -31.16 -18.82
N GLN E 9 12.03 -31.58 -19.55
CA GLN E 9 12.48 -32.97 -19.50
C GLN E 9 13.29 -33.29 -18.24
N CYS E 10 14.35 -32.52 -17.98
CA CYS E 10 15.20 -32.78 -16.81
C CYS E 10 14.84 -31.91 -15.61
N GLN E 11 13.89 -31.01 -15.80
CA GLN E 11 13.24 -30.33 -14.69
C GLN E 11 14.18 -29.38 -13.91
N GLU E 12 15.46 -29.74 -13.83
CA GLU E 12 16.40 -29.02 -12.95
C GLU E 12 16.88 -27.74 -13.63
N THR E 13 17.06 -27.83 -14.95
CA THR E 13 18.00 -26.98 -15.67
C THR E 13 17.30 -25.71 -16.14
N GLU E 14 17.75 -24.57 -15.64
CA GLU E 14 17.22 -23.30 -16.06
C GLU E 14 17.66 -22.96 -17.49
N ILE E 15 16.69 -22.59 -18.32
CA ILE E 15 17.00 -22.23 -19.70
C ILE E 15 16.95 -20.72 -19.91
N THR E 16 15.99 -20.07 -19.26
CA THR E 16 15.88 -18.61 -19.33
C THR E 16 15.04 -18.14 -18.15
N THR E 17 14.85 -16.83 -18.05
CA THR E 17 13.97 -16.29 -17.02
C THR E 17 12.89 -15.43 -17.63
N LYS E 18 11.83 -15.18 -16.87
CA LYS E 18 10.77 -14.28 -17.31
C LYS E 18 11.31 -12.87 -17.54
N ASN E 19 12.42 -12.54 -16.89
CA ASN E 19 13.06 -11.24 -17.07
C ASN E 19 13.67 -11.03 -18.46
N GLU E 20 13.90 -12.12 -19.19
CA GLU E 20 14.56 -12.02 -20.49
C GLU E 20 13.57 -11.98 -21.64
N ILE E 21 12.28 -12.10 -21.33
CA ILE E 21 11.25 -12.16 -22.35
C ILE E 21 11.05 -10.81 -23.02
N PHE E 22 11.04 -10.80 -24.34
CA PHE E 22 10.71 -9.60 -25.11
C PHE E 22 9.87 -9.97 -26.33
N SER E 23 9.26 -8.96 -26.95
CA SER E 23 8.42 -9.18 -28.13
C SER E 23 9.08 -8.68 -29.40
N LEU E 24 9.48 -9.62 -30.26
CA LEU E 24 9.88 -9.31 -31.62
C LEU E 24 8.66 -9.18 -32.52
N SER E 25 8.54 -8.03 -33.19
CA SER E 25 7.35 -7.75 -34.01
C SER E 25 6.10 -8.40 -33.42
N HIS E 41 1.20 -17.41 -28.37
CA HIS E 41 1.81 -18.11 -29.49
C HIS E 41 2.80 -19.18 -29.01
N GLU E 42 3.48 -19.82 -29.96
CA GLU E 42 4.13 -21.09 -29.69
C GLU E 42 5.55 -20.88 -29.18
N THR E 43 6.16 -19.78 -29.63
CA THR E 43 7.59 -19.57 -29.47
C THR E 43 7.86 -18.37 -28.57
N LEU E 44 8.60 -18.61 -27.50
CA LEU E 44 9.00 -17.57 -26.57
C LEU E 44 10.32 -16.95 -27.06
N THR E 45 10.38 -15.63 -27.13
CA THR E 45 11.64 -14.99 -27.53
C THR E 45 12.30 -14.26 -26.37
N VAL E 46 13.53 -14.65 -26.08
CA VAL E 46 14.29 -14.06 -24.98
C VAL E 46 15.65 -13.55 -25.44
N TYR E 47 16.13 -12.49 -24.78
CA TYR E 47 17.40 -11.88 -25.11
C TYR E 47 18.56 -12.81 -24.75
N LYS E 48 18.40 -13.51 -23.63
CA LYS E 48 19.46 -14.35 -23.07
C LYS E 48 18.90 -15.71 -22.69
N ALA E 49 19.73 -16.73 -22.80
CA ALA E 49 19.38 -18.04 -22.26
C ALA E 49 20.64 -18.78 -21.83
N SER E 50 20.45 -19.84 -21.05
CA SER E 50 21.58 -20.54 -20.43
C SER E 50 21.47 -22.05 -20.64
N ASN E 51 22.61 -22.72 -20.49
CA ASN E 51 22.63 -24.18 -20.35
C ASN E 51 22.09 -24.85 -21.59
N LEU E 52 22.14 -24.12 -22.71
CA LEU E 52 21.85 -24.71 -24.00
C LEU E 52 23.13 -25.00 -24.74
N ASN E 53 23.11 -26.10 -25.51
CA ASN E 53 24.21 -26.46 -26.36
C ASN E 53 23.82 -26.29 -27.83
N LEU E 54 24.68 -25.61 -28.60
CA LEU E 54 24.38 -25.32 -30.01
C LEU E 54 24.81 -26.47 -30.91
N ILE E 55 23.94 -26.83 -31.84
CA ILE E 55 24.25 -27.88 -32.83
C ILE E 55 24.32 -27.25 -34.23
N GLY E 56 25.41 -27.51 -34.93
CA GLY E 56 25.50 -27.17 -36.35
C GLY E 56 25.81 -25.71 -36.59
N ARG E 57 25.78 -25.29 -37.84
CA ARG E 57 26.01 -23.88 -38.19
C ARG E 57 24.69 -23.17 -38.51
N PRO E 58 24.71 -21.84 -38.54
CA PRO E 58 23.47 -21.08 -38.73
C PRO E 58 22.88 -21.31 -40.11
N SER E 59 21.55 -21.27 -40.23
CA SER E 59 20.90 -21.29 -41.54
C SER E 59 19.75 -20.29 -41.63
N THR E 60 19.51 -19.77 -42.83
CA THR E 60 18.36 -18.88 -43.06
C THR E 60 17.13 -19.62 -43.56
N VAL E 61 17.30 -20.90 -43.90
CA VAL E 61 16.22 -21.66 -44.52
C VAL E 61 14.98 -21.71 -43.64
N HIS E 62 13.85 -21.25 -44.19
CA HIS E 62 12.56 -21.35 -43.51
C HIS E 62 12.53 -20.58 -42.19
N SER E 63 13.40 -19.58 -42.05
CA SER E 63 13.50 -18.85 -40.78
C SER E 63 12.19 -18.18 -40.41
N TRP E 64 11.75 -18.41 -39.18
CA TRP E 64 10.51 -17.82 -38.69
C TRP E 64 10.67 -16.33 -38.45
N PHE E 65 11.91 -15.87 -38.42
CA PHE E 65 12.21 -14.48 -38.11
C PHE E 65 13.06 -13.86 -39.21
N PRO E 66 12.40 -13.38 -40.27
CA PRO E 66 13.07 -12.91 -41.48
C PRO E 66 14.16 -11.90 -41.15
N GLY E 67 15.37 -12.16 -41.65
CA GLY E 67 16.52 -11.34 -41.31
C GLY E 67 17.46 -12.03 -40.34
N TYR E 68 16.99 -13.11 -39.73
CA TYR E 68 17.80 -13.88 -38.79
C TYR E 68 18.03 -15.29 -39.32
N ALA E 69 19.23 -15.82 -39.10
CA ALA E 69 19.49 -17.25 -39.23
C ALA E 69 19.24 -17.97 -37.90
N TRP E 70 19.03 -19.29 -37.97
CA TRP E 70 18.82 -20.10 -36.77
C TRP E 70 19.89 -21.17 -36.59
N THR E 71 20.15 -21.51 -35.33
CA THR E 71 20.96 -22.67 -34.98
C THR E 71 20.22 -23.48 -33.91
N ILE E 72 20.15 -24.79 -34.10
CA ILE E 72 19.43 -25.64 -33.16
C ILE E 72 20.04 -25.55 -31.77
N ALA E 73 19.18 -25.41 -30.76
CA ALA E 73 19.65 -25.31 -29.38
C ALA E 73 18.99 -26.38 -28.52
N GLN E 74 19.81 -27.18 -27.85
CA GLN E 74 19.32 -28.26 -27.00
C GLN E 74 19.81 -28.06 -25.57
N CYS E 75 19.07 -28.60 -24.62
CA CYS E 75 19.49 -28.66 -23.23
C CYS E 75 20.79 -29.46 -23.06
N LYS E 76 21.79 -28.85 -22.42
CA LYS E 76 23.10 -29.47 -22.33
C LYS E 76 23.07 -30.66 -21.37
N ILE E 77 22.02 -30.74 -20.55
CA ILE E 77 21.85 -31.82 -19.60
C ILE E 77 21.22 -33.06 -20.26
N CYS E 78 20.05 -32.88 -20.87
CA CYS E 78 19.27 -34.02 -21.33
C CYS E 78 19.13 -34.05 -22.85
N ALA E 79 19.72 -33.07 -23.52
CA ALA E 79 19.82 -33.06 -25.00
C ALA E 79 18.48 -32.82 -25.70
N SER E 80 17.44 -32.54 -24.92
CA SER E 80 16.14 -32.26 -25.47
C SER E 80 16.09 -30.90 -26.19
N HIS E 81 15.58 -30.91 -27.41
CA HIS E 81 15.65 -29.74 -28.30
C HIS E 81 14.69 -28.66 -27.84
N ILE E 82 15.23 -27.58 -27.27
CA ILE E 82 14.39 -26.57 -26.63
C ILE E 82 13.96 -25.52 -27.65
N GLY E 83 14.86 -25.18 -28.56
CA GLY E 83 14.59 -24.12 -29.51
C GLY E 83 15.79 -23.80 -30.38
N TRP E 84 16.01 -22.52 -30.59
CA TRP E 84 17.04 -22.05 -31.52
C TRP E 84 17.67 -20.77 -31.01
N LYS E 85 18.94 -20.61 -31.35
CA LYS E 85 19.58 -19.30 -31.35
C LYS E 85 19.36 -18.62 -32.69
N PHE E 86 18.81 -17.41 -32.65
CA PHE E 86 18.67 -16.61 -33.87
C PHE E 86 19.74 -15.53 -33.94
N THR E 87 20.45 -15.49 -35.07
CA THR E 87 21.51 -14.49 -35.28
C THR E 87 21.22 -13.61 -36.50
N ALA E 88 21.41 -12.31 -36.33
CA ALA E 88 21.07 -11.35 -37.37
C ALA E 88 22.02 -11.47 -38.55
N THR E 89 21.49 -11.32 -39.76
CA THR E 89 22.31 -11.38 -40.96
C THR E 89 22.81 -9.99 -41.39
N LYS E 90 22.22 -8.95 -40.81
CA LYS E 90 22.65 -7.57 -41.09
C LYS E 90 23.02 -6.85 -39.80
N LYS E 91 24.01 -5.97 -39.86
CA LYS E 91 24.56 -5.35 -38.66
C LYS E 91 23.67 -4.23 -38.12
N ASP E 92 22.70 -3.81 -38.91
CA ASP E 92 21.87 -2.67 -38.52
C ASP E 92 20.60 -3.10 -37.79
N MET E 93 20.49 -4.39 -37.52
CA MET E 93 19.31 -4.95 -36.84
C MET E 93 19.51 -4.94 -35.33
N SER E 94 18.40 -4.92 -34.59
CA SER E 94 18.45 -5.22 -33.16
C SER E 94 17.26 -6.10 -32.76
N PRO E 95 17.48 -7.04 -31.83
CA PRO E 95 18.81 -7.39 -31.33
C PRO E 95 19.60 -8.15 -32.39
N GLN E 96 20.92 -8.19 -32.25
CA GLN E 96 21.77 -8.92 -33.17
C GLN E 96 21.61 -10.42 -32.98
N LYS E 97 21.15 -10.81 -31.80
CA LYS E 97 20.93 -12.21 -31.51
C LYS E 97 19.90 -12.37 -30.40
N PHE E 98 19.13 -13.44 -30.47
CA PHE E 98 18.17 -13.77 -29.42
C PHE E 98 17.86 -15.26 -29.49
N TRP E 99 17.08 -15.74 -28.52
CA TRP E 99 16.67 -17.14 -28.51
C TRP E 99 15.17 -17.27 -28.75
N GLY E 100 14.80 -18.19 -29.62
CA GLY E 100 13.41 -18.58 -29.79
C GLY E 100 13.16 -19.96 -29.24
N LEU E 101 12.38 -20.02 -28.17
CA LEU E 101 12.23 -21.26 -27.41
C LEU E 101 10.80 -21.79 -27.52
N THR E 102 10.68 -23.09 -27.76
CA THR E 102 9.38 -23.74 -27.75
C THR E 102 8.74 -23.73 -26.37
N ARG E 103 7.63 -23.02 -26.25
CA ARG E 103 6.97 -22.83 -24.96
C ARG E 103 6.70 -24.17 -24.27
N SER E 104 6.41 -25.19 -25.06
CA SER E 104 5.96 -26.47 -24.50
C SER E 104 7.13 -27.33 -24.02
N ALA E 105 8.35 -26.89 -24.34
CA ALA E 105 9.55 -27.60 -23.88
C ALA E 105 10.10 -27.05 -22.56
N LEU E 106 9.35 -26.13 -21.95
CA LEU E 106 9.77 -25.50 -20.70
C LEU E 106 8.73 -25.63 -19.58
N LEU E 107 9.19 -25.56 -18.34
CA LEU E 107 8.32 -25.32 -17.19
C LEU E 107 8.71 -24.07 -16.43
N PRO E 108 7.72 -23.37 -15.86
CA PRO E 108 6.32 -23.72 -16.05
C PRO E 108 5.80 -23.24 -17.40
N GLY F 1 16.75 2.01 -7.90
CA GLY F 1 15.53 1.17 -7.89
C GLY F 1 15.62 0.06 -6.87
N PRO F 2 14.50 -0.66 -6.64
CA PRO F 2 14.44 -1.77 -5.69
C PRO F 2 15.21 -2.99 -6.17
N THR F 3 15.68 -2.95 -7.42
CA THR F 3 16.35 -4.11 -8.03
C THR F 3 17.82 -3.84 -8.31
N SER F 4 18.27 -2.63 -7.96
CA SER F 4 19.68 -2.28 -8.09
C SER F 4 20.57 -3.09 -7.14
N LEU F 5 21.69 -3.58 -7.66
CA LEU F 5 22.74 -4.13 -6.83
C LEU F 5 24.02 -3.33 -6.99
N CYS F 6 24.38 -2.58 -5.95
CA CYS F 6 25.45 -1.58 -6.06
C CYS F 6 26.73 -2.04 -5.38
N CYS F 7 27.85 -1.48 -5.82
CA CYS F 7 29.14 -1.72 -5.18
C CYS F 7 29.07 -1.33 -3.71
N LYS F 8 29.39 -2.29 -2.84
CA LYS F 8 29.25 -2.08 -1.41
C LYS F 8 30.23 -1.02 -0.91
N GLN F 9 31.40 -0.96 -1.54
CA GLN F 9 32.44 -0.04 -1.11
C GLN F 9 32.06 1.42 -1.37
N CYS F 10 31.76 1.76 -2.63
CA CYS F 10 31.44 3.13 -2.98
C CYS F 10 29.95 3.42 -3.01
N GLN F 11 29.14 2.38 -2.83
CA GLN F 11 27.72 2.55 -2.49
C GLN F 11 26.85 3.04 -3.66
N GLU F 12 27.36 3.98 -4.44
CA GLU F 12 26.53 4.71 -5.41
C GLU F 12 26.49 4.03 -6.78
N THR F 13 27.46 3.15 -6.99
CA THR F 13 27.73 2.63 -8.33
C THR F 13 26.97 1.32 -8.53
N GLU F 14 25.99 1.33 -9.44
CA GLU F 14 25.26 0.11 -9.77
C GLU F 14 26.14 -0.85 -10.58
N ILE F 15 26.14 -2.11 -10.18
CA ILE F 15 26.95 -3.12 -10.86
C ILE F 15 26.09 -4.07 -11.69
N THR F 16 24.95 -4.47 -11.13
CA THR F 16 23.96 -5.21 -11.90
C THR F 16 22.59 -5.02 -11.26
N THR F 17 21.59 -5.73 -11.80
CA THR F 17 20.24 -5.67 -11.25
C THR F 17 19.73 -7.09 -11.01
N LYS F 18 18.70 -7.21 -10.17
CA LYS F 18 18.11 -8.50 -9.87
C LYS F 18 17.55 -9.14 -11.13
N ASN F 19 17.12 -8.32 -12.08
CA ASN F 19 16.57 -8.83 -13.33
C ASN F 19 17.57 -9.66 -14.12
N GLU F 20 18.86 -9.41 -13.91
CA GLU F 20 19.91 -10.04 -14.71
C GLU F 20 20.34 -11.41 -14.19
N ILE F 21 19.81 -11.80 -13.03
CA ILE F 21 20.22 -13.03 -12.37
C ILE F 21 19.74 -14.26 -13.14
N PHE F 22 20.59 -15.28 -13.22
CA PHE F 22 20.19 -16.59 -13.75
C PHE F 22 20.98 -17.71 -13.09
N SER F 23 20.55 -18.95 -13.32
CA SER F 23 21.20 -20.12 -12.71
C SER F 23 21.98 -20.89 -13.76
N LEU F 24 23.30 -20.93 -13.57
CA LEU F 24 24.15 -21.78 -14.40
C LEU F 24 24.16 -23.22 -13.90
N SER F 25 23.81 -24.13 -14.79
CA SER F 25 23.98 -25.57 -14.58
C SER F 25 22.79 -26.21 -13.90
N HIS F 41 24.05 -18.44 -3.61
CA HIS F 41 24.84 -18.55 -2.39
C HIS F 41 25.93 -17.49 -2.35
N GLU F 42 27.19 -17.92 -2.50
CA GLU F 42 28.32 -17.00 -2.38
C GLU F 42 28.49 -16.14 -3.63
N THR F 43 28.21 -16.74 -4.78
CA THR F 43 28.53 -16.12 -6.06
C THR F 43 27.27 -15.96 -6.92
N LEU F 44 26.96 -14.71 -7.23
CA LEU F 44 25.80 -14.39 -8.05
C LEU F 44 26.20 -14.43 -9.52
N THR F 45 25.44 -15.13 -10.35
CA THR F 45 25.70 -15.14 -11.79
C THR F 45 24.65 -14.34 -12.54
N VAL F 46 25.09 -13.36 -13.31
CA VAL F 46 24.19 -12.46 -14.01
C VAL F 46 24.59 -12.35 -15.47
N TYR F 47 23.60 -12.17 -16.34
CA TYR F 47 23.88 -12.09 -17.77
C TYR F 47 24.63 -10.79 -18.11
N LYS F 48 24.36 -9.75 -17.32
CA LYS F 48 24.79 -8.41 -17.69
C LYS F 48 25.23 -7.65 -16.44
N ALA F 49 26.19 -6.76 -16.61
CA ALA F 49 26.67 -5.93 -15.52
C ALA F 49 27.22 -4.61 -16.05
N SER F 50 27.35 -3.63 -15.17
CA SER F 50 27.76 -2.29 -15.57
C SER F 50 28.89 -1.78 -14.68
N ASN F 51 29.66 -0.83 -15.21
CA ASN F 51 30.54 0.00 -14.38
C ASN F 51 31.68 -0.81 -13.77
N LEU F 52 32.10 -1.85 -14.48
CA LEU F 52 33.24 -2.65 -14.07
C LEU F 52 34.38 -2.48 -15.07
N ASN F 53 35.60 -2.40 -14.57
CA ASN F 53 36.79 -2.51 -15.39
C ASN F 53 37.38 -3.91 -15.36
N LEU F 54 37.78 -4.41 -16.52
CA LEU F 54 38.43 -5.70 -16.61
C LEU F 54 39.94 -5.58 -16.44
N ILE F 55 40.51 -6.44 -15.60
CA ILE F 55 41.94 -6.44 -15.32
C ILE F 55 42.59 -7.70 -15.89
N GLY F 56 43.59 -7.52 -16.74
CA GLY F 56 44.42 -8.64 -17.21
C GLY F 56 43.74 -9.44 -18.30
N ARG F 57 44.16 -10.69 -18.45
CA ARG F 57 43.64 -11.55 -19.52
C ARG F 57 42.89 -12.73 -18.93
N PRO F 58 42.01 -13.36 -19.73
CA PRO F 58 41.24 -14.49 -19.22
C PRO F 58 42.17 -15.64 -18.82
N SER F 59 41.82 -16.37 -17.76
CA SER F 59 42.47 -17.63 -17.46
C SER F 59 41.46 -18.72 -17.09
N THR F 60 41.81 -19.97 -17.36
CA THR F 60 40.97 -21.10 -16.96
C THR F 60 41.47 -21.76 -15.68
N VAL F 61 42.52 -21.19 -15.09
CA VAL F 61 43.11 -21.74 -13.87
C VAL F 61 42.10 -21.68 -12.72
N HIS F 62 41.70 -22.86 -12.25
CA HIS F 62 40.85 -22.99 -11.06
C HIS F 62 39.41 -22.55 -11.32
N SER F 63 39.02 -22.47 -12.59
CA SER F 63 37.72 -21.89 -12.94
C SER F 63 36.59 -22.61 -12.23
N TRP F 64 35.73 -21.85 -11.55
CA TRP F 64 34.61 -22.43 -10.82
C TRP F 64 33.55 -22.93 -11.78
N PHE F 65 33.59 -22.45 -13.02
CA PHE F 65 32.59 -22.82 -14.02
C PHE F 65 33.22 -23.50 -15.22
N PRO F 66 33.30 -24.84 -15.18
CA PRO F 66 34.01 -25.62 -16.19
C PRO F 66 33.62 -25.15 -17.59
N GLY F 67 34.61 -24.88 -18.44
CA GLY F 67 34.34 -24.49 -19.81
C GLY F 67 34.34 -22.99 -19.99
N TYR F 68 34.49 -22.26 -18.89
CA TYR F 68 34.68 -20.82 -18.95
C TYR F 68 36.04 -20.41 -18.40
N ALA F 69 36.60 -19.34 -18.97
CA ALA F 69 37.72 -18.62 -18.38
C ALA F 69 37.20 -17.40 -17.60
N TRP F 70 38.03 -16.89 -16.69
CA TRP F 70 37.65 -15.72 -15.88
C TRP F 70 38.60 -14.55 -16.10
N THR F 71 38.05 -13.34 -16.01
CA THR F 71 38.84 -12.12 -16.02
C THR F 71 38.39 -11.28 -14.83
N ILE F 72 39.36 -10.86 -14.02
CA ILE F 72 39.03 -10.09 -12.82
C ILE F 72 38.28 -8.81 -13.20
N ALA F 73 37.25 -8.50 -12.42
CA ALA F 73 36.39 -7.34 -12.69
C ALA F 73 36.28 -6.48 -11.44
N GLN F 74 36.75 -5.24 -11.54
CA GLN F 74 36.64 -4.33 -10.41
C GLN F 74 35.78 -3.12 -10.74
N CYS F 75 35.13 -2.59 -9.72
CA CYS F 75 34.36 -1.37 -9.85
C CYS F 75 35.19 -0.24 -10.44
N LYS F 76 34.60 0.47 -11.40
CA LYS F 76 35.32 1.48 -12.16
C LYS F 76 35.53 2.75 -11.36
N ILE F 77 34.83 2.86 -10.23
CA ILE F 77 34.82 4.08 -9.44
C ILE F 77 35.81 3.98 -8.27
N CYS F 78 35.83 2.83 -7.62
CA CYS F 78 36.63 2.65 -6.41
C CYS F 78 37.62 1.48 -6.50
N ALA F 79 37.56 0.71 -7.58
CA ALA F 79 38.51 -0.38 -7.82
C ALA F 79 38.29 -1.59 -6.89
N SER F 80 37.16 -1.60 -6.19
CA SER F 80 36.77 -2.78 -5.43
C SER F 80 36.64 -4.01 -6.32
N HIS F 81 37.15 -5.14 -5.84
CA HIS F 81 37.09 -6.39 -6.59
C HIS F 81 35.74 -7.07 -6.41
N ILE F 82 34.82 -6.82 -7.35
CA ILE F 82 33.45 -7.32 -7.21
C ILE F 82 33.35 -8.80 -7.61
N GLY F 83 34.10 -9.20 -8.63
CA GLY F 83 34.05 -10.57 -9.11
C GLY F 83 34.80 -10.78 -10.40
N TRP F 84 34.19 -11.50 -11.34
CA TRP F 84 34.86 -11.88 -12.57
C TRP F 84 33.89 -11.86 -13.75
N LYS F 85 34.39 -11.47 -14.90
CA LYS F 85 33.74 -11.82 -16.17
C LYS F 85 34.15 -13.24 -16.56
N PHE F 86 33.15 -14.09 -16.79
CA PHE F 86 33.41 -15.43 -17.31
C PHE F 86 33.09 -15.52 -18.79
N THR F 87 34.02 -16.08 -19.56
CA THR F 87 33.87 -16.18 -21.01
C THR F 87 34.04 -17.63 -21.46
N ALA F 88 33.18 -18.07 -22.37
CA ALA F 88 33.18 -19.45 -22.86
C ALA F 88 34.42 -19.74 -23.68
N THR F 89 35.02 -20.91 -23.45
CA THR F 89 36.13 -21.37 -24.28
C THR F 89 35.67 -22.08 -25.55
N LYS F 90 34.37 -22.37 -25.64
CA LYS F 90 33.80 -23.04 -26.80
C LYS F 90 32.62 -22.27 -27.37
N LYS F 91 32.48 -22.30 -28.69
CA LYS F 91 31.47 -21.48 -29.35
C LYS F 91 30.07 -22.05 -29.21
N ASP F 92 29.98 -23.32 -28.78
CA ASP F 92 28.69 -23.99 -28.71
C ASP F 92 28.01 -23.85 -27.35
N MET F 93 28.60 -23.04 -26.47
CA MET F 93 28.06 -22.87 -25.12
C MET F 93 27.11 -21.68 -25.03
N SER F 94 26.21 -21.72 -24.04
CA SER F 94 25.45 -20.53 -23.67
C SER F 94 25.31 -20.40 -22.16
N PRO F 95 25.37 -19.16 -21.65
CA PRO F 95 25.74 -17.99 -22.46
C PRO F 95 27.22 -18.00 -22.78
N GLN F 96 27.61 -17.31 -23.85
CA GLN F 96 29.01 -17.15 -24.22
C GLN F 96 29.80 -16.38 -23.17
N LYS F 97 29.11 -15.47 -22.47
CA LYS F 97 29.73 -14.65 -21.43
C LYS F 97 28.73 -14.44 -20.29
N PHE F 98 29.23 -14.37 -19.06
CA PHE F 98 28.44 -13.90 -17.93
C PHE F 98 29.34 -13.35 -16.83
N TRP F 99 28.73 -12.76 -15.80
CA TRP F 99 29.47 -12.21 -14.68
C TRP F 99 29.24 -13.05 -13.43
N GLY F 100 30.32 -13.50 -12.80
CA GLY F 100 30.21 -14.09 -11.48
C GLY F 100 30.64 -13.10 -10.41
N LEU F 101 29.70 -12.70 -9.57
CA LEU F 101 29.94 -11.59 -8.65
C LEU F 101 29.85 -12.05 -7.21
N THR F 102 30.83 -11.65 -6.40
CA THR F 102 30.83 -11.97 -4.98
C THR F 102 29.74 -11.21 -4.25
N ARG F 103 28.75 -11.95 -3.73
CA ARG F 103 27.52 -11.33 -3.26
C ARG F 103 27.78 -10.35 -2.13
N SER F 104 28.82 -10.63 -1.34
CA SER F 104 29.13 -9.81 -0.17
C SER F 104 29.78 -8.50 -0.58
N ALA F 105 30.16 -8.40 -1.85
CA ALA F 105 30.72 -7.16 -2.39
C ALA F 105 29.65 -6.25 -2.98
N LEU F 106 28.38 -6.65 -2.82
CA LEU F 106 27.27 -5.87 -3.36
C LEU F 106 26.33 -5.42 -2.24
N LEU F 107 25.68 -4.28 -2.46
CA LEU F 107 24.45 -3.93 -1.73
C LEU F 107 23.23 -4.31 -2.57
N PRO F 108 22.11 -4.61 -1.90
CA PRO F 108 21.97 -4.69 -0.45
C PRO F 108 22.82 -5.80 0.16
N GLY G 1 -18.99 -6.75 -16.68
CA GLY G 1 -18.03 -6.04 -15.80
C GLY G 1 -18.14 -6.50 -14.36
N PRO G 2 -17.02 -6.40 -13.61
CA PRO G 2 -16.96 -6.75 -12.19
C PRO G 2 -17.77 -5.80 -11.29
N THR G 3 -18.03 -4.59 -11.79
CA THR G 3 -18.71 -3.57 -10.99
C THR G 3 -20.16 -3.40 -11.45
N SER G 4 -20.59 -4.27 -12.36
CA SER G 4 -21.86 -4.10 -13.05
C SER G 4 -23.02 -4.58 -12.16
N LEU G 5 -24.09 -3.79 -12.11
CA LEU G 5 -25.28 -4.18 -11.37
C LEU G 5 -26.48 -4.29 -12.30
N CYS G 6 -26.90 -5.52 -12.60
CA CYS G 6 -27.87 -5.75 -13.66
C CYS G 6 -29.26 -6.05 -13.10
N CYS G 7 -30.27 -5.81 -13.92
CA CYS G 7 -31.63 -6.18 -13.59
C CYS G 7 -31.73 -7.67 -13.32
N LYS G 8 -32.22 -8.04 -12.14
CA LYS G 8 -32.23 -9.44 -11.73
C LYS G 8 -33.20 -10.25 -12.59
N GLN G 9 -34.25 -9.59 -13.07
CA GLN G 9 -35.26 -10.27 -13.87
C GLN G 9 -34.72 -10.70 -15.24
N CYS G 10 -34.23 -9.75 -16.02
CA CYS G 10 -33.76 -10.05 -17.38
C CYS G 10 -32.26 -10.26 -17.46
N GLN G 11 -31.58 -10.05 -16.34
CA GLN G 11 -30.23 -10.55 -16.15
C GLN G 11 -29.17 -9.80 -16.97
N GLU G 12 -29.51 -9.44 -18.21
CA GLU G 12 -28.51 -9.01 -19.18
C GLU G 12 -28.33 -7.49 -19.18
N THR G 13 -29.29 -6.80 -18.57
CA THR G 13 -29.40 -5.36 -18.69
C THR G 13 -28.75 -4.68 -17.50
N GLU G 14 -27.68 -3.92 -17.75
CA GLU G 14 -27.00 -3.18 -16.69
C GLU G 14 -27.82 -1.97 -16.28
N ILE G 15 -28.02 -1.81 -14.98
CA ILE G 15 -28.80 -0.68 -14.46
C ILE G 15 -27.90 0.41 -13.86
N THR G 16 -26.89 -0.01 -13.12
CA THR G 16 -25.89 0.91 -12.60
C THR G 16 -24.59 0.16 -12.33
N THR G 17 -23.59 0.88 -11.83
CA THR G 17 -22.32 0.27 -11.47
C THR G 17 -21.97 0.59 -10.03
N LYS G 18 -21.10 -0.21 -9.42
CA LYS G 18 -20.65 0.03 -8.06
C LYS G 18 -20.00 1.40 -7.94
N ASN G 19 -19.42 1.87 -9.04
CA ASN G 19 -18.74 3.16 -9.05
C ASN G 19 -19.67 4.33 -8.76
N GLU G 20 -20.96 4.14 -9.03
CA GLU G 20 -21.93 5.24 -8.94
C GLU G 20 -22.52 5.39 -7.54
N ILE G 21 -22.21 4.44 -6.67
CA ILE G 21 -22.82 4.40 -5.34
C ILE G 21 -22.32 5.56 -4.49
N PHE G 22 -23.24 6.24 -3.82
CA PHE G 22 -22.88 7.19 -2.78
C PHE G 22 -23.78 7.06 -1.56
N SER G 23 -23.48 7.83 -0.53
CA SER G 23 -24.23 7.77 0.71
C SER G 23 -24.94 9.10 0.98
N LEU G 24 -26.26 9.09 0.80
CA LEU G 24 -27.07 10.27 1.09
C LEU G 24 -27.27 10.47 2.59
N SER G 25 -27.08 11.71 3.03
CA SER G 25 -27.23 12.09 4.44
C SER G 25 -26.12 11.55 5.32
N HIS G 41 -28.31 -1.72 4.42
CA HIS G 41 -29.62 -1.18 4.10
C HIS G 41 -30.00 -1.49 2.65
N GLU G 42 -31.30 -1.42 2.34
CA GLU G 42 -31.87 -2.22 1.26
C GLU G 42 -32.28 -1.36 0.07
N THR G 43 -32.06 -0.06 0.17
CA THR G 43 -32.11 0.82 -1.00
C THR G 43 -30.73 1.41 -1.31
N LEU G 44 -30.26 1.12 -2.51
CA LEU G 44 -28.97 1.61 -2.99
C LEU G 44 -29.18 2.98 -3.66
N THR G 45 -28.36 3.95 -3.30
CA THR G 45 -28.45 5.29 -3.89
C THR G 45 -27.24 5.56 -4.78
N VAL G 46 -27.51 5.79 -6.07
CA VAL G 46 -26.44 5.98 -7.03
C VAL G 46 -26.65 7.27 -7.79
N TYR G 47 -25.56 7.90 -8.20
CA TYR G 47 -25.63 9.17 -8.93
C TYR G 47 -26.23 8.95 -10.32
N LYS G 48 -25.94 7.80 -10.92
CA LYS G 48 -26.26 7.57 -12.33
C LYS G 48 -26.81 6.17 -12.50
N ALA G 49 -27.65 6.00 -13.53
CA ALA G 49 -28.22 4.71 -13.86
C ALA G 49 -28.52 4.66 -15.35
N SER G 50 -28.69 3.45 -15.88
CA SER G 50 -28.92 3.28 -17.31
C SER G 50 -30.12 2.36 -17.55
N ASN G 51 -30.71 2.50 -18.73
CA ASN G 51 -31.63 1.48 -19.25
C ASN G 51 -32.89 1.37 -18.40
N LEU G 52 -33.28 2.48 -17.77
CA LEU G 52 -34.52 2.55 -17.04
C LEU G 52 -35.52 3.43 -17.78
N ASN G 53 -36.79 3.06 -17.71
CA ASN G 53 -37.87 3.91 -18.17
C ASN G 53 -38.60 4.55 -16.98
N LEU G 54 -38.85 5.85 -17.08
CA LEU G 54 -39.61 6.57 -16.06
C LEU G 54 -41.12 6.49 -16.32
N ILE G 55 -41.87 6.15 -15.28
CA ILE G 55 -43.33 6.04 -15.37
C ILE G 55 -43.99 7.13 -14.54
N GLY G 56 -44.83 7.95 -15.18
CA GLY G 56 -45.66 8.91 -14.47
C GLY G 56 -44.92 10.19 -14.12
N ARG G 57 -45.46 10.94 -13.15
CA ARG G 57 -44.87 12.20 -12.72
C ARG G 57 -44.25 12.05 -11.34
N PRO G 58 -43.35 12.97 -10.97
CA PRO G 58 -42.77 12.91 -9.63
C PRO G 58 -43.83 13.16 -8.56
N SER G 59 -43.72 12.48 -7.42
CA SER G 59 -44.50 12.82 -6.24
C SER G 59 -43.62 12.90 -5.00
N THR G 60 -44.04 13.68 -4.02
CA THR G 60 -43.35 13.71 -2.73
C THR G 60 -44.09 12.92 -1.64
N VAL G 61 -45.18 12.27 -2.05
CA VAL G 61 -45.94 11.42 -1.14
C VAL G 61 -45.08 10.30 -0.58
N HIS G 62 -44.88 10.32 0.74
CA HIS G 62 -44.18 9.23 1.44
C HIS G 62 -42.69 9.16 1.09
N SER G 63 -42.13 10.24 0.57
CA SER G 63 -40.75 10.21 0.10
C SER G 63 -39.79 9.78 1.20
N TRP G 64 -38.94 8.80 0.90
CA TRP G 64 -37.99 8.29 1.88
C TRP G 64 -36.85 9.27 2.09
N PHE G 65 -36.74 10.23 1.17
CA PHE G 65 -35.61 11.16 1.18
C PHE G 65 -36.10 12.60 1.19
N PRO G 66 -36.31 13.15 2.39
CA PRO G 66 -36.98 14.43 2.55
C PRO G 66 -36.38 15.47 1.61
N GLY G 67 -37.22 16.20 0.89
CA GLY G 67 -36.75 17.23 -0.02
C GLY G 67 -36.57 16.73 -1.44
N TYR G 68 -36.78 15.42 -1.63
CA TYR G 68 -36.85 14.86 -2.97
C TYR G 68 -38.23 14.31 -3.30
N ALA G 69 -38.60 14.42 -4.56
CA ALA G 69 -39.73 13.68 -5.14
C ALA G 69 -39.22 12.40 -5.81
N TRP G 70 -40.13 11.46 -6.04
CA TRP G 70 -39.77 10.18 -6.69
C TRP G 70 -40.58 9.96 -7.96
N THR G 71 -39.97 9.26 -8.91
CA THR G 71 -40.65 8.83 -10.12
C THR G 71 -40.28 7.37 -10.35
N ILE G 72 -41.29 6.51 -10.47
CA ILE G 72 -41.06 5.08 -10.60
C ILE G 72 -40.17 4.78 -11.80
N ALA G 73 -39.19 3.91 -11.60
CA ALA G 73 -38.22 3.58 -12.64
C ALA G 73 -38.20 2.08 -12.90
N GLN G 74 -38.52 1.69 -14.12
CA GLN G 74 -38.54 0.28 -14.46
C GLN G 74 -37.57 -0.03 -15.60
N CYS G 75 -37.03 -1.24 -15.57
CA CYS G 75 -36.15 -1.71 -16.62
C CYS G 75 -36.77 -1.56 -17.99
N LYS G 76 -36.02 -1.00 -18.93
CA LYS G 76 -36.54 -0.72 -20.27
C LYS G 76 -36.76 -1.99 -21.08
N ILE G 77 -36.19 -3.10 -20.62
CA ILE G 77 -36.21 -4.35 -21.38
C ILE G 77 -37.35 -5.26 -20.91
N CYS G 78 -37.50 -5.40 -19.60
CA CYS G 78 -38.46 -6.35 -19.05
C CYS G 78 -39.51 -5.69 -18.14
N ALA G 79 -39.37 -4.40 -17.92
CA ALA G 79 -40.38 -3.62 -17.19
C ALA G 79 -40.41 -3.95 -15.69
N SER G 80 -39.40 -4.69 -15.23
CA SER G 80 -39.17 -4.87 -13.80
C SER G 80 -39.08 -3.55 -13.05
N HIS G 81 -39.72 -3.47 -11.89
CA HIS G 81 -39.69 -2.25 -11.08
C HIS G 81 -38.46 -2.23 -10.18
N ILE G 82 -37.41 -1.57 -10.67
CA ILE G 82 -36.11 -1.63 -10.01
C ILE G 82 -36.05 -0.62 -8.86
N GLY G 83 -36.64 0.55 -9.06
CA GLY G 83 -36.65 1.58 -8.02
C GLY G 83 -37.25 2.89 -8.47
N TRP G 84 -36.59 3.98 -8.11
CA TRP G 84 -37.12 5.32 -8.37
C TRP G 84 -36.01 6.29 -8.77
N LYS G 85 -36.34 7.24 -9.63
CA LYS G 85 -35.57 8.46 -9.76
C LYS G 85 -36.02 9.46 -8.70
N PHE G 86 -35.08 9.95 -7.90
CA PHE G 86 -35.39 11.00 -6.95
C PHE G 86 -34.88 12.34 -7.45
N THR G 87 -35.73 13.36 -7.37
CA THR G 87 -35.42 14.67 -7.90
C THR G 87 -35.64 15.76 -6.85
N ALA G 88 -34.68 16.67 -6.71
CA ALA G 88 -34.73 17.69 -5.67
C ALA G 88 -35.89 18.64 -5.90
N THR G 89 -36.58 19.02 -4.83
CA THR G 89 -37.62 20.04 -4.92
C THR G 89 -37.07 21.46 -4.75
N LYS G 90 -35.82 21.57 -4.31
CA LYS G 90 -35.17 22.87 -4.15
C LYS G 90 -33.85 22.94 -4.91
N LYS G 91 -33.53 24.13 -5.41
CA LYS G 91 -32.37 24.32 -6.29
C LYS G 91 -31.06 24.20 -5.51
N ASP G 92 -31.14 24.38 -4.20
CA ASP G 92 -29.93 24.52 -3.40
C ASP G 92 -29.40 23.18 -2.88
N MET G 93 -30.05 22.09 -3.31
CA MET G 93 -29.70 20.75 -2.83
C MET G 93 -28.67 20.07 -3.74
N SER G 94 -27.92 19.13 -3.18
CA SER G 94 -27.12 18.23 -4.01
C SER G 94 -27.16 16.81 -3.47
N PRO G 95 -27.16 15.82 -4.38
CA PRO G 95 -27.34 16.08 -5.81
C PRO G 95 -28.78 16.48 -6.12
N GLN G 96 -28.97 17.14 -7.26
CA GLN G 96 -30.30 17.54 -7.71
C GLN G 96 -31.15 16.33 -8.06
N LYS G 97 -30.48 15.23 -8.39
CA LYS G 97 -31.15 14.03 -8.88
C LYS G 97 -30.30 12.82 -8.54
N PHE G 98 -30.95 11.73 -8.14
CA PHE G 98 -30.28 10.45 -7.97
C PHE G 98 -31.29 9.30 -8.09
N TRP G 99 -30.77 8.08 -8.10
CA TRP G 99 -31.60 6.89 -8.24
C TRP G 99 -31.58 6.10 -6.95
N GLY G 100 -32.76 5.78 -6.44
CA GLY G 100 -32.86 4.86 -5.32
C GLY G 100 -33.36 3.51 -5.80
N LEU G 101 -32.51 2.50 -5.67
CA LEU G 101 -32.76 1.22 -6.32
C LEU G 101 -32.90 0.12 -5.27
N THR G 102 -33.90 -0.72 -5.47
CA THR G 102 -34.11 -1.86 -4.58
C THR G 102 -33.07 -2.94 -4.80
N ARG G 103 -32.22 -3.13 -3.81
CA ARG G 103 -31.01 -3.91 -3.98
C ARG G 103 -31.34 -5.34 -4.40
N SER G 104 -32.51 -5.81 -3.98
CA SER G 104 -32.93 -7.19 -4.23
C SER G 104 -33.41 -7.34 -5.67
N ALA G 105 -33.61 -6.22 -6.36
CA ALA G 105 -33.98 -6.23 -7.77
C ALA G 105 -32.76 -6.18 -8.70
N LEU G 106 -31.58 -6.27 -8.13
CA LEU G 106 -30.34 -6.17 -8.90
C LEU G 106 -29.51 -7.44 -8.73
N LEU G 107 -28.72 -7.75 -9.75
CA LEU G 107 -27.70 -8.80 -9.64
C LEU G 107 -26.34 -8.22 -9.23
N PRO G 108 -25.69 -8.85 -8.24
CA PRO G 108 -24.36 -8.42 -7.81
C PRO G 108 -23.33 -8.60 -8.91
N GLY H 1 -4.52 9.18 -12.13
CA GLY H 1 -3.48 8.60 -13.02
C GLY H 1 -3.87 7.26 -13.60
N PRO H 2 -4.32 6.33 -12.75
CA PRO H 2 -4.48 4.92 -13.11
C PRO H 2 -5.88 4.61 -13.64
N THR H 3 -6.85 5.43 -13.25
CA THR H 3 -8.19 5.32 -13.78
C THR H 3 -8.38 6.22 -14.99
N SER H 4 -7.41 7.10 -15.23
CA SER H 4 -7.58 8.18 -16.19
C SER H 4 -7.44 7.69 -17.63
N LEU H 5 -8.39 8.07 -18.47
CA LEU H 5 -8.30 7.82 -19.89
C LEU H 5 -8.08 9.13 -20.63
N CYS H 6 -6.89 9.28 -21.21
CA CYS H 6 -6.45 10.56 -21.74
C CYS H 6 -6.50 10.55 -23.24
N CYS H 7 -6.59 11.73 -23.83
CA CYS H 7 -6.47 11.87 -25.27
C CYS H 7 -5.10 11.38 -25.75
N LYS H 8 -5.12 10.40 -26.64
CA LYS H 8 -3.89 9.73 -27.06
C LYS H 8 -2.94 10.72 -27.73
N GLN H 9 -3.50 11.68 -28.47
CA GLN H 9 -2.72 12.66 -29.22
C GLN H 9 -1.89 13.58 -28.32
N CYS H 10 -2.55 14.40 -27.50
CA CYS H 10 -1.83 15.39 -26.67
C CYS H 10 -1.39 14.82 -25.33
N GLN H 11 -1.89 13.63 -25.00
CA GLN H 11 -1.37 12.82 -23.90
C GLN H 11 -1.80 13.30 -22.52
N GLU H 12 -1.86 14.62 -22.33
CA GLU H 12 -1.98 15.17 -20.99
C GLU H 12 -3.43 15.37 -20.57
N THR H 13 -4.32 15.49 -21.55
CA THR H 13 -5.69 15.92 -21.32
C THR H 13 -6.59 14.74 -21.00
N GLU H 14 -7.08 14.69 -19.76
CA GLU H 14 -8.00 13.62 -19.37
C GLU H 14 -9.39 13.83 -19.99
N ILE H 15 -9.92 12.77 -20.60
CA ILE H 15 -11.22 12.84 -21.22
C ILE H 15 -12.28 12.16 -20.37
N THR H 16 -11.92 11.05 -19.75
CA THR H 16 -12.84 10.37 -18.83
C THR H 16 -12.03 9.46 -17.90
N THR H 17 -12.74 8.73 -17.05
CA THR H 17 -12.08 7.74 -16.19
C THR H 17 -12.77 6.39 -16.31
N LYS H 18 -12.05 5.33 -15.94
CA LYS H 18 -12.63 4.00 -15.92
C LYS H 18 -13.88 3.95 -15.05
N ASN H 19 -13.94 4.85 -14.07
CA ASN H 19 -15.06 4.86 -13.13
C ASN H 19 -16.37 5.19 -13.79
N GLU H 20 -16.31 5.89 -14.92
CA GLU H 20 -17.50 6.44 -15.55
C GLU H 20 -18.09 5.51 -16.59
N ILE H 21 -17.43 4.36 -16.80
CA ILE H 21 -17.84 3.42 -17.84
C ILE H 21 -19.15 2.72 -17.47
N PHE H 22 -20.05 2.59 -18.43
CA PHE H 22 -21.25 1.78 -18.24
C PHE H 22 -21.65 1.10 -19.54
N SER H 23 -22.59 0.16 -19.46
CA SER H 23 -23.07 -0.56 -20.65
C SER H 23 -24.51 -0.23 -20.97
N LEU H 24 -24.73 0.39 -22.12
CA LEU H 24 -26.08 0.75 -22.54
C LEU H 24 -26.78 -0.43 -23.22
N SER H 25 -28.10 -0.49 -23.07
CA SER H 25 -28.90 -1.56 -23.65
C SER H 25 -28.70 -2.87 -22.90
N HIS H 41 -15.47 -3.69 -27.10
CA HIS H 41 -16.04 -3.01 -28.25
C HIS H 41 -15.26 -1.73 -28.57
N GLU H 42 -15.41 -1.26 -29.80
CA GLU H 42 -14.61 -0.15 -30.30
C GLU H 42 -15.01 1.17 -29.64
N THR H 43 -16.24 1.21 -29.13
CA THR H 43 -16.79 2.45 -28.58
C THR H 43 -17.08 2.31 -27.09
N LEU H 44 -16.44 3.16 -26.28
CA LEU H 44 -16.61 3.15 -24.84
C LEU H 44 -17.70 4.15 -24.47
N THR H 45 -18.68 3.71 -23.68
CA THR H 45 -19.75 4.60 -23.25
C THR H 45 -19.58 4.97 -21.78
N VAL H 46 -19.49 6.26 -21.50
CA VAL H 46 -19.30 6.74 -20.13
C VAL H 46 -20.36 7.77 -19.75
N TYR H 47 -20.67 7.83 -18.45
CA TYR H 47 -21.64 8.78 -17.93
C TYR H 47 -21.13 10.21 -18.04
N LYS H 48 -19.82 10.38 -17.83
CA LYS H 48 -19.24 11.71 -17.65
C LYS H 48 -17.92 11.80 -18.41
N ALA H 49 -17.65 12.96 -18.98
CA ALA H 49 -16.36 13.22 -19.61
C ALA H 49 -15.96 14.66 -19.40
N SER H 50 -14.72 14.98 -19.74
CA SER H 50 -14.18 16.31 -19.50
C SER H 50 -13.35 16.78 -20.69
N ASN H 51 -13.20 18.09 -20.81
CA ASN H 51 -12.19 18.67 -21.68
C ASN H 51 -12.47 18.38 -23.15
N LEU H 52 -13.74 18.09 -23.46
CA LEU H 52 -14.19 18.02 -24.85
C LEU H 52 -14.96 19.28 -25.26
N ASN H 53 -14.75 19.71 -26.49
CA ASN H 53 -15.64 20.70 -27.12
C ASN H 53 -16.67 20.05 -28.03
N LEU H 54 -17.89 20.56 -27.98
CA LEU H 54 -18.95 20.09 -28.87
C LEU H 54 -18.92 20.86 -30.17
N ILE H 55 -19.01 20.14 -31.28
CA ILE H 55 -19.08 20.76 -32.60
C ILE H 55 -20.48 20.54 -33.20
N GLY H 56 -21.20 21.63 -33.45
CA GLY H 56 -22.44 21.57 -34.23
C GLY H 56 -23.66 21.32 -33.36
N ARG H 57 -24.76 20.94 -34.00
CA ARG H 57 -26.01 20.65 -33.31
C ARG H 57 -26.22 19.14 -33.23
N PRO H 58 -27.14 18.69 -32.35
CA PRO H 58 -27.42 17.26 -32.28
C PRO H 58 -28.04 16.73 -33.56
N SER H 59 -27.82 15.45 -33.85
CA SER H 59 -28.46 14.80 -34.99
C SER H 59 -28.78 13.35 -34.68
N THR H 60 -29.88 12.86 -35.25
CA THR H 60 -30.27 11.46 -35.06
C THR H 60 -29.81 10.59 -36.22
N VAL H 61 -29.26 11.22 -37.26
CA VAL H 61 -28.93 10.48 -38.48
C VAL H 61 -27.87 9.41 -38.22
N HIS H 62 -28.21 8.16 -38.57
CA HIS H 62 -27.31 7.03 -38.40
C HIS H 62 -26.91 6.76 -36.95
N SER H 63 -27.68 7.30 -35.99
CA SER H 63 -27.32 7.12 -34.59
C SER H 63 -27.12 5.65 -34.24
N TRP H 64 -25.98 5.35 -33.63
CA TRP H 64 -25.68 3.98 -33.21
C TRP H 64 -26.53 3.55 -32.02
N PHE H 65 -27.12 4.53 -31.35
CA PHE H 65 -27.88 4.25 -30.12
C PHE H 65 -29.30 4.79 -30.24
N PRO H 66 -30.21 3.97 -30.78
CA PRO H 66 -31.50 4.53 -31.16
C PRO H 66 -32.21 5.13 -29.96
N GLY H 67 -32.77 6.33 -30.14
CA GLY H 67 -33.33 7.08 -29.03
C GLY H 67 -32.44 8.25 -28.65
N TYR H 68 -31.17 8.18 -29.06
CA TYR H 68 -30.22 9.26 -28.79
C TYR H 68 -29.78 9.96 -30.08
N ALA H 69 -29.65 11.28 -29.99
CA ALA H 69 -28.95 12.04 -31.02
C ALA H 69 -27.49 12.23 -30.62
N TRP H 70 -26.64 12.49 -31.61
CA TRP H 70 -25.21 12.62 -31.38
C TRP H 70 -24.70 14.01 -31.71
N THR H 71 -23.71 14.45 -30.95
CA THR H 71 -22.95 15.66 -31.26
C THR H 71 -21.46 15.33 -31.22
N ILE H 72 -20.75 15.72 -32.28
CA ILE H 72 -19.30 15.55 -32.33
C ILE H 72 -18.60 16.17 -31.12
N ALA H 73 -17.64 15.43 -30.57
CA ALA H 73 -16.88 15.89 -29.41
C ALA H 73 -15.38 15.73 -29.68
N GLN H 74 -14.66 16.83 -29.57
CA GLN H 74 -13.22 16.82 -29.82
C GLN H 74 -12.45 17.39 -28.64
N CYS H 75 -11.21 16.94 -28.49
CA CYS H 75 -10.34 17.38 -27.42
C CYS H 75 -10.11 18.88 -27.51
N LYS H 76 -10.25 19.58 -26.38
CA LYS H 76 -10.22 21.05 -26.38
C LYS H 76 -8.79 21.55 -26.58
N ILE H 77 -7.81 20.68 -26.31
CA ILE H 77 -6.41 21.02 -26.49
C ILE H 77 -5.93 20.81 -27.93
N CYS H 78 -6.16 19.61 -28.49
CA CYS H 78 -5.57 19.26 -29.76
C CYS H 78 -6.57 19.07 -30.90
N ALA H 79 -7.85 19.28 -30.59
CA ALA H 79 -8.92 19.18 -31.59
C ALA H 79 -9.10 17.78 -32.19
N SER H 80 -8.45 16.78 -31.62
CA SER H 80 -8.69 15.39 -32.02
C SER H 80 -10.14 14.99 -31.74
N HIS H 81 -10.78 14.37 -32.71
CA HIS H 81 -12.14 13.87 -32.54
C HIS H 81 -12.15 12.61 -31.70
N ILE H 82 -12.57 12.75 -30.44
CA ILE H 82 -12.54 11.62 -29.51
C ILE H 82 -13.81 10.78 -29.63
N GLY H 83 -14.92 11.43 -29.94
CA GLY H 83 -16.19 10.73 -30.07
C GLY H 83 -17.39 11.66 -30.12
N TRP H 84 -18.43 11.31 -29.38
CA TRP H 84 -19.71 12.00 -29.48
C TRP H 84 -20.37 12.11 -28.12
N LYS H 85 -21.07 13.21 -27.90
CA LYS H 85 -22.09 13.28 -26.88
C LYS H 85 -23.42 12.79 -27.42
N PHE H 86 -24.00 11.82 -26.72
CA PHE H 86 -25.32 11.32 -27.05
C PHE H 86 -26.36 11.88 -26.10
N THR H 87 -27.41 12.48 -26.65
CA THR H 87 -28.47 13.12 -25.87
C THR H 87 -29.84 12.53 -26.21
N ALA H 88 -30.58 12.15 -25.18
CA ALA H 88 -31.85 11.43 -25.34
C ALA H 88 -32.86 12.28 -26.09
N THR H 89 -33.68 11.64 -26.91
CA THR H 89 -34.75 12.33 -27.63
C THR H 89 -36.04 12.36 -26.83
N LYS H 90 -36.08 11.61 -25.74
CA LYS H 90 -37.28 11.48 -24.93
C LYS H 90 -36.96 11.59 -23.44
N LYS H 91 -37.90 12.15 -22.70
CA LYS H 91 -37.66 12.52 -21.30
C LYS H 91 -37.62 11.29 -20.39
N ASP H 92 -38.20 10.18 -20.85
CA ASP H 92 -38.39 9.03 -19.96
C ASP H 92 -37.19 8.08 -19.97
N MET H 93 -36.17 8.45 -20.72
CA MET H 93 -35.00 7.59 -20.90
C MET H 93 -33.97 7.84 -19.80
N SER H 94 -33.11 6.85 -19.56
CA SER H 94 -31.91 7.07 -18.76
C SER H 94 -30.71 6.33 -19.35
N PRO H 95 -29.52 6.96 -19.28
CA PRO H 95 -29.37 8.35 -18.89
C PRO H 95 -29.89 9.29 -19.97
N GLN H 96 -30.08 10.55 -19.62
CA GLN H 96 -30.50 11.57 -20.57
C GLN H 96 -29.36 11.97 -21.51
N LYS H 97 -28.14 11.73 -21.07
CA LYS H 97 -26.98 11.88 -21.93
C LYS H 97 -25.84 10.97 -21.48
N PHE H 98 -24.97 10.65 -22.41
CA PHE H 98 -23.72 9.99 -22.09
C PHE H 98 -22.73 10.31 -23.19
N TRP H 99 -21.53 9.76 -23.08
CA TRP H 99 -20.53 9.93 -24.12
C TRP H 99 -20.18 8.59 -24.74
N GLY H 100 -20.11 8.56 -26.07
CA GLY H 100 -19.54 7.43 -26.77
C GLY H 100 -18.18 7.78 -27.34
N LEU H 101 -17.15 7.13 -26.83
CA LEU H 101 -15.77 7.53 -27.12
C LEU H 101 -15.02 6.44 -27.88
N THR H 102 -14.35 6.83 -28.94
CA THR H 102 -13.54 5.90 -29.73
C THR H 102 -12.34 5.42 -28.93
N ARG H 103 -12.30 4.13 -28.64
CA ARG H 103 -11.37 3.59 -27.65
C ARG H 103 -9.92 3.82 -28.06
N SER H 104 -9.67 3.83 -29.37
CA SER H 104 -8.30 3.98 -29.88
C SER H 104 -7.84 5.44 -29.85
N ALA H 105 -8.77 6.35 -29.59
CA ALA H 105 -8.43 7.76 -29.41
C ALA H 105 -7.95 8.05 -27.98
N LEU H 106 -7.92 7.01 -27.15
CA LEU H 106 -7.61 7.20 -25.73
C LEU H 106 -6.38 6.41 -25.28
N LEU H 107 -5.73 6.89 -24.23
CA LEU H 107 -4.64 6.18 -23.56
C LEU H 107 -5.01 6.02 -22.08
N PRO H 108 -4.71 4.85 -21.50
CA PRO H 108 -4.19 3.68 -22.20
C PRO H 108 -5.26 3.04 -23.09
N GLY I 1 -17.84 3.95 3.50
CA GLY I 1 -16.99 3.08 2.65
C GLY I 1 -15.61 3.63 2.43
N PRO I 2 -14.70 2.80 1.90
CA PRO I 2 -13.29 3.19 1.74
C PRO I 2 -13.08 4.16 0.57
N THR I 3 -14.09 4.29 -0.29
CA THR I 3 -14.05 5.29 -1.35
C THR I 3 -14.64 6.63 -0.89
N SER I 4 -15.19 6.66 0.32
CA SER I 4 -15.89 7.84 0.80
C SER I 4 -14.93 8.98 1.14
N LEU I 5 -15.28 10.18 0.69
CA LEU I 5 -14.64 11.39 1.18
C LEU I 5 -15.62 12.21 2.00
N CYS I 6 -15.37 12.29 3.31
CA CYS I 6 -16.34 12.86 4.24
C CYS I 6 -15.90 14.25 4.68
N CYS I 7 -16.88 15.03 5.11
CA CYS I 7 -16.61 16.34 5.69
C CYS I 7 -15.79 16.21 6.98
N LYS I 8 -14.69 16.96 7.05
CA LYS I 8 -13.74 16.83 8.16
C LYS I 8 -14.38 17.24 9.48
N GLN I 9 -15.32 18.17 9.43
CA GLN I 9 -15.86 18.77 10.64
C GLN I 9 -16.84 17.85 11.35
N CYS I 10 -17.86 17.37 10.64
CA CYS I 10 -18.88 16.52 11.26
C CYS I 10 -18.62 15.04 11.00
N GLN I 11 -17.60 14.77 10.20
CA GLN I 11 -16.98 13.44 10.15
C GLN I 11 -17.86 12.38 9.48
N GLU I 12 -19.18 12.51 9.63
CA GLU I 12 -20.10 11.43 9.26
C GLU I 12 -20.62 11.60 7.84
N THR I 13 -20.59 12.85 7.35
CA THR I 13 -21.32 13.24 6.15
C THR I 13 -20.46 13.07 4.90
N GLU I 14 -20.88 12.16 4.03
CA GLU I 14 -20.14 11.89 2.80
C GLU I 14 -20.36 13.00 1.79
N ILE I 15 -19.28 13.54 1.26
CA ILE I 15 -19.39 14.65 0.32
C ILE I 15 -19.17 14.21 -1.12
N THR I 16 -18.25 13.26 -1.31
CA THR I 16 -18.04 12.66 -2.62
C THR I 16 -17.31 11.34 -2.47
N THR I 17 -17.05 10.66 -3.58
CA THR I 17 -16.27 9.44 -3.54
C THR I 17 -15.06 9.54 -4.43
N LYS I 18 -14.08 8.69 -4.18
CA LYS I 18 -12.91 8.61 -5.04
C LYS I 18 -13.29 8.24 -6.47
N ASN I 19 -14.45 7.61 -6.62
CA ASN I 19 -14.95 7.25 -7.94
C ASN I 19 -15.34 8.46 -8.80
N GLU I 20 -15.57 9.61 -8.16
CA GLU I 20 -16.05 10.79 -8.87
C GLU I 20 -14.92 11.72 -9.27
N ILE I 21 -13.70 11.41 -8.83
CA ILE I 21 -12.55 12.27 -9.09
C ILE I 21 -12.16 12.24 -10.56
N PHE I 22 -11.96 13.43 -11.12
CA PHE I 22 -11.44 13.56 -12.48
C PHE I 22 -10.49 14.77 -12.54
N SER I 23 -9.79 14.91 -13.66
CA SER I 23 -8.79 15.97 -13.83
C SER I 23 -9.21 16.95 -14.91
N LEU I 24 -9.48 18.19 -14.50
CA LEU I 24 -9.81 19.25 -15.43
C LEU I 24 -8.58 19.80 -16.16
N SER I 25 -7.64 20.40 -15.43
CA SER I 25 -6.44 20.99 -16.03
C SER I 25 -6.71 22.11 -17.03
N HIS I 41 -1.96 19.13 -5.28
CA HIS I 41 -2.60 20.45 -5.34
C HIS I 41 -3.82 20.52 -4.43
N GLU I 42 -4.46 21.67 -4.41
CA GLU I 42 -5.24 22.11 -3.26
C GLU I 42 -6.70 21.68 -3.40
N THR I 43 -7.18 21.70 -4.64
CA THR I 43 -8.61 21.57 -4.91
C THR I 43 -8.92 20.29 -5.69
N LEU I 44 -9.81 19.49 -5.12
CA LEU I 44 -10.21 18.23 -5.73
C LEU I 44 -11.43 18.48 -6.63
N THR I 45 -11.38 18.00 -7.87
CA THR I 45 -12.51 18.19 -8.77
C THR I 45 -13.23 16.89 -9.02
N VAL I 46 -14.54 16.90 -8.76
CA VAL I 46 -15.36 15.70 -8.91
C VAL I 46 -16.60 15.99 -9.75
N TYR I 47 -17.09 14.96 -10.44
CA TYR I 47 -18.26 15.11 -11.31
C TYR I 47 -19.53 15.28 -10.47
N LYS I 48 -19.56 14.61 -9.33
CA LYS I 48 -20.76 14.55 -8.51
C LYS I 48 -20.38 14.73 -7.03
N ALA I 49 -21.28 15.34 -6.27
CA ALA I 49 -21.12 15.45 -4.83
C ALA I 49 -22.48 15.44 -4.14
N SER I 50 -22.48 15.15 -2.84
CA SER I 50 -23.72 14.99 -2.08
C SER I 50 -23.71 15.84 -0.83
N ASN I 51 -24.90 16.08 -0.29
CA ASN I 51 -25.05 16.58 1.07
C ASN I 51 -24.40 17.95 1.21
N LEU I 52 -24.29 18.66 0.10
CA LEU I 52 -23.90 20.06 0.12
C LEU I 52 -25.09 20.96 -0.08
N ASN I 53 -25.05 22.13 0.55
CA ASN I 53 -26.06 23.14 0.37
C ASN I 53 -25.46 24.34 -0.37
N LEU I 54 -26.12 24.79 -1.42
CA LEU I 54 -25.63 25.90 -2.23
C LEU I 54 -26.01 27.25 -1.61
N ILE I 55 -25.05 28.16 -1.53
CA ILE I 55 -25.30 29.52 -1.06
C ILE I 55 -25.12 30.52 -2.20
N GLY I 56 -26.15 31.30 -2.50
CA GLY I 56 -26.02 32.42 -3.41
C GLY I 56 -26.20 32.04 -4.87
N ARG I 57 -25.95 32.99 -5.77
CA ARG I 57 -26.02 32.73 -7.20
C ARG I 57 -24.63 32.60 -7.80
N PRO I 58 -24.53 32.04 -9.01
CA PRO I 58 -23.23 31.83 -9.65
C PRO I 58 -22.49 33.16 -9.88
N SER I 59 -21.16 33.13 -9.78
CA SER I 59 -20.33 34.27 -10.20
C SER I 59 -19.11 33.79 -10.99
N THR I 60 -18.65 34.62 -11.92
CA THR I 60 -17.43 34.34 -12.66
C THR I 60 -16.20 35.02 -12.05
N VAL I 61 -16.45 35.89 -11.08
CA VAL I 61 -15.36 36.69 -10.50
C VAL I 61 -14.26 35.81 -9.92
N HIS I 62 -13.04 36.00 -10.41
CA HIS I 62 -11.87 35.31 -9.88
C HIS I 62 -11.95 33.78 -10.01
N SER I 63 -12.75 33.30 -10.95
CA SER I 63 -12.93 31.85 -11.09
C SER I 63 -11.62 31.13 -11.37
N TRP I 64 -11.33 30.10 -10.58
CA TRP I 64 -10.10 29.33 -10.76
C TRP I 64 -10.15 28.50 -12.03
N PHE I 65 -11.35 28.36 -12.60
CA PHE I 65 -11.55 27.51 -13.76
C PHE I 65 -12.22 28.30 -14.88
N PRO I 66 -11.42 29.03 -15.67
CA PRO I 66 -11.95 29.97 -16.65
C PRO I 66 -12.99 29.31 -17.54
N GLY I 67 -14.12 29.97 -17.74
CA GLY I 67 -15.24 29.39 -18.46
C GLY I 67 -16.32 28.85 -17.56
N TYR I 68 -16.03 28.75 -16.26
CA TYR I 68 -17.01 28.30 -15.28
C TYR I 68 -17.30 29.40 -14.27
N ALA I 69 -18.56 29.51 -13.86
CA ALA I 69 -18.95 30.26 -12.67
C ALA I 69 -18.93 29.37 -11.43
N TRP I 70 -18.83 29.99 -10.25
CA TRP I 70 -18.81 29.25 -8.98
C TRP I 70 -19.97 29.64 -8.08
N THR I 71 -20.44 28.66 -7.29
CA THR I 71 -21.39 28.91 -6.21
C THR I 71 -20.85 28.24 -4.95
N ILE I 72 -20.82 28.97 -3.84
CA ILE I 72 -20.28 28.43 -2.60
C ILE I 72 -21.07 27.20 -2.16
N ALA I 73 -20.36 26.15 -1.75
CA ALA I 73 -20.99 24.93 -1.32
C ALA I 73 -20.57 24.60 0.10
N GLN I 74 -21.55 24.40 0.98
CA GLN I 74 -21.29 24.03 2.36
C GLN I 74 -21.94 22.69 2.70
N CYS I 75 -21.34 21.97 3.65
CA CYS I 75 -21.95 20.80 4.25
C CYS I 75 -23.30 21.15 4.88
N LYS I 76 -24.34 20.39 4.50
CA LYS I 76 -25.69 20.69 4.93
C LYS I 76 -25.88 20.36 6.41
N ILE I 77 -24.98 19.55 6.95
CA ILE I 77 -25.02 19.17 8.36
C ILE I 77 -24.40 20.23 9.26
N CYS I 78 -23.14 20.58 8.99
CA CYS I 78 -22.40 21.45 9.90
C CYS I 78 -22.07 22.81 9.31
N ALA I 79 -22.53 23.07 8.08
CA ALA I 79 -22.39 24.38 7.43
C ALA I 79 -20.94 24.76 7.11
N SER I 80 -20.02 23.83 7.32
CA SER I 80 -18.63 24.06 6.98
C SER I 80 -18.41 24.20 5.47
N HIS I 81 -17.72 25.26 5.07
CA HIS I 81 -17.55 25.58 3.65
C HIS I 81 -16.58 24.60 2.99
N ILE I 82 -17.11 23.69 2.19
CA ILE I 82 -16.29 22.60 1.65
C ILE I 82 -15.63 23.00 0.35
N GLY I 83 -16.34 23.80 -0.45
CA GLY I 83 -15.90 24.07 -1.80
C GLY I 83 -16.94 24.83 -2.60
N TRP I 84 -17.01 24.52 -3.90
CA TRP I 84 -17.89 25.24 -4.81
C TRP I 84 -18.47 24.28 -5.83
N LYS I 85 -19.67 24.59 -6.28
CA LYS I 85 -20.18 24.08 -7.54
C LYS I 85 -19.74 24.98 -8.69
N PHE I 86 -19.11 24.39 -9.70
CA PHE I 86 -18.75 25.13 -10.90
C PHE I 86 -19.70 24.84 -12.06
N THR I 87 -20.23 25.89 -12.68
CA THR I 87 -21.18 25.75 -13.77
C THR I 87 -20.69 26.42 -15.05
N ALA I 88 -20.79 25.70 -16.16
CA ALA I 88 -20.27 26.18 -17.44
C ALA I 88 -21.06 27.38 -17.94
N THR I 89 -20.35 28.36 -18.52
CA THR I 89 -20.99 29.55 -19.05
C THR I 89 -21.32 29.40 -20.54
N LYS I 90 -20.79 28.33 -21.15
CA LYS I 90 -21.05 28.05 -22.55
C LYS I 90 -21.51 26.60 -22.74
N LYS I 91 -22.40 26.37 -23.69
CA LYS I 91 -23.05 25.07 -23.83
C LYS I 91 -22.12 24.02 -24.45
N ASP I 92 -21.01 24.47 -25.03
CA ASP I 92 -20.14 23.57 -25.78
C ASP I 92 -19.05 22.95 -24.92
N MET I 93 -19.07 23.28 -23.63
CA MET I 93 -18.05 22.81 -22.69
C MET I 93 -18.44 21.46 -22.08
N SER I 94 -17.45 20.69 -21.67
CA SER I 94 -17.69 19.54 -20.81
C SER I 94 -16.65 19.47 -19.70
N PRO I 95 -17.08 19.05 -18.50
CA PRO I 95 -18.48 18.88 -18.14
C PRO I 95 -19.17 20.22 -17.99
N GLN I 96 -20.50 20.23 -18.13
CA GLN I 96 -21.28 21.44 -17.95
C GLN I 96 -21.25 21.89 -16.49
N LYS I 97 -20.90 20.97 -15.60
CA LYS I 97 -20.93 21.26 -14.18
C LYS I 97 -20.09 20.25 -13.41
N PHE I 98 -19.38 20.75 -12.40
CA PHE I 98 -18.60 19.90 -11.52
C PHE I 98 -18.42 20.57 -10.17
N TRP I 99 -17.78 19.85 -9.23
CA TRP I 99 -17.50 20.41 -7.92
C TRP I 99 -16.00 20.52 -7.69
N GLY I 100 -15.58 21.70 -7.21
CA GLY I 100 -14.21 21.88 -6.77
C GLY I 100 -14.14 21.97 -5.26
N LEU I 101 -13.57 20.94 -4.64
CA LEU I 101 -13.62 20.79 -3.20
C LEU I 101 -12.24 21.00 -2.58
N THR I 102 -12.21 21.71 -1.46
CA THR I 102 -10.97 21.91 -0.71
C THR I 102 -10.51 20.63 -0.01
N ARG I 103 -9.38 20.09 -0.46
CA ARG I 103 -8.91 18.80 0.02
C ARG I 103 -8.85 18.74 1.54
N SER I 104 -8.50 19.85 2.17
CA SER I 104 -8.25 19.87 3.61
C SER I 104 -9.54 19.96 4.41
N ALA I 105 -10.66 20.11 3.72
CA ALA I 105 -11.96 20.08 4.39
C ALA I 105 -12.61 18.69 4.34
N LEU I 106 -11.85 17.71 3.84
CA LEU I 106 -12.37 16.33 3.74
C LEU I 106 -11.49 15.32 4.49
N LEU I 107 -12.10 14.20 4.85
CA LEU I 107 -11.36 13.02 5.28
C LEU I 107 -11.73 11.80 4.43
N PRO I 108 -10.76 10.91 4.19
CA PRO I 108 -9.38 11.12 4.59
C PRO I 108 -8.72 12.21 3.75
N GLY J 1 15.05 -10.57 11.37
CA GLY J 1 13.73 -10.14 10.82
C GLY J 1 13.88 -9.06 9.77
N PRO J 2 12.80 -8.80 9.01
CA PRO J 2 12.74 -7.70 8.06
C PRO J 2 12.54 -6.34 8.72
N THR J 3 12.31 -6.34 10.03
CA THR J 3 12.12 -5.10 10.77
C THR J 3 13.39 -4.72 11.53
N SER J 4 14.40 -5.59 11.47
CA SER J 4 15.64 -5.41 12.21
C SER J 4 16.46 -4.24 11.66
N LEU J 5 16.91 -3.38 12.54
CA LEU J 5 17.90 -2.37 12.18
C LEU J 5 19.19 -2.61 12.95
N CYS J 6 20.21 -3.09 12.25
CA CYS J 6 21.44 -3.52 12.91
C CYS J 6 22.56 -2.50 12.79
N CYS J 7 23.51 -2.59 13.71
CA CYS J 7 24.74 -1.81 13.64
C CYS J 7 25.45 -2.06 12.31
N LYS J 8 25.66 -1.00 11.56
CA LYS J 8 26.29 -1.12 10.24
C LYS J 8 27.73 -1.61 10.34
N GLN J 9 28.42 -1.24 11.41
CA GLN J 9 29.82 -1.59 11.58
C GLN J 9 30.02 -3.10 11.81
N CYS J 10 29.36 -3.65 12.82
CA CYS J 10 29.51 -5.06 13.14
C CYS J 10 28.41 -5.95 12.56
N GLN J 11 27.39 -5.32 11.99
CA GLN J 11 26.47 -6.01 11.08
C GLN J 11 25.47 -6.93 11.78
N GLU J 12 25.94 -7.68 12.78
CA GLU J 12 25.17 -8.77 13.35
C GLU J 12 24.30 -8.32 14.52
N THR J 13 24.58 -7.12 15.02
CA THR J 13 24.02 -6.67 16.29
C THR J 13 22.78 -5.82 16.02
N GLU J 14 21.62 -6.30 16.46
CA GLU J 14 20.39 -5.52 16.34
C GLU J 14 20.35 -4.37 17.34
N ILE J 15 20.04 -3.18 16.86
CA ILE J 15 19.97 -2.01 17.73
C ILE J 15 18.53 -1.60 18.02
N THR J 16 17.70 -1.63 16.98
CA THR J 16 16.27 -1.40 17.16
C THR J 16 15.49 -2.07 16.02
N THR J 17 14.17 -1.93 16.05
CA THR J 17 13.32 -2.44 14.97
C THR J 17 12.45 -1.34 14.39
N LYS J 18 11.95 -1.55 13.17
CA LYS J 18 11.05 -0.61 12.53
C LYS J 18 9.84 -0.36 13.43
N ASN J 19 9.42 -1.39 14.15
CA ASN J 19 8.23 -1.30 14.99
C ASN J 19 8.35 -0.23 16.06
N GLU J 20 9.58 0.12 16.42
CA GLU J 20 9.81 1.06 17.52
C GLU J 20 9.82 2.52 17.09
N ILE J 21 9.76 2.76 15.79
CA ILE J 21 9.88 4.11 15.25
C ILE J 21 8.65 4.94 15.60
N PHE J 22 8.87 6.18 16.04
CA PHE J 22 7.80 7.16 16.16
C PHE J 22 8.32 8.54 15.75
N SER J 23 7.41 9.51 15.62
CA SER J 23 7.82 10.87 15.26
C SER J 23 7.60 11.85 16.40
N LEU J 24 8.69 12.43 16.89
CA LEU J 24 8.63 13.39 17.97
C LEU J 24 8.21 14.76 17.46
N SER J 25 7.25 15.36 18.15
CA SER J 25 7.06 16.81 18.17
C SER J 25 6.34 17.30 16.93
N HIS J 41 14.17 11.94 7.96
CA HIS J 41 15.50 12.41 7.64
C HIS J 41 16.54 11.75 8.55
N GLU J 42 17.55 12.52 8.96
CA GLU J 42 18.88 11.96 9.25
C GLU J 42 18.92 11.19 10.57
N THR J 43 17.97 11.50 11.46
CA THR J 43 17.97 10.95 12.79
C THR J 43 16.67 10.22 13.08
N LEU J 44 16.78 8.91 13.33
CA LEU J 44 15.62 8.08 13.60
C LEU J 44 15.31 8.12 15.10
N THR J 45 14.06 8.36 15.45
CA THR J 45 13.65 8.33 16.86
C THR J 45 12.81 7.10 17.18
N VAL J 46 13.28 6.29 18.13
CA VAL J 46 12.61 5.05 18.48
C VAL J 46 12.34 4.98 19.98
N TYR J 47 11.23 4.34 20.35
CA TYR J 47 10.89 4.23 21.76
C TYR J 47 11.91 3.34 22.49
N LYS J 48 12.42 2.35 21.77
CA LYS J 48 13.15 1.25 22.41
C LYS J 48 14.35 0.89 21.55
N ALA J 49 15.44 0.49 22.20
CA ALA J 49 16.64 0.05 21.52
C ALA J 49 17.39 -0.98 22.36
N SER J 50 18.27 -1.74 21.73
CA SER J 50 18.96 -2.83 22.39
C SER J 50 20.45 -2.78 22.13
N ASN J 51 21.23 -3.41 23.01
CA ASN J 51 22.63 -3.70 22.73
C ASN J 51 23.48 -2.45 22.63
N LEU J 52 23.08 -1.40 23.34
CA LEU J 52 23.83 -0.16 23.38
C LEU J 52 24.44 0.06 24.77
N ASN J 53 25.66 0.59 24.79
CA ASN J 53 26.26 1.08 26.02
C ASN J 53 26.18 2.59 26.11
N LEU J 54 25.83 3.10 27.29
CA LEU J 54 25.77 4.53 27.54
C LEU J 54 27.09 5.06 28.08
N ILE J 55 27.58 6.14 27.47
CA ILE J 55 28.85 6.76 27.87
C ILE J 55 28.58 8.12 28.51
N GLY J 56 29.07 8.31 29.74
CA GLY J 56 29.06 9.62 30.37
C GLY J 56 27.71 9.98 30.97
N ARG J 57 27.53 11.26 31.28
CA ARG J 57 26.30 11.73 31.91
C ARG J 57 25.43 12.48 30.89
N PRO J 58 24.15 12.64 31.20
CA PRO J 58 23.28 13.37 30.29
C PRO J 58 23.68 14.84 30.21
N SER J 59 23.60 15.43 29.02
CA SER J 59 23.77 16.87 28.87
C SER J 59 22.66 17.46 28.03
N THR J 60 22.33 18.73 28.26
CA THR J 60 21.35 19.42 27.43
C THR J 60 22.01 20.38 26.44
N VAL J 61 23.34 20.40 26.43
CA VAL J 61 24.09 21.24 25.52
C VAL J 61 23.79 20.89 24.06
N HIS J 62 23.22 21.84 23.32
CA HIS J 62 22.99 21.69 21.89
C HIS J 62 21.91 20.66 21.56
N SER J 63 21.03 20.37 22.52
CA SER J 63 20.07 19.29 22.35
C SER J 63 19.15 19.54 21.16
N TRP J 64 19.08 18.57 20.27
CA TRP J 64 18.24 18.67 19.07
C TRP J 64 16.76 18.59 19.42
N PHE J 65 16.47 18.10 20.63
CA PHE J 65 15.08 17.93 21.04
C PHE J 65 14.80 18.64 22.35
N PRO J 66 14.36 19.91 22.27
CA PRO J 66 14.34 20.76 23.45
C PRO J 66 13.50 20.14 24.57
N GLY J 67 14.03 20.17 25.78
CA GLY J 67 13.38 19.53 26.91
C GLY J 67 13.94 18.16 27.19
N TYR J 68 14.77 17.66 26.28
CA TYR J 68 15.54 16.43 26.54
C TYR J 68 17.03 16.69 26.65
N ALA J 69 17.67 15.92 27.52
CA ALA J 69 19.13 15.77 27.53
C ALA J 69 19.54 14.54 26.72
N TRP J 70 20.82 14.48 26.35
CA TRP J 70 21.33 13.35 25.58
C TRP J 70 22.47 12.64 26.30
N THR J 71 22.54 11.32 26.12
CA THR J 71 23.69 10.54 26.57
C THR J 71 24.17 9.70 25.40
N ILE J 72 25.47 9.79 25.12
CA ILE J 72 26.04 9.09 23.97
C ILE J 72 25.82 7.59 24.08
N ALA J 73 25.40 6.98 22.97
CA ALA J 73 25.08 5.56 22.95
C ALA J 73 25.87 4.84 21.86
N GLN J 74 26.68 3.87 22.25
CA GLN J 74 27.47 3.13 21.29
C GLN J 74 27.14 1.64 21.33
N CYS J 75 27.32 0.97 20.21
CA CYS J 75 27.11 -0.47 20.13
C CYS J 75 27.97 -1.22 21.14
N LYS J 76 27.35 -2.18 21.82
CA LYS J 76 28.02 -2.88 22.91
C LYS J 76 29.07 -3.87 22.40
N ILE J 77 29.02 -4.15 21.11
CA ILE J 77 29.87 -5.16 20.50
C ILE J 77 31.12 -4.54 19.87
N CYS J 78 30.94 -3.44 19.16
CA CYS J 78 32.04 -2.83 18.42
C CYS J 78 32.29 -1.36 18.80
N ALA J 79 31.45 -0.82 19.69
CA ALA J 79 31.61 0.54 20.19
C ALA J 79 31.41 1.61 19.11
N SER J 80 30.80 1.24 18.00
CA SER J 80 30.34 2.23 17.03
C SER J 80 29.35 3.22 17.65
N HIS J 81 29.52 4.49 17.31
CA HIS J 81 28.66 5.54 17.86
C HIS J 81 27.36 5.65 17.08
N ILE J 82 26.34 4.94 17.54
CA ILE J 82 25.09 4.82 16.78
C ILE J 82 24.20 6.06 16.96
N GLY J 83 24.20 6.60 18.17
CA GLY J 83 23.41 7.80 18.45
C GLY J 83 23.39 8.19 19.91
N TRP J 84 22.21 8.52 20.42
CA TRP J 84 22.06 9.05 21.77
C TRP J 84 20.79 8.53 22.42
N LYS J 85 20.85 8.28 23.71
CA LYS J 85 19.66 8.19 24.53
C LYS J 85 19.23 9.60 24.96
N PHE J 86 17.99 9.96 24.64
CA PHE J 86 17.42 11.23 25.07
C PHE J 86 16.51 11.04 26.27
N THR J 87 16.74 11.82 27.32
CA THR J 87 15.93 11.73 28.54
C THR J 87 15.27 13.06 28.87
N ALA J 88 14.00 13.01 29.28
CA ALA J 88 13.23 14.21 29.57
C ALA J 88 13.75 14.91 30.82
N THR J 89 13.88 16.24 30.75
CA THR J 89 14.22 17.05 31.92
C THR J 89 13.01 17.37 32.80
N LYS J 90 11.81 17.11 32.29
CA LYS J 90 10.58 17.35 33.05
C LYS J 90 9.69 16.11 33.14
N LYS J 91 8.97 15.99 34.26
CA LYS J 91 8.19 14.78 34.53
C LYS J 91 6.94 14.70 33.67
N ASP J 92 6.49 15.85 33.15
CA ASP J 92 5.20 15.92 32.47
C ASP J 92 5.30 15.63 30.98
N MET J 93 6.49 15.28 30.51
CA MET J 93 6.70 15.05 29.07
C MET J 93 6.42 13.60 28.68
N SER J 94 6.16 13.37 27.40
CA SER J 94 6.16 12.01 26.88
C SER J 94 6.77 11.97 25.47
N PRO J 95 7.55 10.91 25.19
CA PRO J 95 7.95 9.93 26.21
C PRO J 95 9.05 10.50 27.11
N GLN J 96 9.16 9.93 28.31
CA GLN J 96 10.20 10.32 29.25
C GLN J 96 11.60 10.04 28.70
N LYS J 97 11.71 9.00 27.87
CA LYS J 97 12.98 8.64 27.24
C LYS J 97 12.74 8.18 25.81
N PHE J 98 13.73 8.37 24.95
CA PHE J 98 13.76 7.73 23.65
C PHE J 98 15.18 7.71 23.10
N TRP J 99 15.36 7.02 21.97
CA TRP J 99 16.67 6.94 21.34
C TRP J 99 16.66 7.70 20.02
N GLY J 100 17.62 8.60 19.86
CA GLY J 100 17.85 9.24 18.57
C GLY J 100 19.05 8.64 17.88
N LEU J 101 18.80 7.96 16.76
CA LEU J 101 19.83 7.15 16.14
C LEU J 101 20.17 7.70 14.75
N THR J 102 21.47 7.77 14.47
CA THR J 102 21.94 8.21 13.17
C THR J 102 21.70 7.14 12.12
N ARG J 103 20.86 7.45 11.15
CA ARG J 103 20.31 6.43 10.27
C ARG J 103 21.41 5.77 9.46
N SER J 104 22.48 6.51 9.18
CA SER J 104 23.56 6.02 8.33
C SER J 104 24.44 5.04 9.11
N ALA J 105 24.27 5.01 10.43
CA ALA J 105 25.00 4.08 11.27
C ALA J 105 24.24 2.75 11.47
N LEU J 106 23.17 2.57 10.69
CA LEU J 106 22.34 1.37 10.81
C LEU J 106 22.21 0.67 9.47
N LEU J 107 22.03 -0.66 9.51
CA LEU J 107 21.58 -1.43 8.34
C LEU J 107 20.10 -1.76 8.49
N PRO J 108 19.35 -1.72 7.38
CA PRO J 108 19.86 -1.37 6.06
C PRO J 108 19.99 0.14 5.88
N GLY K 1 3.44 8.37 8.81
CA GLY K 1 3.41 7.06 8.11
C GLY K 1 2.11 6.31 8.37
N PRO K 2 1.85 5.25 7.60
CA PRO K 2 0.54 4.59 7.62
C PRO K 2 0.22 3.99 9.00
N THR K 3 1.25 3.80 9.82
CA THR K 3 1.08 3.24 11.15
C THR K 3 0.80 4.31 12.20
N SER K 4 0.82 5.57 11.76
CA SER K 4 0.81 6.69 12.68
C SER K 4 -0.63 7.03 13.13
N LEU K 5 -0.81 7.17 14.45
CA LEU K 5 -2.08 7.65 14.98
C LEU K 5 -1.94 9.07 15.51
N CYS K 6 -2.65 10.01 14.88
CA CYS K 6 -2.42 11.42 15.11
C CYS K 6 -3.59 12.07 15.85
N CYS K 7 -3.30 13.13 16.58
CA CYS K 7 -4.31 13.92 17.24
C CYS K 7 -5.30 14.51 16.22
N LYS K 8 -6.59 14.30 16.47
CA LYS K 8 -7.64 14.68 15.53
C LYS K 8 -7.70 16.20 15.34
N GLN K 9 -7.37 16.93 16.40
CA GLN K 9 -7.58 18.38 16.43
C GLN K 9 -6.54 19.14 15.60
N CYS K 10 -5.26 18.92 15.89
CA CYS K 10 -4.20 19.62 15.17
C CYS K 10 -3.64 18.79 14.02
N GLN K 11 -4.07 17.54 13.95
CA GLN K 11 -3.88 16.73 12.74
C GLN K 11 -2.41 16.32 12.53
N GLU K 12 -1.47 17.17 12.96
CA GLU K 12 -0.06 17.00 12.62
C GLU K 12 0.59 15.97 13.54
N THR K 13 0.14 15.96 14.79
CA THR K 13 0.95 15.54 15.92
C THR K 13 0.71 14.08 16.23
N GLU K 14 1.76 13.29 16.07
CA GLU K 14 1.66 11.86 16.31
C GLU K 14 1.58 11.56 17.80
N ILE K 15 0.57 10.77 18.18
CA ILE K 15 0.39 10.43 19.58
C ILE K 15 0.86 9.02 19.89
N THR K 16 0.60 8.10 18.97
CA THR K 16 1.10 6.73 19.11
C THR K 16 1.10 6.06 17.74
N THR K 17 1.57 4.82 17.69
CA THR K 17 1.53 4.07 16.44
C THR K 17 0.76 2.77 16.63
N LYS K 18 0.31 2.20 15.52
CA LYS K 18 -0.36 0.90 15.56
C LYS K 18 0.54 -0.18 16.13
N ASN K 19 1.84 0.06 16.07
CA ASN K 19 2.82 -0.88 16.59
C ASN K 19 2.81 -0.98 18.11
N GLU K 20 2.24 0.03 18.77
CA GLU K 20 2.26 0.09 20.22
C GLU K 20 0.99 -0.47 20.85
N ILE K 21 0.01 -0.78 20.02
CA ILE K 21 -1.28 -1.29 20.51
C ILE K 21 -1.14 -2.67 21.14
N PHE K 22 -1.72 -2.82 22.32
CA PHE K 22 -1.81 -4.13 22.98
C PHE K 22 -3.17 -4.25 23.67
N SER K 23 -3.52 -5.46 24.08
CA SER K 23 -4.79 -5.72 24.75
C SER K 23 -4.61 -6.00 26.23
N LEU K 24 -5.08 -5.06 27.06
CA LEU K 24 -4.97 -5.21 28.49
C LEU K 24 -5.90 -6.28 29.05
N SER K 25 -7.19 -6.19 28.76
CA SER K 25 -8.12 -7.24 29.21
C SER K 25 -9.28 -7.46 28.26
N HIS K 41 -12.89 -1.39 22.20
CA HIS K 41 -14.11 -0.64 21.98
C HIS K 41 -13.83 0.87 21.91
N GLU K 42 -13.81 1.50 23.07
CA GLU K 42 -13.82 2.95 23.15
C GLU K 42 -12.40 3.48 23.30
N THR K 43 -11.61 2.75 24.08
CA THR K 43 -10.34 3.25 24.58
C THR K 43 -9.21 2.36 24.09
N LEU K 44 -8.27 2.96 23.37
CA LEU K 44 -7.12 2.26 22.82
C LEU K 44 -6.00 2.20 23.86
N THR K 45 -5.44 1.02 24.09
CA THR K 45 -4.34 0.90 25.05
C THR K 45 -3.01 0.63 24.37
N VAL K 46 -2.04 1.51 24.61
CA VAL K 46 -0.72 1.39 23.98
C VAL K 46 0.40 1.44 25.01
N TYR K 47 1.52 0.78 24.69
CA TYR K 47 2.65 0.72 25.61
C TYR K 47 3.35 2.07 25.67
N LYS K 48 3.35 2.77 24.55
CA LYS K 48 4.17 3.97 24.39
C LYS K 48 3.36 5.02 23.65
N ALA K 49 3.54 6.27 24.03
CA ALA K 49 2.89 7.37 23.32
C ALA K 49 3.80 8.60 23.38
N SER K 50 3.56 9.53 22.46
CA SER K 50 4.43 10.70 22.33
C SER K 50 3.64 12.00 22.31
N ASN K 51 4.34 13.09 22.60
CA ASN K 51 3.83 14.44 22.35
C ASN K 51 2.58 14.70 23.18
N LEU K 52 2.47 13.96 24.28
CA LEU K 52 1.46 14.24 25.27
C LEU K 52 2.05 14.98 26.44
N ASN K 53 1.22 15.79 27.07
CA ASN K 53 1.63 16.54 28.23
C ASN K 53 0.75 16.12 29.42
N LEU K 54 1.39 15.72 30.51
CA LEU K 54 0.66 15.22 31.68
C LEU K 54 0.20 16.38 32.55
N ILE K 55 -1.05 16.31 33.00
CA ILE K 55 -1.57 17.29 33.96
C ILE K 55 -1.93 16.60 35.28
N GLY K 56 -1.48 17.17 36.38
CA GLY K 56 -1.92 16.71 37.70
C GLY K 56 -1.06 15.58 38.23
N ARG K 57 -1.46 15.01 39.36
CA ARG K 57 -0.86 13.78 39.87
C ARG K 57 -1.79 12.59 39.67
N PRO K 58 -1.26 11.37 39.85
CA PRO K 58 -2.02 10.15 39.58
C PRO K 58 -3.20 10.01 40.55
N SER K 59 -4.29 9.42 40.10
CA SER K 59 -5.41 9.06 40.98
C SER K 59 -5.97 7.70 40.63
N THR K 60 -6.49 7.00 41.64
CA THR K 60 -7.11 5.69 41.42
C THR K 60 -8.63 5.79 41.31
N VAL K 61 -9.15 6.98 41.57
CA VAL K 61 -10.59 7.18 41.63
C VAL K 61 -11.27 6.83 40.31
N HIS K 62 -12.20 5.88 40.36
CA HIS K 62 -12.98 5.49 39.19
C HIS K 62 -12.12 4.91 38.06
N SER K 63 -10.93 4.42 38.38
CA SER K 63 -10.02 3.93 37.35
C SER K 63 -10.65 2.80 36.51
N TRP K 64 -10.59 2.95 35.20
CA TRP K 64 -11.17 1.95 34.30
C TRP K 64 -10.32 0.68 34.29
N PHE K 65 -9.12 0.77 34.85
CA PHE K 65 -8.23 -0.37 34.90
C PHE K 65 -7.74 -0.62 36.31
N PRO K 66 -8.55 -1.36 37.09
CA PRO K 66 -8.26 -1.64 38.50
C PRO K 66 -6.82 -2.08 38.69
N GLY K 67 -6.14 -1.48 39.66
CA GLY K 67 -4.72 -1.74 39.87
C GLY K 67 -3.84 -0.62 39.32
N TYR K 68 -4.41 0.21 38.45
CA TYR K 68 -3.69 1.34 37.90
C TYR K 68 -4.31 2.67 38.35
N ALA K 69 -3.46 3.66 38.58
CA ALA K 69 -3.87 5.05 38.69
C ALA K 69 -3.79 5.74 37.32
N TRP K 70 -4.53 6.83 37.16
CA TRP K 70 -4.56 7.58 35.90
C TRP K 70 -4.05 9.02 36.08
N THR K 71 -3.42 9.54 35.03
CA THR K 71 -3.09 10.96 34.94
C THR K 71 -3.55 11.50 33.59
N ILE K 72 -4.27 12.62 33.60
CA ILE K 72 -4.81 13.19 32.36
C ILE K 72 -3.68 13.52 31.38
N ALA K 73 -3.88 13.13 30.13
CA ALA K 73 -2.88 13.38 29.09
C ALA K 73 -3.49 14.16 27.93
N GLN K 74 -2.87 15.29 27.62
CA GLN K 74 -3.32 16.14 26.53
C GLN K 74 -2.23 16.28 25.46
N CYS K 75 -2.66 16.52 24.23
CA CYS K 75 -1.75 16.93 23.16
C CYS K 75 -0.96 18.18 23.55
N LYS K 76 0.36 18.14 23.38
CA LYS K 76 1.22 19.23 23.81
C LYS K 76 1.10 20.41 22.85
N ILE K 77 0.59 20.14 21.66
CA ILE K 77 0.39 21.16 20.63
C ILE K 77 -0.91 21.93 20.83
N CYS K 78 -2.03 21.22 20.89
CA CYS K 78 -3.33 21.87 20.89
C CYS K 78 -4.10 21.73 22.19
N ALA K 79 -3.49 21.02 23.15
CA ALA K 79 -4.05 20.90 24.51
C ALA K 79 -5.34 20.08 24.57
N SER K 80 -5.69 19.46 23.45
CA SER K 80 -6.87 18.60 23.41
C SER K 80 -6.66 17.31 24.20
N HIS K 81 -7.61 16.98 25.07
CA HIS K 81 -7.47 15.86 25.99
C HIS K 81 -7.60 14.52 25.28
N ILE K 82 -6.47 13.85 25.11
CA ILE K 82 -6.45 12.64 24.29
C ILE K 82 -6.77 11.41 25.12
N GLY K 83 -6.37 11.42 26.38
CA GLY K 83 -6.54 10.26 27.22
C GLY K 83 -5.79 10.36 28.53
N TRP K 84 -5.15 9.27 28.92
CA TRP K 84 -4.54 9.17 30.24
C TRP K 84 -3.29 8.31 30.19
N LYS K 85 -2.34 8.64 31.05
CA LYS K 85 -1.30 7.70 31.43
C LYS K 85 -1.79 6.85 32.61
N PHE K 86 -1.71 5.53 32.45
CA PHE K 86 -2.02 4.64 33.56
C PHE K 86 -0.75 4.07 34.19
N THR K 87 -0.63 4.21 35.51
CA THR K 87 0.54 3.75 36.24
C THR K 87 0.16 2.70 37.29
N ALA K 88 0.97 1.65 37.37
CA ALA K 88 0.65 0.51 38.24
C ALA K 88 0.83 0.91 39.70
N THR K 89 -0.09 0.47 40.56
CA THR K 89 0.03 0.74 41.99
C THR K 89 0.84 -0.34 42.71
N LYS K 90 1.10 -1.45 42.02
CA LYS K 90 1.84 -2.56 42.61
C LYS K 90 2.98 -3.00 41.69
N LYS K 91 4.11 -3.39 42.28
CA LYS K 91 5.31 -3.61 41.51
C LYS K 91 5.29 -4.94 40.76
N ASP K 92 4.33 -5.79 41.07
CA ASP K 92 4.28 -7.13 40.49
C ASP K 92 3.45 -7.17 39.21
N MET K 93 2.89 -6.02 38.83
CA MET K 93 2.02 -5.95 37.66
C MET K 93 2.83 -5.74 36.39
N SER K 94 2.22 -6.09 35.25
CA SER K 94 2.76 -5.68 33.96
C SER K 94 1.63 -5.32 32.99
N PRO K 95 1.85 -4.29 32.17
CA PRO K 95 3.00 -3.41 32.26
C PRO K 95 2.87 -2.48 33.45
N GLN K 96 3.99 -1.90 33.89
CA GLN K 96 3.97 -0.96 35.00
C GLN K 96 3.29 0.34 34.60
N LYS K 97 3.28 0.62 33.30
CA LYS K 97 2.62 1.81 32.79
C LYS K 97 2.19 1.64 31.35
N PHE K 98 1.08 2.27 30.99
CA PHE K 98 0.61 2.31 29.62
C PHE K 98 -0.26 3.54 29.41
N TRP K 99 -0.67 3.75 28.17
CA TRP K 99 -1.58 4.85 27.85
C TRP K 99 -2.94 4.32 27.39
N GLY K 100 -4.00 4.90 27.97
CA GLY K 100 -5.34 4.64 27.48
C GLY K 100 -5.89 5.85 26.75
N LEU K 101 -5.99 5.72 25.43
CA LEU K 101 -6.32 6.87 24.59
C LEU K 101 -7.74 6.75 24.04
N THR K 102 -8.45 7.87 24.03
CA THR K 102 -9.78 7.91 23.43
C THR K 102 -9.72 7.80 21.91
N ARG K 103 -10.29 6.73 21.38
CA ARG K 103 -10.17 6.41 19.96
C ARG K 103 -10.66 7.56 19.08
N SER K 104 -11.68 8.27 19.55
CA SER K 104 -12.32 9.31 18.74
C SER K 104 -11.53 10.62 18.75
N ALA K 105 -10.50 10.68 19.59
CA ALA K 105 -9.61 11.85 19.59
C ALA K 105 -8.38 11.66 18.70
N LEU K 106 -8.35 10.58 17.94
CA LEU K 106 -7.23 10.29 17.04
C LEU K 106 -7.67 10.09 15.58
N LEU K 107 -6.77 10.37 14.65
CA LEU K 107 -6.88 9.90 13.26
C LEU K 107 -5.70 9.03 12.88
N PRO K 108 -5.92 8.05 11.98
CA PRO K 108 -7.22 7.79 11.38
C PRO K 108 -8.24 7.28 12.41
N GLY L 1 -5.50 -9.00 17.18
CA GLY L 1 -5.60 -10.49 17.11
C GLY L 1 -4.49 -11.11 16.28
N PRO L 2 -4.12 -10.44 15.18
CA PRO L 2 -3.07 -10.94 14.27
C PRO L 2 -1.68 -10.86 14.89
N THR L 3 -1.33 -9.68 15.41
CA THR L 3 -0.04 -9.49 16.04
C THR L 3 -0.01 -10.13 17.43
N SER L 4 -1.18 -10.49 17.94
CA SER L 4 -1.33 -10.82 19.35
C SER L 4 -0.73 -12.19 19.69
N LEU L 5 0.05 -12.23 20.76
CA LEU L 5 0.55 -13.49 21.30
C LEU L 5 -0.05 -13.77 22.67
N CYS L 6 -0.91 -14.78 22.73
CA CYS L 6 -1.76 -14.99 23.90
C CYS L 6 -1.25 -16.19 24.68
N CYS L 7 -1.60 -16.23 25.95
CA CYS L 7 -1.33 -17.39 26.78
C CYS L 7 -2.06 -18.61 26.23
N LYS L 8 -1.29 -19.65 25.92
CA LYS L 8 -1.83 -20.84 25.25
C LYS L 8 -2.91 -21.50 26.11
N GLN L 9 -2.71 -21.46 27.43
CA GLN L 9 -3.62 -22.11 28.36
C GLN L 9 -5.02 -21.49 28.38
N CYS L 10 -5.13 -20.24 28.82
CA CYS L 10 -6.45 -19.61 28.95
C CYS L 10 -6.91 -18.93 27.66
N GLN L 11 -6.01 -18.81 26.70
CA GLN L 11 -6.36 -18.44 25.33
C GLN L 11 -6.64 -16.94 25.14
N GLU L 12 -7.31 -16.32 26.10
CA GLU L 12 -7.88 -15.00 25.87
C GLU L 12 -6.91 -13.88 26.25
N THR L 13 -5.95 -14.21 27.11
CA THR L 13 -5.13 -13.22 27.79
C THR L 13 -3.89 -12.91 26.95
N GLU L 14 -3.83 -11.70 26.40
CA GLU L 14 -2.68 -11.31 25.61
C GLU L 14 -1.45 -11.06 26.47
N ILE L 15 -0.33 -11.67 26.10
CA ILE L 15 0.90 -11.49 26.87
C ILE L 15 1.86 -10.52 26.19
N THR L 16 1.91 -10.55 24.87
CA THR L 16 2.74 -9.61 24.12
C THR L 16 2.26 -9.58 22.67
N THR L 17 2.92 -8.78 21.84
CA THR L 17 2.63 -8.78 20.41
C THR L 17 3.89 -9.03 19.59
N LYS L 18 3.70 -9.37 18.32
CA LYS L 18 4.83 -9.50 17.41
C LYS L 18 5.62 -8.19 17.29
N ASN L 19 4.94 -7.06 17.50
CA ASN L 19 5.59 -5.76 17.34
C ASN L 19 6.70 -5.53 18.36
N GLU L 20 6.66 -6.28 19.46
CA GLU L 20 7.54 -6.01 20.59
C GLU L 20 8.77 -6.90 20.57
N ILE L 21 8.83 -7.81 19.60
CA ILE L 21 9.94 -8.75 19.48
C ILE L 21 11.23 -8.03 19.10
N PHE L 22 12.34 -8.39 19.76
CA PHE L 22 13.66 -7.92 19.37
C PHE L 22 14.71 -9.00 19.63
N SER L 23 15.92 -8.78 19.13
CA SER L 23 17.01 -9.74 19.33
C SER L 23 18.14 -9.16 20.16
N LEU L 24 18.36 -9.75 21.33
CA LEU L 24 19.49 -9.41 22.18
C LEU L 24 20.76 -10.14 21.72
N SER L 25 21.86 -9.41 21.62
CA SER L 25 23.17 -10.00 21.36
C SER L 25 23.23 -10.66 19.99
N HIS L 41 13.82 -20.42 17.72
CA HIS L 41 14.52 -20.51 19.00
C HIS L 41 13.57 -20.32 20.17
N GLU L 42 13.80 -21.06 21.24
CA GLU L 42 12.73 -21.47 22.15
C GLU L 42 12.20 -20.28 22.96
N THR L 43 13.03 -19.25 23.08
CA THR L 43 12.72 -18.15 23.99
C THR L 43 12.62 -16.83 23.23
N LEU L 44 11.43 -16.27 23.23
CA LEU L 44 11.15 -15.01 22.54
C LEU L 44 11.47 -13.85 23.49
N THR L 45 12.25 -12.88 23.01
CA THR L 45 12.53 -11.69 23.81
C THR L 45 11.77 -10.47 23.28
N VAL L 46 10.99 -9.85 24.16
CA VAL L 46 10.17 -8.69 23.79
C VAL L 46 10.42 -7.52 24.72
N TYR L 47 10.28 -6.31 24.19
CA TYR L 47 10.50 -5.11 24.97
C TYR L 47 9.41 -4.95 26.01
N LYS L 48 8.19 -5.35 25.63
CA LYS L 48 6.99 -5.07 26.44
C LYS L 48 6.10 -6.30 26.51
N ALA L 49 5.45 -6.48 27.66
CA ALA L 49 4.46 -7.54 27.82
C ALA L 49 3.36 -7.10 28.77
N SER L 50 2.26 -7.84 28.78
CA SER L 50 1.10 -7.47 29.59
C SER L 50 0.56 -8.67 30.35
N ASN L 51 -0.20 -8.40 31.40
CA ASN L 51 -1.06 -9.41 32.03
C ASN L 51 -0.23 -10.55 32.64
N LEU L 52 1.01 -10.25 33.00
CA LEU L 52 1.84 -11.17 33.77
C LEU L 52 1.93 -10.70 35.22
N ASN L 53 1.93 -11.65 36.15
CA ASN L 53 2.34 -11.36 37.52
C ASN L 53 3.76 -11.82 37.79
N LEU L 54 4.52 -10.99 38.49
CA LEU L 54 5.88 -11.33 38.87
C LEU L 54 5.88 -12.10 40.18
N ILE L 55 6.66 -13.17 40.22
CA ILE L 55 6.80 -13.99 41.42
C ILE L 55 8.22 -13.87 41.97
N GLY L 56 8.33 -13.48 43.23
CA GLY L 56 9.61 -13.53 43.93
C GLY L 56 10.44 -12.29 43.68
N ARG L 57 11.76 -12.42 43.88
CA ARG L 57 12.68 -11.31 43.67
C ARG L 57 13.66 -11.64 42.56
N PRO L 58 14.32 -10.61 41.99
CA PRO L 58 15.25 -10.85 40.89
C PRO L 58 16.43 -11.73 41.32
N SER L 59 16.94 -12.54 40.40
CA SER L 59 18.11 -13.37 40.67
C SER L 59 19.01 -13.47 39.45
N THR L 60 20.33 -13.54 39.67
CA THR L 60 21.27 -13.68 38.56
C THR L 60 21.70 -15.12 38.35
N VAL L 61 21.27 -16.00 39.24
CA VAL L 61 21.68 -17.41 39.18
C VAL L 61 21.27 -18.05 37.84
N HIS L 62 22.25 -18.60 37.12
CA HIS L 62 22.00 -19.28 35.85
C HIS L 62 21.35 -18.41 34.78
N SER L 63 21.48 -17.09 34.91
CA SER L 63 20.85 -16.20 33.93
C SER L 63 21.32 -16.54 32.52
N TRP L 64 20.36 -16.69 31.60
CA TRP L 64 20.68 -16.96 30.20
C TRP L 64 21.20 -15.71 29.49
N PHE L 65 21.03 -14.56 30.13
CA PHE L 65 21.43 -13.30 29.51
C PHE L 65 22.36 -12.52 30.44
N PRO L 66 23.66 -12.78 30.37
CA PRO L 66 24.57 -12.25 31.39
C PRO L 66 24.45 -10.74 31.47
N GLY L 67 24.43 -10.21 32.69
CA GLY L 67 24.18 -8.79 32.90
C GLY L 67 22.76 -8.53 33.33
N TYR L 68 21.88 -9.50 33.10
CA TYR L 68 20.49 -9.39 33.52
C TYR L 68 20.16 -10.40 34.62
N ALA L 69 19.38 -9.95 35.60
CA ALA L 69 18.72 -10.85 36.54
C ALA L 69 17.33 -11.21 36.01
N TRP L 70 16.77 -12.29 36.54
CA TRP L 70 15.47 -12.76 36.10
C TRP L 70 14.45 -12.83 37.24
N THR L 71 13.19 -12.61 36.90
CA THR L 71 12.08 -12.82 37.83
C THR L 71 11.00 -13.62 37.11
N ILE L 72 10.56 -14.72 37.72
CA ILE L 72 9.49 -15.53 37.16
C ILE L 72 8.25 -14.71 36.83
N ALA L 73 7.68 -14.95 35.65
CA ALA L 73 6.46 -14.26 35.23
C ALA L 73 5.39 -15.25 34.81
N GLN L 74 4.22 -15.14 35.41
CA GLN L 74 3.12 -16.05 35.13
C GLN L 74 1.84 -15.31 34.75
N CYS L 75 1.01 -15.96 33.94
CA CYS L 75 -0.23 -15.36 33.47
C CYS L 75 -1.11 -15.00 34.65
N LYS L 76 -1.68 -13.79 34.61
CA LYS L 76 -2.43 -13.27 35.75
C LYS L 76 -3.78 -13.96 35.86
N ILE L 77 -4.19 -14.62 34.78
CA ILE L 77 -5.46 -15.32 34.73
C ILE L 77 -5.34 -16.78 35.19
N CYS L 78 -4.43 -17.53 34.57
CA CYS L 78 -4.38 -18.97 34.78
C CYS L 78 -3.13 -19.44 35.51
N ALA L 79 -2.26 -18.49 35.89
CA ALA L 79 -1.05 -18.79 36.64
C ALA L 79 -0.03 -19.65 35.89
N SER L 80 -0.27 -19.89 34.61
CA SER L 80 0.73 -20.56 33.76
C SER L 80 2.03 -19.76 33.72
N HIS L 81 3.15 -20.44 33.88
CA HIS L 81 4.46 -19.77 33.82
C HIS L 81 4.85 -19.49 32.37
N ILE L 82 4.78 -18.22 31.99
CA ILE L 82 5.01 -17.85 30.60
C ILE L 82 6.49 -17.60 30.33
N GLY L 83 7.19 -17.09 31.33
CA GLY L 83 8.62 -16.80 31.19
C GLY L 83 9.14 -15.95 32.33
N TRP L 84 9.98 -14.97 32.00
CA TRP L 84 10.70 -14.20 33.01
C TRP L 84 10.79 -12.74 32.58
N LYS L 85 10.70 -11.83 33.54
CA LYS L 85 11.23 -10.49 33.36
C LYS L 85 12.73 -10.45 33.62
N PHE L 86 13.48 -9.94 32.64
CA PHE L 86 14.91 -9.74 32.81
C PHE L 86 15.24 -8.27 33.09
N THR L 87 15.98 -8.03 34.16
CA THR L 87 16.31 -6.66 34.59
C THR L 87 17.83 -6.44 34.66
N ALA L 88 18.29 -5.36 34.05
CA ALA L 88 19.72 -5.08 33.94
C ALA L 88 20.36 -4.87 35.31
N THR L 89 21.59 -5.36 35.47
CA THR L 89 22.31 -5.17 36.72
C THR L 89 23.13 -3.89 36.70
N LYS L 90 23.32 -3.34 35.51
CA LYS L 90 24.08 -2.10 35.35
C LYS L 90 23.27 -1.04 34.61
N LYS L 91 23.54 0.23 34.94
CA LYS L 91 22.71 1.32 34.46
C LYS L 91 23.05 1.71 33.01
N ASP L 92 24.17 1.20 32.51
CA ASP L 92 24.64 1.63 31.19
C ASP L 92 24.18 0.69 30.07
N MET L 93 23.36 -0.30 30.43
CA MET L 93 22.89 -1.29 29.48
C MET L 93 21.59 -0.83 28.81
N SER L 94 21.31 -1.39 27.63
CA SER L 94 19.99 -1.26 27.01
C SER L 94 19.55 -2.59 26.38
N PRO L 95 18.25 -2.94 26.51
CA PRO L 95 17.32 -2.22 27.37
C PRO L 95 17.58 -2.52 28.84
N GLN L 96 17.03 -1.69 29.72
CA GLN L 96 17.17 -1.89 31.15
C GLN L 96 16.32 -3.06 31.63
N LYS L 97 15.27 -3.36 30.87
CA LYS L 97 14.51 -4.57 31.10
C LYS L 97 13.91 -5.09 29.80
N PHE L 98 13.61 -6.39 29.78
CA PHE L 98 12.79 -6.97 28.73
C PHE L 98 12.15 -8.22 29.27
N TRP L 99 11.43 -8.92 28.42
CA TRP L 99 10.83 -10.19 28.78
C TRP L 99 11.37 -11.31 27.92
N GLY L 100 11.69 -12.43 28.56
CA GLY L 100 12.00 -13.67 27.84
C GLY L 100 10.89 -14.68 28.02
N LEU L 101 10.21 -15.00 26.93
CA LEU L 101 8.98 -15.78 26.99
C LEU L 101 9.15 -17.13 26.29
N THR L 102 8.69 -18.18 26.96
CA THR L 102 8.73 -19.52 26.39
C THR L 102 7.74 -19.64 25.24
N ARG L 103 8.24 -19.87 24.04
CA ARG L 103 7.45 -19.70 22.82
C ARG L 103 6.26 -20.67 22.82
N SER L 104 6.47 -21.86 23.38
CA SER L 104 5.42 -22.89 23.36
C SER L 104 4.32 -22.57 24.36
N ALA L 105 4.54 -21.59 25.23
CA ALA L 105 3.52 -21.16 26.18
C ALA L 105 2.56 -20.16 25.54
N LEU L 106 2.79 -19.82 24.28
CA LEU L 106 2.02 -18.78 23.62
C LEU L 106 1.29 -19.32 22.38
N LEU L 107 0.17 -18.67 22.03
CA LEU L 107 -0.49 -18.86 20.74
C LEU L 107 -0.57 -17.50 20.03
N PRO L 108 -0.42 -17.50 18.69
CA PRO L 108 0.05 -18.61 17.86
C PRO L 108 1.32 -19.23 18.42
N GLY M 1 -7.32 -25.31 -13.59
CA GLY M 1 -7.36 -24.24 -12.53
C GLY M 1 -6.09 -24.21 -11.71
N PRO M 2 -5.87 -23.11 -10.97
CA PRO M 2 -4.63 -22.90 -10.22
C PRO M 2 -4.50 -23.85 -9.03
N THR M 3 -5.64 -24.38 -8.58
CA THR M 3 -5.65 -25.37 -7.51
C THR M 3 -5.39 -26.78 -8.03
N SER M 4 -5.23 -26.92 -9.33
CA SER M 4 -5.25 -28.22 -9.97
C SER M 4 -3.87 -28.90 -9.92
N LEU M 5 -3.84 -30.16 -9.48
CA LEU M 5 -2.61 -30.94 -9.51
C LEU M 5 -2.69 -32.03 -10.58
N CYS M 6 -1.86 -31.90 -11.61
CA CYS M 6 -1.98 -32.70 -12.81
C CYS M 6 -0.89 -33.76 -12.91
N CYS M 7 -1.20 -34.85 -13.60
CA CYS M 7 -0.21 -35.87 -13.90
C CYS M 7 0.95 -35.28 -14.70
N LYS M 8 2.17 -35.55 -14.24
CA LYS M 8 3.37 -34.95 -14.80
C LYS M 8 3.61 -35.43 -16.24
N GLN M 9 3.20 -36.67 -16.53
CA GLN M 9 3.51 -37.30 -17.80
C GLN M 9 2.65 -36.77 -18.95
N CYS M 10 1.34 -36.90 -18.84
CA CYS M 10 0.42 -36.48 -19.91
C CYS M 10 -0.01 -35.02 -19.73
N GLN M 11 0.30 -34.46 -18.57
CA GLN M 11 0.23 -33.02 -18.37
C GLN M 11 -1.21 -32.50 -18.22
N GLU M 12 -2.16 -33.14 -18.90
CA GLU M 12 -3.50 -32.58 -19.06
C GLU M 12 -4.46 -33.06 -17.96
N THR M 13 -4.13 -34.20 -17.36
CA THR M 13 -5.10 -34.96 -16.57
C THR M 13 -5.01 -34.56 -15.10
N GLU M 14 -6.10 -34.00 -14.59
CA GLU M 14 -6.16 -33.59 -13.20
C GLU M 14 -6.29 -34.80 -12.28
N ILE M 15 -5.38 -34.90 -11.32
CA ILE M 15 -5.39 -36.03 -10.40
C ILE M 15 -6.01 -35.67 -9.05
N THR M 16 -5.76 -34.45 -8.60
CA THR M 16 -6.39 -33.95 -7.39
C THR M 16 -6.26 -32.43 -7.36
N THR M 17 -6.78 -31.81 -6.30
CA THR M 17 -6.63 -30.39 -6.14
C THR M 17 -6.02 -30.07 -4.79
N LYS M 18 -5.44 -28.88 -4.68
CA LYS M 18 -4.88 -28.40 -3.42
C LYS M 18 -5.95 -28.39 -2.32
N ASN M 19 -7.21 -28.28 -2.72
CA ASN M 19 -8.32 -28.27 -1.78
C ASN M 19 -8.51 -29.60 -1.06
N GLU M 20 -7.98 -30.68 -1.64
CA GLU M 20 -8.21 -32.02 -1.09
C GLU M 20 -7.08 -32.44 -0.14
N ILE M 21 -6.04 -31.62 -0.04
CA ILE M 21 -4.87 -31.97 0.74
C ILE M 21 -5.21 -31.94 2.23
N PHE M 22 -4.78 -32.99 2.94
CA PHE M 22 -4.88 -33.00 4.39
C PHE M 22 -3.64 -33.70 4.97
N SER M 23 -3.43 -33.52 6.27
CA SER M 23 -2.30 -34.16 6.96
C SER M 23 -2.75 -35.33 7.81
N LEU M 24 -2.44 -36.53 7.34
CA LEU M 24 -2.59 -37.73 8.13
C LEU M 24 -1.48 -37.79 9.18
N SER M 25 -0.25 -37.64 8.71
CA SER M 25 0.92 -37.56 9.57
C SER M 25 0.79 -36.43 10.59
N LEU M 26 1.22 -36.70 11.82
CA LEU M 26 1.05 -35.77 12.93
C LEU M 26 0.01 -36.27 13.93
N HIS M 41 7.67 -33.41 2.53
CA HIS M 41 7.93 -34.83 2.39
C HIS M 41 7.50 -35.34 1.01
N GLU M 42 7.42 -36.65 0.87
CA GLU M 42 7.53 -37.29 -0.44
C GLU M 42 6.13 -37.57 -0.99
N THR M 43 5.21 -37.83 -0.08
CA THR M 43 3.88 -38.33 -0.43
C THR M 43 2.79 -37.38 0.04
N LEU M 44 2.03 -36.87 -0.92
CA LEU M 44 0.89 -36.00 -0.65
C LEU M 44 -0.33 -36.85 -0.31
N THR M 45 -1.03 -36.52 0.77
CA THR M 45 -2.26 -37.24 1.09
C THR M 45 -3.49 -36.39 0.87
N VAL M 46 -4.42 -36.91 0.06
CA VAL M 46 -5.64 -36.19 -0.28
C VAL M 46 -6.88 -37.04 -0.04
N TYR M 47 -7.98 -36.37 0.29
CA TYR M 47 -9.24 -37.05 0.59
C TYR M 47 -9.85 -37.63 -0.68
N LYS M 48 -9.62 -36.93 -1.79
CA LYS M 48 -10.28 -37.25 -3.05
C LYS M 48 -9.29 -37.10 -4.20
N ALA M 49 -9.38 -37.99 -5.18
CA ALA M 49 -8.61 -37.86 -6.41
C ALA M 49 -9.44 -38.34 -7.60
N SER M 50 -9.00 -38.00 -8.80
CA SER M 50 -9.75 -38.32 -10.01
C SER M 50 -8.87 -38.96 -11.09
N ASN M 51 -9.52 -39.61 -12.05
CA ASN M 51 -8.88 -39.99 -13.30
C ASN M 51 -7.74 -40.96 -13.05
N LEU M 52 -7.80 -41.63 -11.89
CA LEU M 52 -6.88 -42.73 -11.61
C LEU M 52 -7.58 -44.06 -11.84
N ASN M 53 -6.79 -45.03 -12.29
CA ASN M 53 -7.25 -46.39 -12.45
C ASN M 53 -6.58 -47.29 -11.41
N LEU M 54 -7.38 -48.09 -10.70
CA LEU M 54 -6.86 -48.97 -9.66
C LEU M 54 -6.38 -50.29 -10.25
N ILE M 55 -5.20 -50.73 -9.81
CA ILE M 55 -4.66 -52.03 -10.23
C ILE M 55 -4.64 -52.97 -9.02
N GLY M 56 -5.26 -54.14 -9.16
CA GLY M 56 -5.11 -55.21 -8.18
C GLY M 56 -6.01 -55.06 -6.98
N ARG M 57 -5.80 -55.89 -5.96
CA ARG M 57 -6.58 -55.82 -4.72
C ARG M 57 -5.75 -55.15 -3.61
N PRO M 58 -6.42 -54.75 -2.53
CA PRO M 58 -5.72 -54.09 -1.43
C PRO M 58 -4.69 -55.01 -0.78
N SER M 59 -3.60 -54.44 -0.27
CA SER M 59 -2.66 -55.19 0.56
C SER M 59 -2.17 -54.35 1.73
N THR M 60 -1.82 -55.01 2.83
CA THR M 60 -1.27 -54.32 4.00
C THR M 60 0.27 -54.36 4.03
N VAL M 61 0.86 -55.13 3.13
CA VAL M 61 2.31 -55.35 3.16
C VAL M 61 3.09 -54.04 3.05
N HIS M 62 3.93 -53.78 4.04
CA HIS M 62 4.84 -52.63 4.01
C HIS M 62 4.11 -51.28 3.95
N SER M 63 2.85 -51.25 4.40
CA SER M 63 2.05 -50.03 4.28
C SER M 63 2.68 -48.86 5.03
N TRP M 64 2.77 -47.71 4.36
CA TRP M 64 3.39 -46.53 4.96
C TRP M 64 2.47 -45.90 5.99
N PHE M 65 1.22 -46.35 6.00
CA PHE M 65 0.20 -45.77 6.88
C PHE M 65 -0.49 -46.87 7.67
N PRO M 66 0.15 -47.31 8.76
CA PRO M 66 -0.31 -48.43 9.56
C PRO M 66 -1.81 -48.34 9.83
N GLY M 67 -2.53 -49.42 9.56
CA GLY M 67 -3.98 -49.43 9.72
C GLY M 67 -4.71 -49.31 8.39
N TYR M 68 -3.97 -48.99 7.34
CA TYR M 68 -4.53 -48.92 6.00
C TYR M 68 -3.87 -49.94 5.07
N ALA M 69 -4.67 -50.50 4.17
CA ALA M 69 -4.15 -51.23 3.00
C ALA M 69 -3.99 -50.29 1.80
N TRP M 70 -3.14 -50.70 0.85
CA TRP M 70 -2.90 -49.91 -0.37
C TRP M 70 -3.31 -50.65 -1.64
N THR M 71 -3.78 -49.89 -2.62
CA THR M 71 -3.96 -50.39 -3.99
C THR M 71 -3.29 -49.43 -4.96
N ILE M 72 -2.48 -49.96 -5.87
CA ILE M 72 -1.72 -49.11 -6.78
C ILE M 72 -2.67 -48.29 -7.64
N ALA M 73 -2.35 -47.02 -7.82
CA ALA M 73 -3.18 -46.12 -8.62
C ALA M 73 -2.37 -45.48 -9.74
N GLN M 74 -2.86 -45.62 -10.97
CA GLN M 74 -2.20 -45.06 -12.14
C GLN M 74 -3.11 -44.08 -12.87
N CYS M 75 -2.51 -43.15 -13.59
CA CYS M 75 -3.25 -42.26 -14.47
C CYS M 75 -3.98 -43.03 -15.56
N LYS M 76 -5.28 -42.79 -15.69
CA LYS M 76 -6.10 -43.56 -16.62
C LYS M 76 -5.76 -43.22 -18.07
N ILE M 77 -5.08 -42.09 -18.25
CA ILE M 77 -4.70 -41.63 -19.58
C ILE M 77 -3.38 -42.23 -20.05
N CYS M 78 -2.34 -42.11 -19.22
CA CYS M 78 -1.00 -42.50 -19.64
C CYS M 78 -0.44 -43.70 -18.87
N ALA M 79 -1.19 -44.18 -17.88
CA ALA M 79 -0.81 -45.37 -17.11
C ALA M 79 0.40 -45.17 -16.19
N SER M 80 0.83 -43.92 -16.05
CA SER M 80 1.87 -43.58 -15.08
C SER M 80 1.40 -43.81 -13.66
N HIS M 81 2.21 -44.53 -12.88
CA HIS M 81 1.89 -44.81 -11.49
C HIS M 81 2.03 -43.57 -10.62
N ILE M 82 0.89 -43.03 -10.17
CA ILE M 82 0.89 -41.75 -9.47
C ILE M 82 1.00 -41.96 -7.98
N GLY M 83 0.44 -43.06 -7.49
CA GLY M 83 0.40 -43.31 -6.06
C GLY M 83 -0.45 -44.50 -5.71
N TRP M 84 -1.24 -44.36 -4.65
CA TRP M 84 -2.03 -45.47 -4.12
C TRP M 84 -3.31 -44.94 -3.52
N LYS M 85 -4.35 -45.77 -3.59
CA LYS M 85 -5.51 -45.62 -2.75
C LYS M 85 -5.31 -46.37 -1.43
N PHE M 86 -5.50 -45.67 -0.32
CA PHE M 86 -5.39 -46.30 0.99
C PHE M 86 -6.77 -46.55 1.59
N THR M 87 -7.03 -47.78 2.01
CA THR M 87 -8.32 -48.14 2.58
C THR M 87 -8.17 -48.67 4.01
N ALA M 88 -9.00 -48.14 4.91
CA ALA M 88 -8.91 -48.47 6.33
C ALA M 88 -9.26 -49.94 6.55
N THR M 89 -8.53 -50.60 7.46
CA THR M 89 -8.82 -51.99 7.79
C THR M 89 -9.80 -52.12 8.95
N LYS M 90 -10.06 -51.01 9.65
CA LYS M 90 -10.99 -51.01 10.77
C LYS M 90 -12.04 -49.90 10.63
N LYS M 91 -13.25 -50.18 11.08
CA LYS M 91 -14.38 -49.29 10.84
C LYS M 91 -14.26 -47.98 11.62
N ASP M 92 -13.43 -47.98 12.66
CA ASP M 92 -13.44 -46.89 13.63
C ASP M 92 -12.43 -45.79 13.26
N MET M 93 -11.75 -45.99 12.14
CA MET M 93 -10.72 -45.05 11.69
C MET M 93 -11.34 -43.94 10.85
N SER M 94 -10.67 -42.79 10.81
CA SER M 94 -11.00 -41.78 9.81
C SER M 94 -9.72 -41.16 9.24
N PRO M 95 -9.74 -40.84 7.93
CA PRO M 95 -10.80 -41.23 7.01
C PRO M 95 -10.75 -42.74 6.73
N GLN M 96 -11.86 -43.29 6.25
CA GLN M 96 -11.91 -44.70 5.88
C GLN M 96 -11.07 -44.96 4.64
N LYS M 97 -10.78 -43.89 3.91
CA LYS M 97 -10.15 -44.01 2.60
C LYS M 97 -9.51 -42.68 2.23
N PHE M 98 -8.33 -42.75 1.63
CA PHE M 98 -7.69 -41.56 1.06
C PHE M 98 -6.68 -41.97 -0.01
N TRP M 99 -6.04 -40.98 -0.63
CA TRP M 99 -5.02 -41.26 -1.64
C TRP M 99 -3.66 -40.74 -1.19
N GLY M 100 -2.64 -41.58 -1.36
CA GLY M 100 -1.27 -41.14 -1.15
C GLY M 100 -0.55 -41.02 -2.47
N LEU M 101 -0.24 -39.79 -2.85
CA LEU M 101 0.27 -39.52 -4.18
C LEU M 101 1.72 -39.05 -4.15
N THR M 102 2.54 -39.65 -5.01
CA THR M 102 3.93 -39.25 -5.14
C THR M 102 4.05 -37.84 -5.69
N ARG M 103 4.58 -36.93 -4.88
CA ARG M 103 4.64 -35.52 -5.23
C ARG M 103 5.30 -35.32 -6.60
N SER M 104 6.31 -36.13 -6.89
CA SER M 104 7.15 -35.91 -8.06
C SER M 104 6.46 -36.36 -9.35
N ALA M 105 5.34 -37.07 -9.20
CA ALA M 105 4.57 -37.50 -10.38
C ALA M 105 3.46 -36.50 -10.73
N LEU M 106 3.43 -35.36 -10.06
CA LEU M 106 2.42 -34.33 -10.29
C LEU M 106 3.02 -32.98 -10.68
N LEU M 107 2.25 -32.19 -11.42
CA LEU M 107 2.51 -30.75 -11.58
C LEU M 107 1.30 -29.93 -11.14
N PRO M 108 1.56 -28.71 -10.63
CA PRO M 108 2.90 -28.12 -10.52
C PRO M 108 3.82 -28.96 -9.65
N THR N 3 -5.24 -23.10 6.69
CA THR N 3 -6.36 -24.01 6.32
C THR N 3 -6.55 -25.15 7.32
N SER N 4 -5.46 -25.55 7.98
CA SER N 4 -5.50 -26.74 8.84
C SER N 4 -6.22 -26.46 10.16
N LEU N 5 -7.17 -27.32 10.51
CA LEU N 5 -7.80 -27.26 11.81
C LEU N 5 -7.40 -28.43 12.70
N CYS N 6 -6.63 -28.12 13.74
CA CYS N 6 -5.98 -29.14 14.53
C CYS N 6 -6.67 -29.28 15.87
N CYS N 7 -6.50 -30.43 16.49
CA CYS N 7 -6.97 -30.64 17.86
C CYS N 7 -6.28 -29.66 18.80
N LYS N 8 -7.09 -28.91 19.55
CA LYS N 8 -6.56 -27.83 20.37
C LYS N 8 -5.67 -28.40 21.49
N GLN N 9 -6.00 -29.60 21.95
CA GLN N 9 -5.31 -30.22 23.08
C GLN N 9 -3.89 -30.65 22.75
N CYS N 10 -3.72 -31.59 21.82
CA CYS N 10 -2.40 -32.10 21.46
C CYS N 10 -1.72 -31.28 20.37
N GLN N 11 -2.48 -30.38 19.75
CA GLN N 11 -1.92 -29.33 18.91
C GLN N 11 -1.50 -29.81 17.53
N GLU N 12 -0.91 -31.01 17.46
CA GLU N 12 -0.19 -31.43 16.27
C GLU N 12 -1.13 -32.14 15.28
N THR N 13 -2.22 -32.68 15.80
CA THR N 13 -3.03 -33.65 15.07
C THR N 13 -4.11 -32.92 14.28
N GLU N 14 -4.01 -32.97 12.96
CA GLU N 14 -5.01 -32.32 12.12
C GLU N 14 -6.30 -33.12 12.09
N ILE N 15 -7.43 -32.44 12.29
CA ILE N 15 -8.73 -33.11 12.31
C ILE N 15 -9.50 -32.85 11.01
N THR N 16 -9.42 -31.63 10.51
CA THR N 16 -10.02 -31.31 9.22
C THR N 16 -9.32 -30.09 8.63
N THR N 17 -9.82 -29.60 7.50
CA THR N 17 -9.33 -28.35 6.93
C THR N 17 -10.49 -27.40 6.62
N LYS N 18 -10.16 -26.13 6.45
CA LYS N 18 -11.17 -25.15 6.07
C LYS N 18 -11.84 -25.52 4.75
N ASN N 19 -11.10 -26.22 3.89
CA ASN N 19 -11.62 -26.58 2.57
C ASN N 19 -12.82 -27.51 2.64
N GLU N 20 -12.94 -28.24 3.74
CA GLU N 20 -13.94 -29.28 3.86
C GLU N 20 -15.25 -28.76 4.46
N ILE N 21 -15.25 -27.47 4.84
CA ILE N 21 -16.41 -26.89 5.51
C ILE N 21 -17.59 -26.74 4.55
N PHE N 22 -18.79 -27.08 5.02
CA PHE N 22 -20.00 -26.98 4.21
C PHE N 22 -21.20 -26.56 5.05
N SER N 23 -22.31 -26.29 4.37
CA SER N 23 -23.53 -25.88 5.05
C SER N 23 -24.66 -26.88 4.82
N LEU N 24 -25.29 -27.30 5.91
CA LEU N 24 -26.39 -28.25 5.84
C LEU N 24 -27.69 -27.63 6.31
N SER N 25 -28.75 -27.80 5.51
CA SER N 25 -30.06 -27.27 5.85
C SER N 25 -30.13 -25.77 5.61
N HIS N 41 -21.16 -19.68 15.05
CA HIS N 41 -21.95 -20.86 15.38
C HIS N 41 -21.07 -22.02 15.83
N GLU N 42 -21.54 -22.77 16.81
CA GLU N 42 -20.67 -23.50 17.72
C GLU N 42 -20.13 -24.78 17.09
N THR N 43 -20.87 -25.30 16.12
CA THR N 43 -20.58 -26.62 15.56
C THR N 43 -20.26 -26.51 14.07
N LEU N 44 -19.04 -26.89 13.70
CA LEU N 44 -18.57 -26.81 12.32
C LEU N 44 -18.90 -28.12 11.61
N THR N 45 -19.48 -28.04 10.41
CA THR N 45 -19.80 -29.26 9.66
C THR N 45 -18.91 -29.40 8.44
N VAL N 46 -18.18 -30.52 8.36
CA VAL N 46 -17.23 -30.75 7.28
C VAL N 46 -17.51 -32.07 6.59
N TYR N 47 -17.17 -32.13 5.30
CA TYR N 47 -17.39 -33.34 4.51
C TYR N 47 -16.45 -34.44 4.95
N LYS N 48 -15.23 -34.04 5.31
CA LYS N 48 -14.13 -34.98 5.55
C LYS N 48 -13.39 -34.59 6.82
N ALA N 49 -12.91 -35.59 7.54
CA ALA N 49 -12.05 -35.35 8.70
C ALA N 49 -11.06 -36.51 8.85
N SER N 50 -10.03 -36.30 9.67
CA SER N 50 -8.96 -37.28 9.82
C SER N 50 -8.60 -37.48 11.27
N ASN N 51 -7.98 -38.62 11.58
CA ASN N 51 -7.29 -38.81 12.85
C ASN N 51 -8.24 -38.81 14.04
N LEU N 52 -9.51 -39.09 13.77
CA LEU N 52 -10.49 -39.32 14.83
C LEU N 52 -10.76 -40.82 14.98
N ASN N 53 -10.96 -41.27 16.22
CA ASN N 53 -11.52 -42.59 16.47
C ASN N 53 -13.00 -42.53 16.79
N LEU N 54 -13.74 -43.49 16.29
CA LEU N 54 -15.18 -43.56 16.54
C LEU N 54 -15.44 -44.41 17.78
N ILE N 55 -16.27 -43.90 18.68
CA ILE N 55 -16.64 -44.62 19.90
C ILE N 55 -18.10 -45.05 19.85
N GLY N 56 -18.33 -46.35 19.95
CA GLY N 56 -19.69 -46.87 20.09
C GLY N 56 -20.41 -47.03 18.77
N ARG N 57 -21.73 -47.11 18.82
CA ARG N 57 -22.55 -47.31 17.62
C ARG N 57 -23.40 -46.07 17.35
N PRO N 58 -23.87 -45.91 16.10
CA PRO N 58 -24.68 -44.74 15.76
C PRO N 58 -25.95 -44.65 16.59
N SER N 59 -26.39 -43.43 16.89
CA SER N 59 -27.68 -43.23 17.54
C SER N 59 -28.38 -41.98 17.01
N THR N 60 -29.71 -42.03 16.93
CA THR N 60 -30.48 -40.86 16.48
C THR N 60 -31.03 -40.05 17.64
N VAL N 61 -30.76 -40.49 18.86
CA VAL N 61 -31.31 -39.80 20.01
C VAL N 61 -30.79 -38.38 20.07
N HIS N 62 -31.69 -37.44 20.16
CA HIS N 62 -31.36 -36.03 20.26
C HIS N 62 -30.47 -35.56 19.13
N SER N 63 -30.60 -36.11 17.93
CA SER N 63 -29.70 -35.73 16.85
C SER N 63 -29.99 -34.29 16.51
N TRP N 64 -28.97 -33.46 16.42
CA TRP N 64 -29.13 -32.07 16.03
C TRP N 64 -29.47 -31.94 14.55
N PHE N 65 -29.24 -33.01 13.80
CA PHE N 65 -29.46 -32.99 12.35
C PHE N 65 -30.44 -34.08 11.95
N PRO N 66 -31.74 -33.77 11.98
CA PRO N 66 -32.75 -34.82 11.77
C PRO N 66 -32.55 -35.53 10.43
N GLY N 67 -32.57 -36.85 10.48
CA GLY N 67 -32.22 -37.65 9.30
C GLY N 67 -30.89 -38.34 9.48
N TYR N 68 -30.07 -37.84 10.41
CA TYR N 68 -28.75 -38.39 10.65
C TYR N 68 -28.63 -38.97 12.06
N ALA N 69 -27.93 -40.10 12.17
CA ALA N 69 -27.47 -40.59 13.46
C ALA N 69 -26.08 -40.05 13.75
N TRP N 70 -25.69 -40.09 15.02
CA TRP N 70 -24.38 -39.60 15.43
C TRP N 70 -23.56 -40.70 16.09
N THR N 71 -22.25 -40.63 15.88
CA THR N 71 -21.29 -41.44 16.61
C THR N 71 -20.23 -40.51 17.18
N ILE N 72 -19.92 -40.68 18.46
CA ILE N 72 -18.88 -39.88 19.10
C ILE N 72 -17.52 -40.04 18.42
N ALA N 73 -16.81 -38.93 18.25
CA ALA N 73 -15.52 -38.93 17.59
C ALA N 73 -14.48 -38.20 18.42
N GLN N 74 -13.42 -38.91 18.79
CA GLN N 74 -12.37 -38.34 19.63
C GLN N 74 -11.00 -38.44 18.95
N CYS N 75 -10.15 -37.46 19.24
CA CYS N 75 -8.80 -37.43 18.69
C CYS N 75 -8.07 -38.72 18.99
N LYS N 76 -7.38 -39.27 17.99
CA LYS N 76 -6.75 -40.58 18.13
C LYS N 76 -5.48 -40.48 18.98
N ILE N 77 -4.98 -39.26 19.13
CA ILE N 77 -3.75 -39.01 19.89
C ILE N 77 -4.05 -38.78 21.37
N CYS N 78 -4.93 -37.83 21.67
CA CYS N 78 -5.12 -37.41 23.05
C CYS N 78 -6.49 -37.78 23.63
N ALA N 79 -7.35 -38.37 22.78
CA ALA N 79 -8.67 -38.83 23.20
C ALA N 79 -9.64 -37.69 23.54
N SER N 80 -9.28 -36.46 23.23
CA SER N 80 -10.20 -35.34 23.36
C SER N 80 -11.41 -35.54 22.44
N HIS N 81 -12.60 -35.31 22.98
CA HIS N 81 -13.82 -35.44 22.21
C HIS N 81 -13.99 -34.24 21.30
N ILE N 82 -13.79 -34.44 20.00
CA ILE N 82 -13.78 -33.32 19.06
C ILE N 82 -15.19 -33.07 18.52
N GLY N 83 -15.95 -34.14 18.32
CA GLY N 83 -17.31 -34.02 17.81
C GLY N 83 -17.93 -35.38 17.51
N TRP N 84 -18.62 -35.45 16.37
CA TRP N 84 -19.42 -36.63 16.04
C TRP N 84 -19.33 -36.87 14.54
N LYS N 85 -19.35 -38.14 14.15
CA LYS N 85 -19.68 -38.49 12.79
C LYS N 85 -21.19 -38.65 12.63
N PHE N 86 -21.76 -37.89 11.70
CA PHE N 86 -23.18 -38.02 11.39
C PHE N 86 -23.39 -38.87 10.13
N THR N 87 -24.20 -39.90 10.26
CA THR N 87 -24.47 -40.83 9.16
C THR N 87 -25.97 -40.88 8.81
N ALA N 88 -26.27 -40.74 7.52
CA ALA N 88 -27.65 -40.62 7.07
C ALA N 88 -28.44 -41.89 7.35
N THR N 89 -29.72 -41.74 7.68
CA THR N 89 -30.58 -42.88 7.97
C THR N 89 -31.32 -43.34 6.71
N LYS N 90 -31.28 -42.52 5.67
CA LYS N 90 -31.91 -42.85 4.40
C LYS N 90 -30.93 -42.70 3.23
N LYS N 91 -31.12 -43.51 2.20
CA LYS N 91 -30.17 -43.59 1.10
C LYS N 91 -30.27 -42.42 0.13
N ASP N 92 -31.38 -41.69 0.19
CA ASP N 92 -31.63 -40.62 -0.80
C ASP N 92 -31.08 -39.27 -0.34
N MET N 93 -30.36 -39.26 0.78
CA MET N 93 -29.87 -38.04 1.38
C MET N 93 -28.46 -37.72 0.88
N SER N 94 -28.11 -36.44 0.86
CA SER N 94 -26.71 -36.03 0.67
C SER N 94 -26.30 -34.93 1.66
N PRO N 95 -25.07 -35.02 2.19
CA PRO N 95 -24.20 -36.18 2.02
C PRO N 95 -24.70 -37.35 2.86
N GLN N 96 -24.19 -38.55 2.57
CA GLN N 96 -24.51 -39.73 3.34
C GLN N 96 -23.85 -39.72 4.71
N LYS N 97 -22.76 -38.94 4.81
CA LYS N 97 -22.13 -38.71 6.09
C LYS N 97 -21.41 -37.38 6.10
N PHE N 98 -21.25 -36.82 7.28
CA PHE N 98 -20.36 -35.68 7.47
C PHE N 98 -19.91 -35.68 8.92
N TRP N 99 -19.07 -34.71 9.27
CA TRP N 99 -18.65 -34.53 10.65
C TRP N 99 -19.17 -33.24 11.22
N GLY N 100 -19.66 -33.30 12.46
CA GLY N 100 -19.97 -32.09 13.21
C GLY N 100 -18.98 -31.91 14.33
N LEU N 101 -18.20 -30.84 14.26
CA LEU N 101 -17.05 -30.66 15.15
C LEU N 101 -17.23 -29.45 16.05
N THR N 102 -16.98 -29.64 17.34
CA THR N 102 -17.04 -28.55 18.31
C THR N 102 -15.91 -27.56 18.05
N ARG N 103 -16.28 -26.34 17.68
CA ARG N 103 -15.32 -25.38 17.14
C ARG N 103 -14.22 -25.06 18.16
N SER N 104 -14.59 -25.04 19.44
CA SER N 104 -13.65 -24.65 20.49
C SER N 104 -12.66 -25.78 20.80
N ALA N 105 -12.91 -26.97 20.26
CA ALA N 105 -11.98 -28.08 20.41
C ALA N 105 -10.88 -28.02 19.36
N LEU N 106 -10.93 -27.02 18.50
CA LEU N 106 -10.01 -26.94 17.37
C LEU N 106 -9.14 -25.69 17.41
N LEU N 107 -7.95 -25.78 16.82
CA LEU N 107 -7.09 -24.63 16.55
C LEU N 107 -6.80 -24.56 15.05
N PRO N 108 -6.81 -23.35 14.49
CA PRO N 108 -7.33 -22.16 15.14
C PRO N 108 -8.85 -22.19 15.24
N GLY O 1 -20.57 -18.39 3.02
CA GLY O 1 -19.16 -18.12 2.64
C GLY O 1 -19.03 -17.66 1.21
N PRO O 2 -17.83 -17.19 0.82
CA PRO O 2 -17.54 -16.85 -0.57
C PRO O 2 -17.39 -18.07 -1.48
N THR O 3 -17.23 -19.26 -0.88
CA THR O 3 -17.08 -20.48 -1.67
C THR O 3 -18.42 -21.19 -1.88
N SER O 4 -19.48 -20.64 -1.28
CA SER O 4 -20.75 -21.34 -1.20
C SER O 4 -21.50 -21.27 -2.54
N LEU O 5 -21.95 -22.41 -3.03
CA LEU O 5 -22.79 -22.45 -4.23
C LEU O 5 -24.20 -22.93 -3.89
N CYS O 6 -25.16 -22.02 -3.94
CA CYS O 6 -26.49 -22.28 -3.41
C CYS O 6 -27.51 -22.52 -4.53
N CYS O 7 -28.57 -23.24 -4.20
CA CYS O 7 -29.69 -23.43 -5.11
C CYS O 7 -30.28 -22.09 -5.55
N LYS O 8 -30.28 -21.84 -6.85
CA LYS O 8 -30.73 -20.54 -7.37
C LYS O 8 -32.20 -20.29 -7.08
N GLN O 9 -33.00 -21.36 -7.03
CA GLN O 9 -34.42 -21.22 -6.81
C GLN O 9 -34.75 -20.75 -5.38
N CYS O 10 -34.33 -21.51 -4.38
CA CYS O 10 -34.65 -21.15 -2.99
C CYS O 10 -33.56 -20.35 -2.31
N GLN O 11 -32.44 -20.17 -3.01
CA GLN O 11 -31.44 -19.16 -2.65
C GLN O 11 -30.62 -19.51 -1.40
N GLU O 12 -31.29 -19.99 -0.35
CA GLU O 12 -30.68 -20.08 0.98
C GLU O 12 -29.93 -21.40 1.17
N THR O 13 -30.22 -22.38 0.31
CA THR O 13 -29.78 -23.74 0.51
C THR O 13 -28.45 -23.98 -0.22
N GLU O 14 -27.40 -24.27 0.53
CA GLU O 14 -26.09 -24.59 -0.06
C GLU O 14 -26.09 -25.98 -0.66
N ILE O 15 -25.61 -26.09 -1.90
CA ILE O 15 -25.55 -27.38 -2.59
C ILE O 15 -24.13 -27.93 -2.66
N THR O 16 -23.16 -27.06 -2.92
CA THR O 16 -21.76 -27.44 -2.85
C THR O 16 -20.91 -26.19 -2.62
N THR O 17 -19.59 -26.37 -2.58
CA THR O 17 -18.67 -25.25 -2.45
C THR O 17 -17.64 -25.28 -3.57
N LYS O 18 -17.00 -24.14 -3.81
CA LYS O 18 -15.95 -24.05 -4.82
C LYS O 18 -14.82 -25.04 -4.52
N ASN O 19 -14.60 -25.31 -3.23
CA ASN O 19 -13.52 -26.21 -2.83
C ASN O 19 -13.70 -27.62 -3.38
N GLU O 20 -14.93 -27.99 -3.71
CA GLU O 20 -15.24 -29.37 -4.10
C GLU O 20 -15.06 -29.62 -5.59
N ILE O 21 -14.82 -28.55 -6.34
CA ILE O 21 -14.77 -28.63 -7.80
C ILE O 21 -13.53 -29.39 -8.24
N PHE O 22 -13.70 -30.29 -9.18
CA PHE O 22 -12.58 -30.93 -9.85
C PHE O 22 -12.85 -31.11 -11.32
N SER O 23 -11.84 -31.57 -12.05
CA SER O 23 -11.95 -31.72 -13.49
C SER O 23 -11.86 -33.19 -13.90
N LEU O 24 -13.01 -33.76 -14.28
CA LEU O 24 -13.06 -35.12 -14.78
C LEU O 24 -12.63 -35.15 -16.24
N SER O 25 -11.70 -36.03 -16.57
CA SER O 25 -11.15 -36.02 -17.91
C SER O 25 -12.01 -36.86 -18.87
N HIS O 41 -17.96 -25.01 -17.58
CA HIS O 41 -18.90 -24.74 -18.66
C HIS O 41 -20.34 -25.05 -18.21
N GLU O 42 -21.04 -25.86 -18.99
CA GLU O 42 -22.44 -26.17 -18.71
C GLU O 42 -22.58 -26.84 -17.35
N THR O 43 -21.68 -27.77 -17.06
CA THR O 43 -21.88 -28.73 -15.99
C THR O 43 -20.66 -28.75 -15.05
N LEU O 44 -20.93 -28.45 -13.79
CA LEU O 44 -19.89 -28.40 -12.77
C LEU O 44 -19.78 -29.78 -12.14
N THR O 45 -18.55 -30.29 -12.03
CA THR O 45 -18.34 -31.59 -11.39
C THR O 45 -17.66 -31.41 -10.05
N VAL O 46 -18.31 -31.87 -8.99
CA VAL O 46 -17.79 -31.70 -7.63
C VAL O 46 -17.74 -33.03 -6.90
N TYR O 47 -16.77 -33.19 -6.00
CA TYR O 47 -16.62 -34.44 -5.27
C TYR O 47 -17.79 -34.63 -4.32
N LYS O 48 -18.26 -33.52 -3.75
CA LYS O 48 -19.18 -33.58 -2.63
C LYS O 48 -20.29 -32.54 -2.80
N ALA O 49 -21.48 -32.86 -2.31
CA ALA O 49 -22.60 -31.93 -2.35
C ALA O 49 -23.51 -32.19 -1.15
N SER O 50 -24.39 -31.24 -0.87
CA SER O 50 -25.27 -31.33 0.29
C SER O 50 -26.70 -30.98 -0.08
N ASN O 51 -27.64 -31.44 0.75
CA ASN O 51 -29.01 -30.92 0.72
C ASN O 51 -29.71 -31.27 -0.58
N LEU O 52 -29.28 -32.38 -1.19
CA LEU O 52 -29.94 -32.89 -2.39
C LEU O 52 -30.67 -34.17 -2.06
N ASN O 53 -31.84 -34.35 -2.69
CA ASN O 53 -32.53 -35.63 -2.67
C ASN O 53 -32.37 -36.37 -4.00
N LEU O 54 -32.07 -37.66 -3.91
CA LEU O 54 -31.96 -38.51 -5.09
C LEU O 54 -33.32 -39.09 -5.45
N ILE O 55 -33.68 -39.03 -6.73
CA ILE O 55 -34.92 -39.65 -7.18
C ILE O 55 -34.72 -40.68 -8.29
N GLY O 56 -35.36 -41.84 -8.12
CA GLY O 56 -35.29 -42.90 -9.10
C GLY O 56 -34.06 -43.77 -8.93
N ARG O 57 -33.78 -44.60 -9.93
CA ARG O 57 -32.61 -45.46 -9.92
C ARG O 57 -31.55 -44.93 -10.87
N PRO O 58 -30.28 -45.29 -10.64
CA PRO O 58 -29.25 -44.89 -11.59
C PRO O 58 -29.55 -45.43 -12.98
N SER O 59 -29.15 -44.69 -14.01
CA SER O 59 -29.18 -45.20 -15.38
C SER O 59 -27.93 -44.77 -16.14
N THR O 60 -27.50 -45.59 -17.10
CA THR O 60 -26.39 -45.21 -17.95
C THR O 60 -26.84 -44.69 -19.31
N VAL O 61 -28.16 -44.57 -19.48
CA VAL O 61 -28.73 -44.06 -20.71
C VAL O 61 -28.29 -42.62 -20.97
N HIS O 62 -27.60 -42.43 -22.10
CA HIS O 62 -27.14 -41.11 -22.49
C HIS O 62 -26.26 -40.47 -21.43
N SER O 63 -25.43 -41.26 -20.76
CA SER O 63 -24.55 -40.72 -19.74
C SER O 63 -23.47 -39.84 -20.36
N TRP O 64 -23.34 -38.62 -19.82
CA TRP O 64 -22.35 -37.67 -20.33
C TRP O 64 -20.93 -38.07 -19.94
N PHE O 65 -20.82 -38.94 -18.94
CA PHE O 65 -19.50 -39.37 -18.45
C PHE O 65 -19.36 -40.87 -18.54
N PRO O 66 -18.79 -41.36 -19.66
CA PRO O 66 -18.71 -42.77 -19.96
C PRO O 66 -18.21 -43.56 -18.75
N GLY O 67 -18.94 -44.60 -18.37
CA GLY O 67 -18.53 -45.45 -17.27
C GLY O 67 -19.18 -45.08 -15.96
N TYR O 68 -19.96 -43.99 -15.97
CA TYR O 68 -20.81 -43.66 -14.82
C TYR O 68 -22.30 -43.74 -15.20
N ALA O 69 -23.12 -44.11 -14.21
CA ALA O 69 -24.56 -43.94 -14.27
C ALA O 69 -24.99 -42.66 -13.55
N TRP O 70 -26.17 -42.16 -13.88
CA TRP O 70 -26.69 -40.93 -13.26
C TRP O 70 -27.96 -41.18 -12.46
N THR O 71 -28.12 -40.41 -11.40
CA THR O 71 -29.37 -40.39 -10.65
C THR O 71 -29.76 -38.93 -10.44
N ILE O 72 -30.97 -38.58 -10.86
CA ILE O 72 -31.45 -37.21 -10.76
C ILE O 72 -31.34 -36.72 -9.33
N ALA O 73 -30.87 -35.48 -9.17
CA ALA O 73 -30.63 -34.91 -7.84
C ALA O 73 -31.31 -33.56 -7.74
N GLN O 74 -32.26 -33.45 -6.82
CA GLN O 74 -33.00 -32.21 -6.66
C GLN O 74 -32.83 -31.64 -5.26
N CYS O 75 -32.91 -30.32 -5.16
CA CYS O 75 -32.76 -29.63 -3.89
C CYS O 75 -33.81 -30.12 -2.89
N LYS O 76 -33.38 -30.37 -1.67
CA LYS O 76 -34.24 -30.99 -0.66
C LYS O 76 -35.29 -30.03 -0.13
N ILE O 77 -35.10 -28.75 -0.41
CA ILE O 77 -35.95 -27.70 0.14
C ILE O 77 -37.05 -27.31 -0.84
N CYS O 78 -36.70 -27.20 -2.12
CA CYS O 78 -37.62 -26.67 -3.12
C CYS O 78 -37.81 -27.59 -4.34
N ALA O 79 -37.09 -28.70 -4.36
CA ALA O 79 -37.26 -29.71 -5.40
C ALA O 79 -36.78 -29.25 -6.78
N SER O 80 -36.07 -28.13 -6.81
CA SER O 80 -35.40 -27.71 -8.03
C SER O 80 -34.43 -28.79 -8.53
N HIS O 81 -34.42 -29.02 -9.84
CA HIS O 81 -33.55 -30.02 -10.43
C HIS O 81 -32.16 -29.47 -10.71
N ILE O 82 -31.26 -29.69 -9.76
CA ILE O 82 -29.94 -29.06 -9.79
C ILE O 82 -28.97 -29.83 -10.69
N GLY O 83 -29.08 -31.16 -10.67
CA GLY O 83 -28.23 -31.99 -11.52
C GLY O 83 -28.39 -33.47 -11.29
N TRP O 84 -27.27 -34.17 -11.19
CA TRP O 84 -27.26 -35.63 -11.05
C TRP O 84 -26.13 -36.09 -10.14
N LYS O 85 -26.37 -37.14 -9.38
CA LYS O 85 -25.30 -37.95 -8.82
C LYS O 85 -24.80 -38.94 -9.88
N PHE O 86 -23.50 -38.91 -10.17
CA PHE O 86 -22.90 -39.92 -11.03
C PHE O 86 -22.16 -40.96 -10.21
N THR O 87 -22.45 -42.23 -10.51
CA THR O 87 -21.84 -43.35 -9.81
C THR O 87 -21.14 -44.29 -10.78
N ALA O 88 -19.95 -44.76 -10.40
CA ALA O 88 -19.13 -45.57 -11.29
C ALA O 88 -19.70 -46.96 -11.46
N THR O 89 -19.70 -47.47 -12.69
CA THR O 89 -20.14 -48.84 -12.95
C THR O 89 -19.02 -49.87 -12.74
N LYS O 90 -17.79 -49.40 -12.54
CA LYS O 90 -16.66 -50.30 -12.30
C LYS O 90 -15.88 -49.90 -11.05
N LYS O 91 -15.38 -50.89 -10.34
CA LYS O 91 -14.78 -50.65 -9.03
C LYS O 91 -13.37 -50.07 -9.14
N ASP O 92 -12.82 -50.06 -10.36
CA ASP O 92 -11.45 -49.62 -10.55
C ASP O 92 -11.36 -48.14 -10.96
N MET O 93 -12.49 -47.45 -10.94
CA MET O 93 -12.54 -46.06 -11.37
C MET O 93 -12.37 -45.10 -10.18
N SER O 94 -11.93 -43.89 -10.46
CA SER O 94 -11.99 -42.82 -9.46
C SER O 94 -12.40 -41.48 -10.09
N PRO O 95 -13.21 -40.70 -9.38
CA PRO O 95 -13.85 -41.13 -8.14
C PRO O 95 -15.00 -42.09 -8.43
N GLN O 96 -15.37 -42.89 -7.43
CA GLN O 96 -16.48 -43.84 -7.52
C GLN O 96 -17.82 -43.13 -7.67
N LYS O 97 -17.91 -41.94 -7.08
CA LYS O 97 -19.10 -41.11 -7.15
C LYS O 97 -18.67 -39.66 -7.35
N PHE O 98 -19.48 -38.89 -8.07
CA PHE O 98 -19.39 -37.44 -8.02
C PHE O 98 -20.72 -36.80 -8.39
N TRP O 99 -20.80 -35.49 -8.26
CA TRP O 99 -22.01 -34.77 -8.63
C TRP O 99 -21.77 -33.92 -9.87
N GLY O 100 -22.64 -34.09 -10.87
CA GLY O 100 -22.63 -33.18 -12.00
C GLY O 100 -23.78 -32.20 -11.91
N LEU O 101 -23.46 -30.92 -11.76
CA LEU O 101 -24.45 -29.92 -11.42
C LEU O 101 -24.59 -28.90 -12.54
N THR O 102 -25.83 -28.61 -12.90
CA THR O 102 -26.11 -27.57 -13.89
C THR O 102 -25.79 -26.19 -13.32
N ARG O 103 -24.82 -25.52 -13.92
CA ARG O 103 -24.24 -24.34 -13.32
C ARG O 103 -25.28 -23.21 -13.20
N SER O 104 -26.24 -23.20 -14.12
CA SER O 104 -27.22 -22.11 -14.16
C SER O 104 -28.29 -22.32 -13.09
N ALA O 105 -28.27 -23.49 -12.47
CA ALA O 105 -29.18 -23.79 -11.36
C ALA O 105 -28.56 -23.44 -10.00
N LEU O 106 -27.39 -22.82 -10.03
CA LEU O 106 -26.68 -22.47 -8.80
C LEU O 106 -26.47 -20.96 -8.69
N LEU O 107 -26.37 -20.47 -7.46
CA LEU O 107 -25.86 -19.13 -7.17
C LEU O 107 -24.43 -19.24 -6.64
N PRO O 108 -23.55 -18.29 -7.02
CA PRO O 108 -23.83 -17.10 -7.82
C PRO O 108 -24.23 -17.42 -9.25
N GLY P 1 25.77 -48.70 -24.72
CA GLY P 1 25.72 -50.02 -25.39
C GLY P 1 24.30 -50.50 -25.62
N PRO P 2 24.15 -51.68 -26.25
CA PRO P 2 22.86 -52.32 -26.47
C PRO P 2 22.32 -52.97 -25.20
N THR P 3 23.09 -52.93 -24.13
CA THR P 3 22.69 -53.55 -22.87
C THR P 3 22.63 -52.54 -21.73
N SER P 4 22.83 -51.26 -22.06
CA SER P 4 22.90 -50.23 -21.03
C SER P 4 21.52 -49.69 -20.68
N LEU P 5 21.24 -49.60 -19.38
CA LEU P 5 20.03 -48.95 -18.89
C LEU P 5 20.37 -47.59 -18.32
N CYS P 6 19.82 -46.55 -18.95
CA CYS P 6 20.18 -45.17 -18.61
C CYS P 6 19.05 -44.46 -17.89
N CYS P 7 19.42 -43.49 -17.07
CA CYS P 7 18.46 -42.59 -16.45
C CYS P 7 17.52 -42.00 -17.49
N LYS P 8 16.22 -42.24 -17.32
CA LYS P 8 15.24 -41.82 -18.32
C LYS P 8 15.10 -40.31 -18.35
N GLN P 9 15.24 -39.68 -17.19
CA GLN P 9 15.14 -38.24 -17.07
C GLN P 9 16.14 -37.51 -17.99
N CYS P 10 17.45 -37.75 -17.77
CA CYS P 10 18.48 -36.99 -18.47
C CYS P 10 19.16 -37.76 -19.60
N GLN P 11 19.09 -39.09 -19.54
CA GLN P 11 19.73 -39.96 -20.53
C GLN P 11 21.21 -39.68 -20.76
N GLU P 12 21.85 -38.99 -19.81
CA GLU P 12 23.30 -38.83 -19.82
C GLU P 12 23.97 -40.10 -19.31
N THR P 13 23.40 -40.67 -18.26
CA THR P 13 24.11 -41.63 -17.42
C THR P 13 23.65 -43.05 -17.73
N GLU P 14 24.60 -43.96 -17.92
CA GLU P 14 24.36 -45.37 -17.68
C GLU P 14 24.25 -45.65 -16.18
N ILE P 15 23.15 -46.28 -15.77
CA ILE P 15 22.92 -46.62 -14.37
C ILE P 15 23.28 -48.08 -14.10
N THR P 16 22.89 -48.97 -15.00
CA THR P 16 23.27 -50.36 -14.92
C THR P 16 23.28 -51.00 -16.31
N THR P 17 23.52 -52.31 -16.35
CA THR P 17 23.43 -53.05 -17.61
C THR P 17 22.61 -54.32 -17.43
N LYS P 18 22.05 -54.82 -18.52
CA LYS P 18 21.23 -56.03 -18.46
C LYS P 18 22.03 -57.20 -17.90
N ASN P 19 23.36 -57.10 -17.96
CA ASN P 19 24.22 -58.17 -17.47
C ASN P 19 24.20 -58.30 -15.96
N GLU P 20 23.86 -57.21 -15.27
CA GLU P 20 23.92 -57.17 -13.82
C GLU P 20 22.64 -57.66 -13.16
N ILE P 21 21.59 -57.85 -13.98
CA ILE P 21 20.28 -58.24 -13.47
C ILE P 21 20.33 -59.60 -12.78
N PHE P 22 19.73 -59.69 -11.60
CA PHE P 22 19.45 -60.99 -10.98
C PHE P 22 18.12 -60.96 -10.23
N SER P 23 17.70 -62.11 -9.72
CA SER P 23 16.40 -62.20 -9.04
C SER P 23 16.51 -62.71 -7.62
N LEU P 24 15.96 -61.94 -6.68
CA LEU P 24 15.85 -62.35 -5.29
C LEU P 24 14.52 -63.03 -5.00
N SER P 25 13.55 -62.82 -5.88
CA SER P 25 12.20 -63.32 -5.67
C SER P 25 12.09 -64.81 -6.01
N LEU P 26 11.16 -65.49 -5.35
CA LEU P 26 11.16 -66.95 -5.32
C LEU P 26 10.32 -67.50 -6.47
N CYS P 27 10.79 -68.60 -7.06
CA CYS P 27 10.30 -69.04 -8.35
C CYS P 27 9.24 -70.13 -8.21
N GLY P 28 9.01 -70.57 -6.98
CA GLY P 28 7.92 -71.48 -6.68
C GLY P 28 6.89 -70.89 -5.73
N PRO P 29 6.14 -71.77 -5.05
CA PRO P 29 4.83 -71.43 -4.47
C PRO P 29 4.93 -70.34 -3.41
N HIS P 41 8.00 -58.25 -13.05
CA HIS P 41 7.61 -57.35 -11.97
C HIS P 41 8.34 -56.00 -12.09
N GLU P 42 8.04 -55.08 -11.19
CA GLU P 42 8.23 -53.66 -11.43
C GLU P 42 9.52 -53.13 -10.80
N THR P 43 10.15 -53.95 -9.98
CA THR P 43 11.44 -53.60 -9.40
C THR P 43 12.56 -54.46 -9.98
N LEU P 44 13.55 -53.78 -10.54
CA LEU P 44 14.71 -54.45 -11.12
C LEU P 44 15.82 -54.51 -10.09
N THR P 45 16.33 -55.71 -9.85
CA THR P 45 17.43 -55.88 -8.90
C THR P 45 18.72 -56.23 -9.63
N VAL P 46 19.76 -55.45 -9.39
CA VAL P 46 21.04 -55.65 -10.05
C VAL P 46 22.16 -55.71 -9.04
N TYR P 47 23.17 -56.50 -9.35
CA TYR P 47 24.34 -56.66 -8.49
C TYR P 47 25.13 -55.35 -8.41
N LYS P 48 25.14 -54.62 -9.51
CA LYS P 48 26.07 -53.50 -9.69
C LYS P 48 25.38 -52.36 -10.43
N ALA P 49 25.71 -51.13 -10.06
CA ALA P 49 25.16 -49.95 -10.71
C ALA P 49 26.19 -48.84 -10.71
N SER P 50 25.94 -47.82 -11.53
CA SER P 50 26.88 -46.71 -11.69
C SER P 50 26.14 -45.38 -11.62
N ASN P 51 26.86 -44.33 -11.27
CA ASN P 51 26.39 -42.97 -11.53
C ASN P 51 25.22 -42.59 -10.62
N LEU P 52 25.11 -43.28 -9.49
CA LEU P 52 24.11 -42.95 -8.50
C LEU P 52 24.77 -42.33 -7.27
N ASN P 53 24.21 -41.22 -6.79
CA ASN P 53 24.54 -40.68 -5.48
C ASN P 53 23.62 -41.20 -4.40
N LEU P 54 24.18 -41.53 -3.25
CA LEU P 54 23.40 -42.01 -2.11
C LEU P 54 23.02 -40.86 -1.19
N ILE P 55 21.76 -40.87 -0.75
CA ILE P 55 21.27 -39.85 0.18
C ILE P 55 21.05 -40.43 1.57
N GLY P 56 21.62 -39.78 2.59
CA GLY P 56 21.30 -40.09 3.97
C GLY P 56 21.92 -41.39 4.44
N ARG P 57 21.35 -41.97 5.49
CA ARG P 57 21.86 -43.19 6.08
C ARG P 57 20.92 -44.35 5.73
N PRO P 58 21.39 -45.60 5.90
CA PRO P 58 20.53 -46.73 5.61
C PRO P 58 19.38 -46.81 6.62
N SER P 59 18.25 -47.37 6.17
CA SER P 59 17.12 -47.59 7.06
C SER P 59 16.46 -48.93 6.73
N THR P 60 15.94 -49.61 7.75
CA THR P 60 15.22 -50.87 7.56
C THR P 60 13.71 -50.68 7.54
N VAL P 61 13.26 -49.45 7.73
CA VAL P 61 11.82 -49.16 7.80
C VAL P 61 11.11 -49.56 6.51
N HIS P 62 10.14 -50.47 6.61
CA HIS P 62 9.32 -50.87 5.47
C HIS P 62 10.13 -51.50 4.34
N SER P 63 11.27 -52.08 4.69
CA SER P 63 12.15 -52.69 3.68
C SER P 63 11.41 -53.71 2.84
N TRP P 64 11.52 -53.60 1.52
CA TRP P 64 10.89 -54.54 0.60
C TRP P 64 11.65 -55.87 0.50
N PHE P 65 12.86 -55.89 1.06
CA PHE P 65 13.66 -57.11 1.08
C PHE P 65 14.15 -57.41 2.49
N PRO P 66 13.35 -58.20 3.23
CA PRO P 66 13.59 -58.35 4.66
C PRO P 66 15.00 -58.87 4.92
N GLY P 67 15.71 -58.18 5.80
CA GLY P 67 17.13 -58.48 6.04
C GLY P 67 18.05 -57.42 5.49
N TYR P 68 17.54 -56.59 4.58
CA TYR P 68 18.31 -55.48 4.01
C TYR P 68 17.78 -54.13 4.48
N ALA P 69 18.69 -53.18 4.62
CA ALA P 69 18.32 -51.77 4.74
C ALA P 69 18.43 -51.09 3.38
N TRP P 70 17.77 -49.94 3.23
CA TRP P 70 17.82 -49.20 1.97
C TRP P 70 18.40 -47.80 2.14
N THR P 71 19.11 -47.35 1.11
CA THR P 71 19.55 -45.97 1.01
C THR P 71 19.11 -45.40 -0.34
N ILE P 72 18.44 -44.26 -0.31
CA ILE P 72 17.97 -43.61 -1.54
C ILE P 72 19.13 -43.36 -2.50
N ALA P 73 18.93 -43.77 -3.76
CA ALA P 73 19.93 -43.56 -4.79
C ALA P 73 19.36 -42.70 -5.92
N GLN P 74 20.06 -41.60 -6.22
CA GLN P 74 19.63 -40.74 -7.30
C GLN P 74 20.72 -40.51 -8.34
N CYS P 75 20.29 -40.24 -9.57
CA CYS P 75 21.22 -39.95 -10.64
C CYS P 75 22.10 -38.75 -10.31
N LYS P 76 23.39 -38.90 -10.51
CA LYS P 76 24.36 -37.92 -10.03
C LYS P 76 24.27 -36.64 -10.85
N ILE P 77 23.65 -36.74 -12.03
CA ILE P 77 23.57 -35.62 -12.96
C ILE P 77 22.31 -34.79 -12.73
N CYS P 78 21.15 -35.42 -12.80
CA CYS P 78 19.88 -34.71 -12.78
C CYS P 78 19.09 -34.91 -11.48
N ALA P 79 19.62 -35.74 -10.60
CA ALA P 79 19.03 -35.94 -9.26
C ALA P 79 17.73 -36.75 -9.27
N SER P 80 17.39 -37.34 -10.41
CA SER P 80 16.24 -38.24 -10.48
C SER P 80 16.35 -39.40 -9.48
N HIS P 81 15.23 -39.76 -8.87
CA HIS P 81 15.19 -40.86 -7.92
C HIS P 81 15.01 -42.18 -8.64
N ILE P 82 16.12 -42.87 -8.90
CA ILE P 82 16.06 -44.06 -9.73
C ILE P 82 15.79 -45.33 -8.92
N GLY P 83 16.21 -45.33 -7.66
CA GLY P 83 15.92 -46.46 -6.77
C GLY P 83 16.65 -46.41 -5.44
N TRP P 84 17.18 -47.56 -5.01
CA TRP P 84 17.77 -47.70 -3.68
C TRP P 84 18.98 -48.64 -3.72
N LYS P 85 19.97 -48.35 -2.89
CA LYS P 85 20.97 -49.34 -2.54
C LYS P 85 20.48 -50.15 -1.34
N PHE P 86 20.49 -51.46 -1.48
CA PHE P 86 20.11 -52.35 -0.39
C PHE P 86 21.33 -53.02 0.24
N THR P 87 21.48 -52.88 1.55
CA THR P 87 22.66 -53.38 2.27
C THR P 87 22.25 -54.34 3.39
N ALA P 88 22.93 -55.48 3.47
CA ALA P 88 22.54 -56.57 4.37
C ALA P 88 22.74 -56.19 5.83
N THR P 89 21.86 -56.68 6.70
CA THR P 89 21.96 -56.38 8.13
C THR P 89 22.77 -57.46 8.85
N LYS P 90 22.97 -58.58 8.17
CA LYS P 90 23.73 -59.70 8.73
C LYS P 90 24.84 -60.16 7.79
N LYS P 91 25.95 -60.64 8.37
CA LYS P 91 27.13 -61.00 7.59
C LYS P 91 26.93 -62.26 6.76
N ASP P 92 25.95 -63.07 7.13
CA ASP P 92 25.79 -64.39 6.52
C ASP P 92 24.93 -64.36 5.26
N MET P 93 24.43 -63.17 4.91
CA MET P 93 23.58 -63.02 3.73
C MET P 93 24.41 -62.85 2.45
N SER P 94 23.85 -63.28 1.33
CA SER P 94 24.35 -62.90 0.01
C SER P 94 23.20 -62.45 -0.89
N PRO P 95 23.42 -61.43 -1.72
CA PRO P 95 24.62 -60.60 -1.67
C PRO P 95 24.60 -59.68 -0.47
N GLN P 96 25.76 -59.21 -0.05
CA GLN P 96 25.84 -58.25 1.05
C GLN P 96 25.24 -56.91 0.65
N LYS P 97 25.14 -56.67 -0.66
CA LYS P 97 24.52 -55.45 -1.17
C LYS P 97 24.01 -55.65 -2.59
N PHE P 98 23.01 -54.86 -2.95
CA PHE P 98 22.53 -54.82 -4.33
C PHE P 98 21.73 -53.55 -4.59
N TRP P 99 21.29 -53.38 -5.83
CA TRP P 99 20.49 -52.23 -6.19
C TRP P 99 19.07 -52.64 -6.56
N GLY P 100 18.10 -51.96 -5.97
CA GLY P 100 16.71 -52.08 -6.40
C GLY P 100 16.27 -50.84 -7.16
N LEU P 101 16.04 -51.01 -8.45
CA LEU P 101 15.86 -49.87 -9.35
C LEU P 101 14.44 -49.82 -9.91
N THR P 102 13.82 -48.65 -9.84
CA THR P 102 12.50 -48.44 -10.43
C THR P 102 12.58 -48.50 -11.95
N ARG P 103 11.92 -49.49 -12.54
CA ARG P 103 12.05 -49.77 -13.97
C ARG P 103 11.74 -48.53 -14.82
N SER P 104 10.71 -47.82 -14.40
CA SER P 104 10.12 -46.77 -15.23
C SER P 104 11.02 -45.54 -15.18
N ALA P 105 12.01 -45.57 -14.29
CA ALA P 105 12.99 -44.50 -14.21
C ALA P 105 14.22 -44.78 -15.08
N LEU P 106 14.12 -45.79 -15.93
CA LEU P 106 15.25 -46.22 -16.76
C LEU P 106 14.84 -46.32 -18.23
N LEU P 107 15.80 -46.06 -19.12
CA LEU P 107 15.65 -46.40 -20.53
C LEU P 107 16.69 -47.42 -20.98
N PRO P 108 16.26 -48.42 -21.77
CA PRO P 108 14.85 -48.61 -22.10
C PRO P 108 14.06 -49.18 -20.93
#